data_7R68
#
_entry.id   7R68
#
_entity_poly.entity_id   1
_entity_poly.type   'polypeptide(L)'
_entity_poly.pdbx_seq_one_letter_code
;MKMMFAKEQSVHNEVQAEAGASAMLSCEVAQAQTEVTWYKDGKKLSSSSKVGMEVKGCTRRLVLPQAGKADAGEYSCEAG
GQRVSFHLHITEPLEHHHHHH
;
_entity_poly.pdbx_strand_id   A
#
# COMPACT_ATOMS: atom_id res chain seq x y z
N MET A 1 5.75 -20.41 16.00
CA MET A 1 4.39 -19.80 15.86
C MET A 1 4.17 -18.81 16.99
N LYS A 2 4.21 -17.51 16.66
CA LYS A 2 4.01 -16.46 17.66
C LYS A 2 2.55 -16.02 17.67
N MET A 3 2.08 -15.55 18.81
CA MET A 3 0.69 -15.12 18.93
C MET A 3 0.56 -13.62 18.74
N MET A 4 1.56 -13.00 18.13
CA MET A 4 1.52 -11.55 17.90
C MET A 4 0.75 -11.24 16.62
N PHE A 5 -0.58 -11.16 16.74
CA PHE A 5 -1.43 -10.84 15.61
C PHE A 5 -1.57 -9.33 15.49
N ALA A 6 -1.09 -8.77 14.38
CA ALA A 6 -1.15 -7.34 14.18
C ALA A 6 -2.52 -6.91 13.69
N LYS A 7 -2.88 -5.66 13.99
CA LYS A 7 -4.15 -5.12 13.55
C LYS A 7 -4.19 -5.19 12.03
N GLU A 8 -5.31 -5.61 11.51
CA GLU A 8 -5.48 -5.76 10.09
C GLU A 8 -5.24 -4.44 9.34
N GLN A 9 -4.09 -4.37 8.65
CA GLN A 9 -3.70 -3.18 7.88
C GLN A 9 -3.99 -3.41 6.39
N SER A 10 -4.52 -4.58 6.08
CA SER A 10 -4.86 -4.92 4.71
C SER A 10 -6.16 -4.27 4.30
N VAL A 11 -6.06 -3.04 3.81
CA VAL A 11 -7.24 -2.29 3.37
C VAL A 11 -8.00 -3.09 2.32
N HIS A 12 -9.22 -2.65 2.01
CA HIS A 12 -10.03 -3.37 1.02
C HIS A 12 -11.21 -2.51 0.58
N ASN A 13 -11.07 -1.18 0.63
CA ASN A 13 -12.20 -0.31 0.24
C ASN A 13 -11.78 0.86 -0.66
N GLU A 14 -12.78 1.61 -1.13
CA GLU A 14 -12.54 2.76 -2.01
C GLU A 14 -12.59 4.09 -1.24
N VAL A 15 -11.43 4.72 -1.09
CA VAL A 15 -11.31 5.99 -0.37
C VAL A 15 -10.62 7.03 -1.24
N GLN A 16 -11.13 8.25 -1.23
CA GLN A 16 -10.55 9.33 -2.05
C GLN A 16 -9.67 10.26 -1.21
N ALA A 17 -8.97 11.16 -1.88
CA ALA A 17 -8.11 12.11 -1.18
C ALA A 17 -7.75 13.27 -2.09
N GLU A 18 -6.91 14.16 -1.58
CA GLU A 18 -6.48 15.33 -2.35
C GLU A 18 -5.06 15.10 -2.88
N ALA A 19 -4.45 16.12 -3.48
CA ALA A 19 -3.10 15.95 -4.00
C ALA A 19 -2.09 16.10 -2.88
N GLY A 20 -1.11 15.20 -2.85
CA GLY A 20 -0.10 15.27 -1.80
C GLY A 20 -0.67 14.74 -0.50
N ALA A 21 -1.90 14.24 -0.56
CA ALA A 21 -2.54 13.70 0.64
C ALA A 21 -1.82 12.44 1.10
N SER A 22 -2.21 11.91 2.26
CA SER A 22 -1.56 10.72 2.81
C SER A 22 -2.39 9.44 2.61
N ALA A 23 -1.98 8.63 1.64
CA ALA A 23 -2.65 7.37 1.36
C ALA A 23 -1.91 6.28 2.09
N MET A 24 -2.64 5.30 2.64
CA MET A 24 -1.99 4.23 3.38
C MET A 24 -2.59 2.87 3.06
N LEU A 25 -1.78 2.04 2.43
CA LEU A 25 -2.18 0.67 2.07
C LEU A 25 -1.04 -0.26 2.40
N SER A 26 -1.07 -0.75 3.65
CA SER A 26 -0.02 -1.63 4.15
C SER A 26 -0.54 -3.06 4.33
N CYS A 27 0.32 -4.03 4.04
CA CYS A 27 -0.03 -5.45 4.16
C CYS A 27 0.86 -6.12 5.20
N GLU A 28 0.24 -6.62 6.26
CA GLU A 28 0.97 -7.28 7.34
C GLU A 28 0.55 -8.73 7.46
N VAL A 29 1.50 -9.64 7.33
CA VAL A 29 1.21 -11.06 7.47
C VAL A 29 1.69 -11.52 8.85
N ALA A 30 0.77 -12.04 9.65
CA ALA A 30 1.09 -12.50 11.01
C ALA A 30 1.19 -14.02 11.08
N GLN A 31 1.04 -14.67 9.92
CA GLN A 31 1.14 -16.13 9.84
C GLN A 31 2.43 -16.54 9.14
N ALA A 32 2.34 -17.38 8.11
CA ALA A 32 3.52 -17.85 7.39
C ALA A 32 4.11 -16.76 6.50
N GLN A 33 4.44 -15.62 7.13
CA GLN A 33 5.00 -14.44 6.43
C GLN A 33 5.57 -14.76 5.04
N THR A 34 4.67 -14.94 4.08
CA THR A 34 5.07 -15.21 2.69
C THR A 34 5.23 -13.89 1.93
N GLU A 35 6.19 -13.84 1.03
CA GLU A 35 6.41 -12.63 0.24
C GLU A 35 5.21 -12.39 -0.67
N VAL A 36 4.77 -11.14 -0.73
CA VAL A 36 3.62 -10.78 -1.54
C VAL A 36 4.04 -9.88 -2.71
N THR A 37 3.59 -10.23 -3.91
CA THR A 37 3.90 -9.43 -5.09
C THR A 37 2.90 -8.27 -5.20
N TRP A 38 3.35 -7.07 -4.81
CA TRP A 38 2.48 -5.87 -4.79
C TRP A 38 2.80 -4.86 -5.89
N TYR A 39 1.75 -4.26 -6.44
CA TYR A 39 1.91 -3.26 -7.50
C TYR A 39 0.76 -2.26 -7.48
N LYS A 40 1.06 -1.01 -7.85
CA LYS A 40 0.05 0.05 -7.94
C LYS A 40 0.06 0.60 -9.35
N ASP A 41 -1.08 1.08 -9.81
CA ASP A 41 -1.20 1.63 -11.16
C ASP A 41 -0.62 3.05 -11.25
N GLY A 42 0.59 3.16 -11.82
CA GLY A 42 1.25 4.46 -12.00
C GLY A 42 2.53 4.58 -11.15
N LYS A 43 2.53 3.97 -9.96
CA LYS A 43 3.71 4.03 -9.08
C LYS A 43 4.58 2.77 -9.23
N LYS A 44 5.80 2.96 -9.71
CA LYS A 44 6.75 1.84 -9.86
C LYS A 44 7.64 1.76 -8.63
N LEU A 45 7.69 0.59 -8.00
CA LEU A 45 8.48 0.44 -6.79
C LEU A 45 9.98 0.47 -7.08
N SER A 46 10.67 1.45 -6.49
CA SER A 46 12.12 1.61 -6.63
C SER A 46 12.81 1.42 -5.28
N SER A 47 13.86 2.20 -5.06
CA SER A 47 14.60 2.14 -3.80
C SER A 47 13.76 2.78 -2.69
N SER A 48 13.80 4.12 -2.63
CA SER A 48 13.05 4.84 -1.60
C SER A 48 13.12 6.36 -1.82
N SER A 49 13.96 6.77 -2.75
CA SER A 49 14.15 8.19 -3.03
C SER A 49 12.84 8.85 -3.49
N LYS A 50 12.06 8.16 -4.32
CA LYS A 50 10.79 8.70 -4.82
C LYS A 50 9.67 8.57 -3.78
N VAL A 51 9.10 7.37 -3.69
CA VAL A 51 8.03 7.10 -2.74
C VAL A 51 8.58 6.48 -1.47
N GLY A 52 7.75 6.38 -0.45
CA GLY A 52 8.18 5.82 0.84
C GLY A 52 7.82 4.34 0.98
N MET A 53 8.57 3.49 0.30
CA MET A 53 8.35 2.04 0.38
C MET A 53 9.37 1.43 1.34
N GLU A 54 8.89 0.93 2.46
CA GLU A 54 9.77 0.33 3.47
C GLU A 54 9.58 -1.18 3.53
N VAL A 55 10.66 -1.89 3.88
CA VAL A 55 10.61 -3.35 3.98
C VAL A 55 10.65 -3.81 5.44
N LYS A 56 9.51 -4.29 5.94
CA LYS A 56 9.41 -4.75 7.32
C LYS A 56 9.96 -6.17 7.46
N GLY A 57 10.48 -6.48 8.64
CA GLY A 57 11.02 -7.80 8.89
C GLY A 57 9.99 -8.87 8.55
N CYS A 58 8.73 -8.57 8.87
CA CYS A 58 7.64 -9.50 8.63
C CYS A 58 7.17 -9.42 7.17
N THR A 59 6.39 -8.37 6.85
CA THR A 59 5.87 -8.17 5.48
C THR A 59 6.44 -6.88 4.89
N ARG A 60 5.60 -6.19 4.08
CA ARG A 60 6.01 -4.93 3.44
C ARG A 60 4.90 -3.88 3.59
N ARG A 61 5.26 -2.60 3.62
CA ARG A 61 4.26 -1.53 3.79
C ARG A 61 4.42 -0.44 2.74
N LEU A 62 3.32 -0.14 2.04
CA LEU A 62 3.30 0.87 1.00
C LEU A 62 2.84 2.20 1.58
N VAL A 63 3.80 2.95 2.15
CA VAL A 63 3.49 4.25 2.74
C VAL A 63 3.75 5.35 1.72
N LEU A 64 2.69 6.07 1.37
CA LEU A 64 2.78 7.14 0.36
C LEU A 64 2.27 8.47 0.94
N PRO A 65 3.07 9.18 1.71
CA PRO A 65 2.63 10.46 2.31
C PRO A 65 2.61 11.63 1.31
N GLN A 66 2.01 11.39 0.15
CA GLN A 66 1.93 12.45 -0.85
C GLN A 66 1.00 12.05 -2.00
N ALA A 67 -0.05 11.32 -1.70
CA ALA A 67 -1.00 10.88 -2.71
C ALA A 67 -1.24 11.99 -3.74
N GLY A 68 -0.64 11.83 -4.93
CA GLY A 68 -0.74 12.85 -6.00
C GLY A 68 -1.53 12.35 -7.21
N LYS A 69 -1.56 13.17 -8.26
CA LYS A 69 -2.29 12.83 -9.48
C LYS A 69 -1.71 11.57 -10.12
N ALA A 70 -0.39 11.49 -10.14
CA ALA A 70 0.27 10.32 -10.74
C ALA A 70 0.19 9.10 -9.84
N ASP A 71 -0.30 9.29 -8.61
CA ASP A 71 -0.45 8.18 -7.66
C ASP A 71 -1.87 7.64 -7.69
N ALA A 72 -2.75 8.28 -8.47
CA ALA A 72 -4.14 7.85 -8.54
C ALA A 72 -4.25 6.61 -9.42
N GLY A 73 -5.11 5.67 -9.00
CA GLY A 73 -5.30 4.43 -9.76
C GLY A 73 -5.70 3.29 -8.84
N GLU A 74 -5.72 2.08 -9.38
CA GLU A 74 -6.10 0.90 -8.61
C GLU A 74 -4.86 0.23 -8.01
N TYR A 75 -5.02 -0.32 -6.79
CA TYR A 75 -3.92 -1.00 -6.09
C TYR A 75 -4.27 -2.46 -5.89
N SER A 76 -3.49 -3.35 -6.52
CA SER A 76 -3.73 -4.80 -6.41
C SER A 76 -2.54 -5.50 -5.79
N CYS A 77 -2.78 -6.19 -4.68
CA CYS A 77 -1.73 -6.95 -3.99
C CYS A 77 -2.13 -8.41 -3.92
N GLU A 78 -1.21 -9.30 -4.29
CA GLU A 78 -1.48 -10.74 -4.23
C GLU A 78 -0.66 -11.40 -3.13
N ALA A 79 -1.29 -11.51 -1.95
CA ALA A 79 -0.66 -12.13 -0.79
C ALA A 79 -0.95 -13.62 -0.76
N GLY A 80 -0.30 -14.35 0.14
CA GLY A 80 -0.51 -15.79 0.23
C GLY A 80 -1.96 -16.12 0.53
N GLY A 81 -2.82 -16.03 -0.49
CA GLY A 81 -4.25 -16.34 -0.34
C GLY A 81 -5.08 -15.10 -0.03
N GLN A 82 -4.46 -14.09 0.56
CA GLN A 82 -5.18 -12.85 0.89
C GLN A 82 -4.90 -11.79 -0.18
N ARG A 83 -5.68 -10.72 -0.22
CA ARG A 83 -5.47 -9.67 -1.22
C ARG A 83 -5.92 -8.30 -0.70
N VAL A 84 -5.42 -7.22 -1.33
CA VAL A 84 -5.78 -5.85 -0.93
C VAL A 84 -6.44 -5.12 -2.09
N SER A 85 -7.60 -4.51 -1.82
CA SER A 85 -8.33 -3.73 -2.84
C SER A 85 -8.49 -2.31 -2.35
N PHE A 86 -7.61 -1.43 -2.79
CA PHE A 86 -7.64 -0.04 -2.37
C PHE A 86 -7.65 0.90 -3.58
N HIS A 87 -8.83 1.45 -3.89
CA HIS A 87 -8.97 2.36 -5.03
C HIS A 87 -8.92 3.80 -4.53
N LEU A 88 -7.88 4.50 -4.93
CA LEU A 88 -7.67 5.88 -4.50
C LEU A 88 -7.99 6.88 -5.59
N HIS A 89 -9.03 7.68 -5.36
CA HIS A 89 -9.40 8.72 -6.31
C HIS A 89 -8.86 10.02 -5.78
N ILE A 90 -7.60 10.28 -6.08
CA ILE A 90 -6.93 11.46 -5.59
C ILE A 90 -7.29 12.68 -6.43
N THR A 91 -7.08 13.86 -5.84
CA THR A 91 -7.38 15.12 -6.54
C THR A 91 -6.09 15.76 -7.05
N GLU A 92 -6.20 16.81 -7.86
CA GLU A 92 -5.01 17.45 -8.46
C GLU A 92 -4.82 18.95 -8.11
N PRO A 93 -5.34 19.45 -7.00
CA PRO A 93 -5.19 20.90 -6.67
C PRO A 93 -3.73 21.34 -6.64
N LEU A 94 -2.82 20.40 -6.35
CA LEU A 94 -1.40 20.73 -6.29
C LEU A 94 -0.65 20.12 -7.46
N GLU A 95 0.11 20.95 -8.16
CA GLU A 95 0.89 20.50 -9.31
C GLU A 95 0.04 19.60 -10.20
N MET A 1 5.87 -19.55 17.51
CA MET A 1 5.14 -19.94 18.76
C MET A 1 4.66 -18.68 19.47
N LYS A 2 4.66 -17.55 18.76
CA LYS A 2 4.22 -16.27 19.33
C LYS A 2 2.75 -16.01 18.99
N MET A 3 2.03 -15.36 19.91
CA MET A 3 0.62 -15.04 19.69
C MET A 3 0.48 -13.55 19.39
N MET A 4 1.56 -12.95 18.93
CA MET A 4 1.55 -11.52 18.60
C MET A 4 0.90 -11.28 17.24
N PHE A 5 -0.43 -11.17 17.25
CA PHE A 5 -1.20 -10.94 16.03
C PHE A 5 -1.23 -9.45 15.72
N ALA A 6 -0.69 -9.06 14.56
CA ALA A 6 -0.65 -7.66 14.17
C ALA A 6 -2.01 -7.19 13.63
N LYS A 7 -2.32 -5.92 13.85
CA LYS A 7 -3.57 -5.36 13.39
C LYS A 7 -3.69 -5.55 11.88
N GLU A 8 -4.86 -5.99 11.42
CA GLU A 8 -5.06 -6.20 10.00
C GLU A 8 -4.88 -4.90 9.27
N GLN A 9 -3.71 -4.74 8.65
CA GLN A 9 -3.39 -3.53 7.93
C GLN A 9 -3.79 -3.65 6.47
N SER A 10 -4.30 -4.82 6.10
CA SER A 10 -4.71 -5.03 4.72
C SER A 10 -6.10 -4.45 4.48
N VAL A 11 -6.15 -3.15 4.20
CA VAL A 11 -7.43 -2.49 3.96
C VAL A 11 -8.02 -2.88 2.61
N HIS A 12 -9.36 -2.96 2.57
CA HIS A 12 -10.07 -3.32 1.34
C HIS A 12 -11.34 -2.47 1.20
N ASN A 13 -11.25 -1.37 0.45
CA ASN A 13 -12.39 -0.48 0.26
C ASN A 13 -12.08 0.64 -0.75
N GLU A 14 -13.08 1.50 -1.00
CA GLU A 14 -12.91 2.62 -1.93
C GLU A 14 -12.96 3.95 -1.15
N VAL A 15 -11.85 4.71 -1.17
CA VAL A 15 -11.78 5.98 -0.47
C VAL A 15 -11.24 7.06 -1.41
N GLN A 16 -11.65 8.29 -1.17
CA GLN A 16 -11.21 9.43 -1.99
C GLN A 16 -10.18 10.26 -1.22
N ALA A 17 -9.38 11.04 -1.93
CA ALA A 17 -8.35 11.87 -1.29
C ALA A 17 -7.99 13.09 -2.14
N GLU A 18 -7.27 14.03 -1.54
CA GLU A 18 -6.86 15.27 -2.21
C GLU A 18 -5.47 15.08 -2.80
N ALA A 19 -4.93 16.07 -3.50
CA ALA A 19 -3.59 15.93 -4.09
C ALA A 19 -2.54 16.17 -3.01
N GLY A 20 -1.44 15.43 -3.02
CA GLY A 20 -0.41 15.63 -2.02
C GLY A 20 -0.87 15.15 -0.64
N ALA A 21 -1.91 14.34 -0.60
CA ALA A 21 -2.43 13.85 0.67
C ALA A 21 -1.64 12.64 1.13
N SER A 22 -2.02 12.07 2.28
CA SER A 22 -1.32 10.90 2.80
C SER A 22 -2.17 9.63 2.68
N ALA A 23 -1.85 8.79 1.70
CA ALA A 23 -2.59 7.53 1.52
C ALA A 23 -1.86 6.40 2.25
N MET A 24 -2.62 5.53 2.92
CA MET A 24 -2.02 4.41 3.67
C MET A 24 -2.58 3.06 3.21
N LEU A 25 -1.69 2.26 2.63
CA LEU A 25 -2.04 0.92 2.15
C LEU A 25 -0.95 -0.04 2.63
N SER A 26 -1.08 -0.57 3.85
CA SER A 26 -0.06 -1.47 4.40
C SER A 26 -0.55 -2.92 4.41
N CYS A 27 0.38 -3.86 4.44
CA CYS A 27 0.04 -5.29 4.47
C CYS A 27 0.91 -6.01 5.50
N GLU A 28 0.26 -6.62 6.50
CA GLU A 28 0.98 -7.35 7.55
C GLU A 28 0.56 -8.81 7.65
N VAL A 29 1.53 -9.71 7.52
CA VAL A 29 1.27 -11.14 7.63
C VAL A 29 1.86 -11.65 8.93
N ALA A 30 1.00 -12.18 9.79
CA ALA A 30 1.43 -12.70 11.09
C ALA A 30 1.50 -14.21 11.11
N GLN A 31 1.19 -14.85 9.98
CA GLN A 31 1.21 -16.32 9.88
C GLN A 31 2.44 -16.77 9.07
N ALA A 32 2.20 -17.58 8.03
CA ALA A 32 3.29 -18.09 7.20
C ALA A 32 3.90 -16.98 6.35
N GLN A 33 4.36 -15.92 7.01
CA GLN A 33 4.98 -14.75 6.36
C GLN A 33 5.41 -15.04 4.92
N THR A 34 4.42 -15.06 4.01
CA THR A 34 4.64 -15.33 2.59
C THR A 34 4.85 -14.03 1.81
N GLU A 35 5.81 -14.01 0.90
CA GLU A 35 6.08 -12.82 0.10
C GLU A 35 4.95 -12.61 -0.91
N VAL A 36 4.47 -11.36 -0.99
CA VAL A 36 3.36 -11.01 -1.87
C VAL A 36 3.81 -10.09 -3.01
N THR A 37 3.04 -10.07 -4.08
CA THR A 37 3.37 -9.24 -5.25
C THR A 37 2.88 -7.80 -5.00
N TRP A 38 3.77 -6.83 -5.23
CA TRP A 38 3.43 -5.40 -5.01
C TRP A 38 3.41 -4.61 -6.32
N TYR A 39 2.22 -4.42 -6.87
CA TYR A 39 2.05 -3.65 -8.11
C TYR A 39 0.96 -2.59 -7.91
N LYS A 40 1.33 -1.33 -8.10
CA LYS A 40 0.41 -0.22 -7.97
C LYS A 40 0.37 0.60 -9.24
N ASP A 41 -0.71 1.34 -9.41
CA ASP A 41 -0.91 2.15 -10.61
C ASP A 41 0.24 3.12 -10.85
N GLY A 42 1.23 2.67 -11.62
CA GLY A 42 2.37 3.53 -11.98
C GLY A 42 3.51 3.47 -10.94
N LYS A 43 3.20 3.32 -9.65
CA LYS A 43 4.24 3.30 -8.64
C LYS A 43 4.91 1.93 -8.56
N LYS A 44 6.19 1.90 -8.96
CA LYS A 44 6.99 0.68 -8.93
C LYS A 44 7.93 0.73 -7.71
N LEU A 45 8.02 -0.37 -6.97
CA LEU A 45 8.88 -0.35 -5.79
C LEU A 45 10.35 -0.32 -6.19
N SER A 46 11.00 0.80 -5.86
CA SER A 46 12.43 0.99 -6.16
C SER A 46 13.21 1.05 -4.85
N SER A 47 14.19 1.93 -4.79
CA SER A 47 15.00 2.09 -3.58
C SER A 47 15.64 3.48 -3.55
N SER A 48 14.79 4.52 -3.44
CA SER A 48 15.29 5.90 -3.40
C SER A 48 14.28 6.82 -2.71
N SER A 49 14.68 8.08 -2.54
CA SER A 49 13.84 9.11 -1.90
C SER A 49 12.59 9.41 -2.74
N LYS A 50 12.31 8.55 -3.73
CA LYS A 50 11.15 8.77 -4.60
C LYS A 50 9.87 8.40 -3.85
N VAL A 51 9.54 7.12 -3.84
CA VAL A 51 8.34 6.63 -3.14
C VAL A 51 8.72 6.17 -1.74
N GLY A 52 7.72 6.08 -0.85
CA GLY A 52 7.99 5.67 0.54
C GLY A 52 7.89 4.16 0.69
N MET A 53 8.98 3.45 0.40
CA MET A 53 9.00 1.99 0.52
C MET A 53 9.65 1.62 1.85
N GLU A 54 8.86 1.03 2.76
CA GLU A 54 9.36 0.62 4.07
C GLU A 54 9.27 -0.89 4.18
N VAL A 55 10.41 -1.54 4.45
CA VAL A 55 10.44 -3.01 4.58
C VAL A 55 10.91 -3.38 5.97
N LYS A 56 10.17 -4.29 6.60
CA LYS A 56 10.49 -4.73 7.97
C LYS A 56 10.73 -6.23 8.01
N GLY A 57 11.33 -6.69 9.11
CA GLY A 57 11.60 -8.12 9.25
C GLY A 57 10.35 -8.94 8.94
N CYS A 58 9.19 -8.33 9.17
CA CYS A 58 7.92 -9.00 8.91
C CYS A 58 7.54 -8.89 7.44
N THR A 59 6.44 -8.20 7.14
CA THR A 59 5.98 -8.05 5.75
C THR A 59 6.44 -6.71 5.20
N ARG A 60 5.59 -6.07 4.39
CA ARG A 60 5.95 -4.79 3.79
C ARG A 60 4.81 -3.79 3.90
N ARG A 61 5.14 -2.49 3.92
CA ARG A 61 4.14 -1.43 4.03
C ARG A 61 4.37 -0.35 2.98
N LEU A 62 3.29 0.15 2.38
CA LEU A 62 3.40 1.20 1.34
C LEU A 62 2.95 2.54 1.92
N VAL A 63 3.93 3.39 2.18
CA VAL A 63 3.68 4.72 2.73
C VAL A 63 3.87 5.78 1.66
N LEU A 64 2.80 6.50 1.32
CA LEU A 64 2.87 7.54 0.28
C LEU A 64 2.39 8.90 0.83
N PRO A 65 3.25 9.63 1.51
CA PRO A 65 2.90 10.95 2.09
C PRO A 65 2.80 12.09 1.05
N GLN A 66 2.14 11.83 -0.08
CA GLN A 66 2.00 12.86 -1.11
C GLN A 66 1.01 12.41 -2.19
N ALA A 67 0.04 11.59 -1.80
CA ALA A 67 -0.97 11.08 -2.73
C ALA A 67 -1.35 12.16 -3.75
N GLY A 68 -0.92 11.95 -5.01
CA GLY A 68 -1.20 12.90 -6.09
C GLY A 68 -1.94 12.24 -7.25
N LYS A 69 -2.09 12.98 -8.35
CA LYS A 69 -2.76 12.46 -9.53
C LYS A 69 -1.98 11.30 -10.13
N ALA A 70 -0.66 11.46 -10.19
CA ALA A 70 0.19 10.40 -10.76
C ALA A 70 0.06 9.14 -9.95
N ASP A 71 -0.37 9.27 -8.70
CA ASP A 71 -0.55 8.12 -7.83
C ASP A 71 -2.01 7.62 -7.90
N ALA A 72 -2.83 8.31 -8.69
CA ALA A 72 -4.25 7.93 -8.80
C ALA A 72 -4.40 6.62 -9.58
N GLY A 73 -5.31 5.78 -9.12
CA GLY A 73 -5.56 4.50 -9.77
C GLY A 73 -5.84 3.42 -8.73
N GLU A 74 -5.84 2.15 -9.17
CA GLU A 74 -6.10 1.02 -8.26
C GLU A 74 -4.79 0.31 -7.89
N TYR A 75 -4.79 -0.30 -6.70
CA TYR A 75 -3.62 -1.02 -6.20
C TYR A 75 -3.97 -2.49 -6.04
N SER A 76 -3.21 -3.36 -6.70
CA SER A 76 -3.46 -4.81 -6.63
C SER A 76 -2.30 -5.53 -5.96
N CYS A 77 -2.63 -6.38 -4.98
CA CYS A 77 -1.63 -7.16 -4.27
C CYS A 77 -2.08 -8.62 -4.20
N GLU A 78 -1.19 -9.54 -4.57
CA GLU A 78 -1.51 -10.96 -4.58
C GLU A 78 -0.76 -11.66 -3.46
N ALA A 79 -1.44 -11.83 -2.34
CA ALA A 79 -0.88 -12.51 -1.17
C ALA A 79 -1.39 -13.94 -1.10
N GLY A 80 -0.87 -14.70 -0.14
CA GLY A 80 -1.26 -16.09 0.02
C GLY A 80 -2.73 -16.21 0.38
N GLY A 81 -3.59 -16.26 -0.63
CA GLY A 81 -5.01 -16.39 -0.42
C GLY A 81 -5.67 -15.06 -0.10
N GLN A 82 -4.89 -14.10 0.36
CA GLN A 82 -5.44 -12.77 0.69
C GLN A 82 -5.03 -11.76 -0.38
N ARG A 83 -5.73 -10.63 -0.45
CA ARG A 83 -5.41 -9.60 -1.44
C ARG A 83 -5.88 -8.22 -0.98
N VAL A 84 -5.15 -7.18 -1.41
CA VAL A 84 -5.51 -5.80 -1.04
C VAL A 84 -6.04 -5.04 -2.25
N SER A 85 -7.20 -4.43 -2.07
CA SER A 85 -7.82 -3.63 -3.12
C SER A 85 -8.05 -2.22 -2.59
N PHE A 86 -7.14 -1.30 -2.92
CA PHE A 86 -7.25 0.08 -2.46
C PHE A 86 -7.37 1.01 -3.64
N HIS A 87 -8.58 1.57 -3.84
CA HIS A 87 -8.84 2.48 -4.93
C HIS A 87 -8.86 3.89 -4.39
N LEU A 88 -8.03 4.76 -4.96
CA LEU A 88 -7.92 6.14 -4.50
C LEU A 88 -8.14 7.12 -5.64
N HIS A 89 -9.21 7.91 -5.54
CA HIS A 89 -9.49 8.94 -6.55
C HIS A 89 -8.89 10.23 -6.04
N ILE A 90 -7.59 10.40 -6.25
CA ILE A 90 -6.91 11.58 -5.76
C ILE A 90 -7.18 12.79 -6.63
N THR A 91 -6.99 13.98 -6.06
CA THR A 91 -7.21 15.22 -6.81
C THR A 91 -5.93 15.64 -7.53
N GLU A 92 -5.97 16.79 -8.21
CA GLU A 92 -4.83 17.27 -9.00
C GLU A 92 -4.14 18.51 -8.42
N PRO A 93 -4.78 19.36 -7.64
CA PRO A 93 -4.09 20.57 -7.10
C PRO A 93 -3.13 20.23 -5.95
N LEU A 94 -1.94 19.75 -6.29
CA LEU A 94 -0.95 19.40 -5.28
C LEU A 94 -0.50 20.64 -4.51
N GLU A 95 -0.26 21.73 -5.24
CA GLU A 95 0.19 22.98 -4.63
C GLU A 95 -0.76 23.40 -3.51
N MET A 1 6.14 -20.20 16.32
CA MET A 1 4.80 -19.88 15.76
C MET A 1 4.01 -19.06 16.79
N LYS A 2 4.07 -17.74 16.67
CA LYS A 2 3.37 -16.85 17.61
C LYS A 2 1.92 -16.65 17.17
N MET A 3 1.03 -16.51 18.16
CA MET A 3 -0.39 -16.31 17.88
C MET A 3 -0.76 -14.83 17.93
N MET A 4 0.22 -13.97 17.71
CA MET A 4 -0.02 -12.53 17.75
C MET A 4 -0.53 -12.02 16.40
N PHE A 5 -1.78 -11.57 16.39
CA PHE A 5 -2.40 -11.05 15.17
C PHE A 5 -2.40 -9.53 15.19
N ALA A 6 -1.79 -8.92 14.17
CA ALA A 6 -1.73 -7.47 14.09
C ALA A 6 -3.04 -6.89 13.60
N LYS A 7 -3.24 -5.60 13.82
CA LYS A 7 -4.46 -4.95 13.38
C LYS A 7 -4.59 -5.13 11.87
N GLU A 8 -5.78 -5.51 11.42
CA GLU A 8 -5.99 -5.74 10.00
C GLU A 8 -5.62 -4.48 9.21
N GLN A 9 -4.43 -4.51 8.61
CA GLN A 9 -3.91 -3.38 7.83
C GLN A 9 -4.19 -3.60 6.34
N SER A 10 -4.79 -4.74 6.02
CA SER A 10 -5.10 -5.08 4.64
C SER A 10 -6.36 -4.37 4.19
N VAL A 11 -6.19 -3.14 3.71
CA VAL A 11 -7.33 -2.33 3.27
C VAL A 11 -8.04 -3.00 2.10
N HIS A 12 -9.37 -2.84 2.08
CA HIS A 12 -10.21 -3.43 1.04
C HIS A 12 -11.39 -2.50 0.74
N ASN A 13 -11.16 -1.20 0.87
CA ASN A 13 -12.23 -0.21 0.66
C ASN A 13 -11.83 0.89 -0.31
N GLU A 14 -12.78 1.80 -0.53
CA GLU A 14 -12.57 2.94 -1.43
C GLU A 14 -12.47 4.23 -0.62
N VAL A 15 -11.36 4.95 -0.77
CA VAL A 15 -11.14 6.21 -0.06
C VAL A 15 -10.82 7.33 -1.03
N GLN A 16 -11.44 8.49 -0.84
CA GLN A 16 -11.19 9.63 -1.73
C GLN A 16 -10.35 10.68 -0.99
N ALA A 17 -9.13 10.92 -1.49
CA ALA A 17 -8.22 11.88 -0.87
C ALA A 17 -7.97 13.09 -1.81
N GLU A 18 -7.03 13.95 -1.42
CA GLU A 18 -6.69 15.14 -2.23
C GLU A 18 -5.33 14.95 -2.89
N ALA A 19 -4.80 16.02 -3.50
CA ALA A 19 -3.49 15.95 -4.16
C ALA A 19 -2.41 16.12 -3.10
N GLY A 20 -1.34 15.32 -3.16
CA GLY A 20 -0.30 15.45 -2.15
C GLY A 20 -0.84 14.95 -0.82
N ALA A 21 -1.95 14.21 -0.90
CA ALA A 21 -2.59 13.67 0.28
C ALA A 21 -1.77 12.51 0.85
N SER A 22 -2.14 12.08 2.05
CA SER A 22 -1.43 11.00 2.72
C SER A 22 -2.13 9.66 2.56
N ALA A 23 -1.60 8.84 1.66
CA ALA A 23 -2.15 7.49 1.43
C ALA A 23 -1.23 6.52 2.15
N MET A 24 -1.73 5.93 3.24
CA MET A 24 -0.91 5.00 4.04
C MET A 24 -1.49 3.59 4.08
N LEU A 25 -1.17 2.78 3.07
CA LEU A 25 -1.62 1.40 3.01
C LEU A 25 -0.55 0.52 3.60
N SER A 26 -0.94 -0.60 4.18
CA SER A 26 0.02 -1.52 4.79
C SER A 26 -0.47 -2.96 4.69
N CYS A 27 0.41 -3.85 4.26
CA CYS A 27 0.06 -5.27 4.14
C CYS A 27 0.85 -6.09 5.16
N GLU A 28 0.14 -6.62 6.16
CA GLU A 28 0.79 -7.43 7.20
C GLU A 28 0.23 -8.85 7.20
N VAL A 29 1.12 -9.82 7.35
CA VAL A 29 0.72 -11.23 7.39
C VAL A 29 1.05 -11.81 8.76
N ALA A 30 0.04 -12.38 9.41
CA ALA A 30 0.22 -12.94 10.75
C ALA A 30 0.42 -14.45 10.70
N GLN A 31 0.47 -15.02 9.50
CA GLN A 31 0.65 -16.47 9.34
C GLN A 31 2.04 -16.79 8.78
N ALA A 32 2.08 -17.65 7.76
CA ALA A 32 3.34 -18.05 7.14
C ALA A 32 3.93 -16.90 6.33
N GLN A 33 4.14 -15.75 7.00
CA GLN A 33 4.68 -14.53 6.38
C GLN A 33 5.41 -14.80 5.06
N THR A 34 4.63 -15.03 4.01
CA THR A 34 5.18 -15.29 2.68
C THR A 34 5.37 -13.96 1.94
N GLU A 35 6.29 -13.92 0.99
CA GLU A 35 6.54 -12.70 0.23
C GLU A 35 5.39 -12.44 -0.74
N VAL A 36 4.90 -11.20 -0.73
CA VAL A 36 3.78 -10.81 -1.57
C VAL A 36 4.23 -9.95 -2.75
N THR A 37 3.72 -10.27 -3.94
CA THR A 37 4.05 -9.50 -5.14
C THR A 37 3.12 -8.30 -5.25
N TRP A 38 3.57 -7.17 -4.70
CA TRP A 38 2.78 -5.94 -4.70
C TRP A 38 3.09 -5.05 -5.90
N TYR A 39 2.07 -4.81 -6.73
CA TYR A 39 2.22 -3.97 -7.92
C TYR A 39 1.03 -3.01 -8.02
N LYS A 40 1.33 -1.71 -8.11
CA LYS A 40 0.30 -0.68 -8.18
C LYS A 40 0.04 -0.23 -9.60
N ASP A 41 -1.07 0.48 -9.78
CA ASP A 41 -1.46 0.98 -11.09
C ASP A 41 -0.74 2.27 -11.44
N GLY A 42 0.38 2.15 -12.17
CA GLY A 42 1.14 3.33 -12.59
C GLY A 42 2.31 3.61 -11.66
N LYS A 43 2.23 3.12 -10.42
CA LYS A 43 3.29 3.35 -9.45
C LYS A 43 4.23 2.15 -9.43
N LYS A 44 5.48 2.40 -9.84
CA LYS A 44 6.50 1.37 -9.85
C LYS A 44 7.44 1.59 -8.67
N LEU A 45 7.61 0.57 -7.82
CA LEU A 45 8.50 0.74 -6.67
C LEU A 45 9.92 0.98 -7.12
N SER A 46 10.43 2.18 -6.82
CA SER A 46 11.80 2.56 -7.19
C SER A 46 12.62 2.85 -5.95
N SER A 47 13.49 3.86 -6.04
CA SER A 47 14.35 4.25 -4.93
C SER A 47 13.52 4.86 -3.79
N SER A 48 14.00 4.68 -2.57
CA SER A 48 13.31 5.22 -1.40
C SER A 48 13.16 6.73 -1.51
N SER A 49 14.15 7.38 -2.12
CA SER A 49 14.12 8.83 -2.28
C SER A 49 12.89 9.25 -3.08
N LYS A 50 12.46 8.40 -4.00
CA LYS A 50 11.28 8.70 -4.83
C LYS A 50 10.01 8.36 -4.07
N VAL A 51 9.67 7.07 -4.04
CA VAL A 51 8.47 6.60 -3.35
C VAL A 51 8.83 6.18 -1.92
N GLY A 52 7.88 6.37 -0.99
CA GLY A 52 8.14 6.00 0.40
C GLY A 52 7.75 4.56 0.67
N MET A 53 8.53 3.63 0.12
CA MET A 53 8.27 2.20 0.31
C MET A 53 9.17 1.66 1.43
N GLU A 54 8.55 1.12 2.48
CA GLU A 54 9.29 0.59 3.62
C GLU A 54 9.20 -0.93 3.67
N VAL A 55 10.32 -1.55 4.04
CA VAL A 55 10.41 -3.02 4.13
C VAL A 55 10.79 -3.43 5.54
N LYS A 56 10.01 -4.34 6.11
CA LYS A 56 10.26 -4.84 7.46
C LYS A 56 10.52 -6.34 7.39
N GLY A 57 11.20 -6.86 8.41
CA GLY A 57 11.51 -8.29 8.43
C GLY A 57 10.24 -9.10 8.19
N CYS A 58 9.14 -8.64 8.76
CA CYS A 58 7.87 -9.34 8.59
C CYS A 58 7.39 -9.24 7.14
N THR A 59 6.46 -8.32 6.88
CA THR A 59 5.92 -8.12 5.54
C THR A 59 6.37 -6.78 4.96
N ARG A 60 5.49 -6.14 4.19
CA ARG A 60 5.79 -4.85 3.58
C ARG A 60 4.59 -3.92 3.60
N ARG A 61 4.84 -2.62 3.49
CA ARG A 61 3.77 -1.63 3.50
C ARG A 61 4.09 -0.47 2.57
N LEU A 62 3.06 0.12 1.97
CA LEU A 62 3.22 1.24 1.05
C LEU A 62 2.92 2.55 1.74
N VAL A 63 3.92 3.43 1.79
CA VAL A 63 3.77 4.75 2.42
C VAL A 63 4.10 5.86 1.42
N LEU A 64 3.06 6.52 0.91
CA LEU A 64 3.24 7.62 -0.05
C LEU A 64 2.63 8.90 0.55
N PRO A 65 3.36 9.62 1.37
CA PRO A 65 2.83 10.87 2.02
C PRO A 65 2.71 12.05 1.05
N GLN A 66 2.13 11.81 -0.12
CA GLN A 66 1.95 12.89 -1.09
C GLN A 66 1.10 12.39 -2.26
N ALA A 67 0.17 11.47 -1.96
CA ALA A 67 -0.71 10.87 -2.97
C ALA A 67 -1.05 11.88 -4.08
N GLY A 68 -0.38 11.71 -5.22
CA GLY A 68 -0.59 12.59 -6.37
C GLY A 68 -1.08 11.81 -7.58
N LYS A 69 -0.92 12.41 -8.76
CA LYS A 69 -1.37 11.76 -9.99
C LYS A 69 -0.71 10.39 -10.14
N ALA A 70 0.60 10.35 -9.94
CA ALA A 70 1.34 9.10 -10.06
C ALA A 70 0.83 8.07 -9.05
N ASP A 71 0.20 8.56 -7.98
CA ASP A 71 -0.32 7.67 -6.93
C ASP A 71 -1.81 7.36 -7.16
N ALA A 72 -2.48 8.18 -7.94
CA ALA A 72 -3.90 7.96 -8.21
C ALA A 72 -4.09 6.70 -9.06
N GLY A 73 -5.11 5.91 -8.73
CA GLY A 73 -5.40 4.68 -9.46
C GLY A 73 -5.80 3.57 -8.50
N GLU A 74 -5.73 2.33 -8.97
CA GLU A 74 -6.10 1.17 -8.14
C GLU A 74 -4.89 0.39 -7.67
N TYR A 75 -4.95 -0.10 -6.43
CA TYR A 75 -3.87 -0.89 -5.83
C TYR A 75 -4.25 -2.37 -5.83
N SER A 76 -3.34 -3.21 -6.35
CA SER A 76 -3.59 -4.65 -6.41
C SER A 76 -2.37 -5.44 -5.94
N CYS A 77 -2.44 -5.96 -4.71
CA CYS A 77 -1.36 -6.77 -4.14
C CYS A 77 -1.80 -8.23 -4.04
N GLU A 78 -0.87 -9.13 -4.25
CA GLU A 78 -1.16 -10.57 -4.20
C GLU A 78 -0.46 -11.21 -3.01
N ALA A 79 -1.19 -11.38 -1.91
CA ALA A 79 -0.64 -11.99 -0.71
C ALA A 79 -0.86 -13.50 -0.73
N GLY A 80 -0.18 -14.22 0.15
CA GLY A 80 -0.31 -15.68 0.20
C GLY A 80 -1.70 -16.09 0.65
N GLY A 81 -2.64 -16.16 -0.31
CA GLY A 81 -4.01 -16.57 -0.01
C GLY A 81 -4.92 -15.36 0.18
N GLN A 82 -4.33 -14.22 0.55
CA GLN A 82 -5.09 -13.00 0.76
C GLN A 82 -4.78 -11.99 -0.35
N ARG A 83 -5.48 -10.86 -0.30
CA ARG A 83 -5.29 -9.81 -1.30
C ARG A 83 -5.72 -8.46 -0.74
N VAL A 84 -5.05 -7.39 -1.18
CA VAL A 84 -5.37 -6.03 -0.72
C VAL A 84 -5.96 -5.22 -1.88
N SER A 85 -7.05 -4.53 -1.61
CA SER A 85 -7.72 -3.71 -2.62
C SER A 85 -7.96 -2.29 -2.12
N PHE A 86 -7.08 -1.36 -2.53
CA PHE A 86 -7.21 0.04 -2.11
C PHE A 86 -7.33 0.94 -3.34
N HIS A 87 -8.56 1.32 -3.67
CA HIS A 87 -8.81 2.19 -4.81
C HIS A 87 -9.02 3.60 -4.31
N LEU A 88 -8.25 4.56 -4.84
CA LEU A 88 -8.37 5.94 -4.39
C LEU A 88 -8.51 6.93 -5.54
N HIS A 89 -9.50 7.80 -5.41
CA HIS A 89 -9.73 8.87 -6.38
C HIS A 89 -9.25 10.17 -5.73
N ILE A 90 -8.00 10.53 -6.02
CA ILE A 90 -7.39 11.71 -5.42
C ILE A 90 -7.33 12.88 -6.41
N THR A 91 -7.20 14.10 -5.88
CA THR A 91 -7.12 15.28 -6.74
C THR A 91 -5.71 15.41 -7.31
N GLU A 92 -5.62 15.77 -8.60
CA GLU A 92 -4.31 15.90 -9.27
C GLU A 92 -3.98 17.31 -9.78
N PRO A 93 -4.65 18.38 -9.35
CA PRO A 93 -4.30 19.73 -9.85
C PRO A 93 -2.84 20.07 -9.55
N LEU A 94 -2.28 19.42 -8.53
CA LEU A 94 -0.89 19.65 -8.15
C LEU A 94 0.03 18.75 -8.96
N GLU A 95 -0.58 17.88 -9.78
CA GLU A 95 0.19 16.97 -10.61
C GLU A 95 1.06 16.06 -9.76
N MET A 1 5.39 -21.44 16.51
CA MET A 1 5.13 -20.12 15.88
C MET A 1 5.00 -19.06 16.97
N LYS A 2 5.12 -17.80 16.58
CA LYS A 2 5.00 -16.70 17.53
C LYS A 2 3.55 -16.26 17.65
N MET A 3 3.16 -15.88 18.87
CA MET A 3 1.80 -15.43 19.12
C MET A 3 1.65 -13.93 18.82
N MET A 4 2.65 -13.36 18.13
CA MET A 4 2.62 -11.95 17.80
C MET A 4 1.73 -11.69 16.58
N PHE A 5 0.44 -11.48 16.82
CA PHE A 5 -0.50 -11.22 15.73
C PHE A 5 -0.61 -9.72 15.50
N ALA A 6 -0.14 -9.28 14.34
CA ALA A 6 -0.17 -7.86 14.01
C ALA A 6 -1.60 -7.43 13.73
N LYS A 7 -1.94 -6.20 14.12
CA LYS A 7 -3.27 -5.67 13.92
C LYS A 7 -3.62 -5.65 12.44
N GLU A 8 -4.80 -6.13 12.14
CA GLU A 8 -5.27 -6.18 10.76
C GLU A 8 -5.34 -4.76 10.20
N GLN A 9 -4.36 -4.40 9.38
CA GLN A 9 -4.29 -3.06 8.80
C GLN A 9 -4.43 -3.13 7.29
N SER A 10 -5.14 -4.16 6.83
CA SER A 10 -5.39 -4.37 5.41
C SER A 10 -6.76 -3.83 5.01
N VAL A 11 -6.79 -2.98 4.00
CA VAL A 11 -8.04 -2.41 3.54
C VAL A 11 -8.59 -3.22 2.36
N HIS A 12 -9.68 -2.75 1.79
CA HIS A 12 -10.30 -3.44 0.67
C HIS A 12 -11.53 -2.69 0.17
N ASN A 13 -11.49 -1.35 0.26
CA ASN A 13 -12.64 -0.55 -0.17
C ASN A 13 -12.22 0.62 -1.05
N GLU A 14 -13.23 1.35 -1.52
CA GLU A 14 -13.04 2.51 -2.39
C GLU A 14 -12.93 3.78 -1.57
N VAL A 15 -11.75 4.37 -1.59
CA VAL A 15 -11.46 5.61 -0.86
C VAL A 15 -10.98 6.68 -1.82
N GLN A 16 -11.47 7.89 -1.65
CA GLN A 16 -11.10 9.00 -2.51
C GLN A 16 -10.36 10.06 -1.68
N ALA A 17 -9.13 10.38 -2.07
CA ALA A 17 -8.33 11.37 -1.35
C ALA A 17 -8.02 12.59 -2.23
N GLU A 18 -7.38 13.62 -1.66
CA GLU A 18 -7.04 14.83 -2.41
C GLU A 18 -5.57 14.74 -2.87
N ALA A 19 -5.06 15.81 -3.49
CA ALA A 19 -3.64 15.79 -3.93
C ALA A 19 -2.74 16.06 -2.73
N GLY A 20 -1.55 15.48 -2.75
CA GLY A 20 -0.62 15.67 -1.65
C GLY A 20 -1.17 15.02 -0.39
N ALA A 21 -2.31 14.32 -0.55
CA ALA A 21 -2.95 13.64 0.57
C ALA A 21 -2.08 12.49 1.04
N SER A 22 -2.43 11.93 2.19
CA SER A 22 -1.65 10.83 2.74
C SER A 22 -2.33 9.49 2.49
N ALA A 23 -1.88 8.80 1.44
CA ALA A 23 -2.41 7.48 1.12
C ALA A 23 -1.43 6.46 1.71
N MET A 24 -1.88 5.73 2.73
CA MET A 24 -0.99 4.78 3.42
C MET A 24 -1.64 3.42 3.67
N LEU A 25 -1.35 2.46 2.78
CA LEU A 25 -1.86 1.10 2.94
C LEU A 25 -0.76 0.25 3.57
N SER A 26 -1.14 -0.60 4.52
CA SER A 26 -0.17 -1.46 5.20
C SER A 26 -0.51 -2.93 4.97
N CYS A 27 0.44 -3.70 4.44
CA CYS A 27 0.22 -5.12 4.17
C CYS A 27 1.06 -5.95 5.13
N GLU A 28 0.43 -6.46 6.18
CA GLU A 28 1.12 -7.26 7.19
C GLU A 28 0.57 -8.68 7.25
N VAL A 29 1.47 -9.65 7.29
CA VAL A 29 1.07 -11.06 7.38
C VAL A 29 1.42 -11.58 8.77
N ALA A 30 0.40 -12.02 9.50
CA ALA A 30 0.58 -12.54 10.86
C ALA A 30 0.60 -14.07 10.87
N GLN A 31 0.52 -14.68 9.68
CA GLN A 31 0.54 -16.15 9.58
C GLN A 31 1.90 -16.61 9.06
N ALA A 32 1.89 -17.48 8.03
CA ALA A 32 3.12 -17.99 7.43
C ALA A 32 3.80 -16.92 6.58
N GLN A 33 4.10 -15.77 7.21
CA GLN A 33 4.75 -14.63 6.54
C GLN A 33 5.42 -15.00 5.21
N THR A 34 4.60 -15.22 4.19
CA THR A 34 5.10 -15.56 2.86
C THR A 34 5.24 -14.30 2.02
N GLU A 35 6.05 -14.37 0.97
CA GLU A 35 6.25 -13.22 0.10
C GLU A 35 5.01 -13.01 -0.77
N VAL A 36 4.57 -11.75 -0.89
CA VAL A 36 3.38 -11.41 -1.67
C VAL A 36 3.78 -10.53 -2.86
N THR A 37 3.24 -10.84 -4.03
CA THR A 37 3.54 -10.05 -5.21
C THR A 37 2.65 -8.82 -5.23
N TRP A 38 3.18 -7.72 -4.70
CA TRP A 38 2.43 -6.48 -4.61
C TRP A 38 2.96 -5.45 -5.61
N TYR A 39 2.03 -4.76 -6.26
CA TYR A 39 2.36 -3.71 -7.22
C TYR A 39 1.20 -2.72 -7.30
N LYS A 40 1.51 -1.50 -7.70
CA LYS A 40 0.50 -0.45 -7.82
C LYS A 40 0.39 -0.02 -9.28
N ASP A 41 -0.79 0.45 -9.65
CA ASP A 41 -1.07 0.88 -11.01
C ASP A 41 -0.56 2.29 -11.27
N GLY A 42 0.64 2.40 -11.85
CA GLY A 42 1.21 3.70 -12.17
C GLY A 42 2.45 3.99 -11.32
N LYS A 43 2.55 3.30 -10.19
CA LYS A 43 3.68 3.48 -9.28
C LYS A 43 4.54 2.23 -9.23
N LYS A 44 5.80 2.38 -9.64
CA LYS A 44 6.76 1.27 -9.64
C LYS A 44 7.71 1.45 -8.45
N LEU A 45 7.94 0.37 -7.69
CA LEU A 45 8.81 0.47 -6.51
C LEU A 45 10.23 0.85 -6.93
N SER A 46 10.77 1.90 -6.30
CA SER A 46 12.12 2.39 -6.59
C SER A 46 13.04 2.20 -5.40
N SER A 47 14.22 2.81 -5.46
CA SER A 47 15.20 2.68 -4.38
C SER A 47 14.64 3.24 -3.07
N SER A 48 14.02 4.44 -3.12
CA SER A 48 13.45 5.07 -1.93
C SER A 48 13.37 6.59 -2.11
N SER A 49 14.25 7.13 -2.94
CA SER A 49 14.29 8.57 -3.19
C SER A 49 12.96 9.07 -3.75
N LYS A 50 12.36 8.28 -4.62
CA LYS A 50 11.09 8.66 -5.22
C LYS A 50 9.96 8.48 -4.21
N VAL A 51 9.52 7.23 -4.05
CA VAL A 51 8.44 6.91 -3.12
C VAL A 51 9.01 6.48 -1.77
N GLY A 52 8.16 6.45 -0.74
CA GLY A 52 8.60 6.07 0.61
C GLY A 52 8.04 4.71 1.03
N MET A 53 8.71 3.64 0.60
CA MET A 53 8.27 2.29 0.97
C MET A 53 9.10 1.79 2.13
N GLU A 54 8.43 1.21 3.13
CA GLU A 54 9.13 0.68 4.30
C GLU A 54 9.22 -0.83 4.21
N VAL A 55 10.40 -1.38 4.51
CA VAL A 55 10.61 -2.82 4.46
C VAL A 55 10.90 -3.36 5.85
N LYS A 56 10.12 -4.37 6.28
CA LYS A 56 10.31 -4.99 7.60
C LYS A 56 10.62 -6.48 7.45
N GLY A 57 11.14 -7.09 8.51
CA GLY A 57 11.48 -8.51 8.47
C GLY A 57 10.24 -9.35 8.14
N CYS A 58 9.09 -8.95 8.69
CA CYS A 58 7.84 -9.68 8.44
C CYS A 58 7.41 -9.48 6.99
N THR A 59 6.51 -8.53 6.75
CA THR A 59 6.03 -8.24 5.40
C THR A 59 6.53 -6.87 4.91
N ARG A 60 5.72 -6.20 4.09
CA ARG A 60 6.10 -4.88 3.55
C ARG A 60 4.89 -3.94 3.50
N ARG A 61 5.17 -2.62 3.51
CA ARG A 61 4.11 -1.61 3.47
C ARG A 61 4.45 -0.49 2.47
N LEU A 62 3.44 -0.02 1.74
CA LEU A 62 3.62 1.06 0.77
C LEU A 62 3.00 2.35 1.31
N VAL A 63 3.75 3.44 1.28
CA VAL A 63 3.20 4.70 1.77
C VAL A 63 3.77 5.92 1.04
N LEU A 64 2.87 6.79 0.62
CA LEU A 64 3.22 8.03 -0.06
C LEU A 64 2.59 9.22 0.68
N PRO A 65 3.27 9.83 1.63
CA PRO A 65 2.68 10.98 2.38
C PRO A 65 2.55 12.23 1.51
N GLN A 66 2.02 12.05 0.30
CA GLN A 66 1.83 13.17 -0.61
C GLN A 66 1.04 12.72 -1.83
N ALA A 67 0.15 11.75 -1.61
CA ALA A 67 -0.68 11.21 -2.69
C ALA A 67 -1.11 12.32 -3.65
N GLY A 68 -0.51 12.32 -4.84
CA GLY A 68 -0.82 13.33 -5.86
C GLY A 68 -1.41 12.71 -7.11
N LYS A 69 -1.60 13.53 -8.14
CA LYS A 69 -2.16 13.08 -9.41
C LYS A 69 -1.33 11.95 -10.01
N ALA A 70 -0.13 11.74 -9.49
CA ALA A 70 0.75 10.68 -10.01
C ALA A 70 0.53 9.36 -9.28
N ASP A 71 -0.25 9.39 -8.20
CA ASP A 71 -0.54 8.18 -7.42
C ASP A 71 -1.97 7.69 -7.66
N ALA A 72 -2.71 8.38 -8.53
CA ALA A 72 -4.10 7.98 -8.83
C ALA A 72 -4.13 6.65 -9.59
N GLY A 73 -5.04 5.75 -9.19
CA GLY A 73 -5.14 4.45 -9.87
C GLY A 73 -5.62 3.34 -8.93
N GLU A 74 -5.59 2.11 -9.43
CA GLU A 74 -6.04 0.95 -8.64
C GLU A 74 -4.86 0.26 -7.99
N TYR A 75 -5.09 -0.26 -6.79
CA TYR A 75 -4.05 -0.96 -6.04
C TYR A 75 -4.40 -2.44 -5.93
N SER A 76 -3.47 -3.29 -6.40
CA SER A 76 -3.69 -4.73 -6.37
C SER A 76 -2.58 -5.43 -5.60
N CYS A 77 -2.98 -6.17 -4.56
CA CYS A 77 -2.03 -6.93 -3.74
C CYS A 77 -2.36 -8.41 -3.87
N GLU A 78 -1.38 -9.19 -4.34
CA GLU A 78 -1.56 -10.63 -4.52
C GLU A 78 -0.77 -11.37 -3.46
N ALA A 79 -1.47 -11.78 -2.41
CA ALA A 79 -0.85 -12.51 -1.30
C ALA A 79 -1.29 -13.97 -1.32
N GLY A 80 -0.45 -14.81 -0.76
CA GLY A 80 -0.73 -16.24 -0.70
C GLY A 80 -2.21 -16.54 -0.42
N GLY A 81 -2.92 -15.61 0.20
CA GLY A 81 -4.33 -15.84 0.51
C GLY A 81 -5.08 -14.55 0.78
N GLN A 82 -4.36 -13.43 0.87
CA GLN A 82 -4.98 -12.13 1.13
C GLN A 82 -4.88 -11.21 -0.08
N ARG A 83 -6.03 -10.64 -0.47
CA ARG A 83 -6.10 -9.74 -1.62
C ARG A 83 -6.65 -8.40 -1.15
N VAL A 84 -5.87 -7.35 -1.37
CA VAL A 84 -6.27 -6.00 -0.95
C VAL A 84 -6.62 -5.14 -2.16
N SER A 85 -7.78 -4.48 -2.09
CA SER A 85 -8.24 -3.59 -3.17
C SER A 85 -8.42 -2.18 -2.61
N PHE A 86 -7.47 -1.29 -2.90
CA PHE A 86 -7.54 0.09 -2.41
C PHE A 86 -7.50 1.07 -3.57
N HIS A 87 -8.66 1.61 -3.91
CA HIS A 87 -8.75 2.56 -5.02
C HIS A 87 -8.64 3.98 -4.49
N LEU A 88 -7.66 4.74 -5.00
CA LEU A 88 -7.45 6.11 -4.54
C LEU A 88 -7.66 7.12 -5.66
N HIS A 89 -8.72 7.91 -5.51
CA HIS A 89 -9.02 8.96 -6.49
C HIS A 89 -8.35 10.23 -5.99
N ILE A 90 -7.10 10.41 -6.35
CA ILE A 90 -6.35 11.57 -5.90
C ILE A 90 -6.81 12.82 -6.64
N THR A 91 -7.17 13.87 -5.90
CA THR A 91 -7.62 15.12 -6.53
C THR A 91 -6.41 16.02 -6.76
N GLU A 92 -6.59 17.11 -7.52
CA GLU A 92 -5.47 18.01 -7.86
C GLU A 92 -5.61 19.46 -7.35
N PRO A 93 -6.36 19.74 -6.31
CA PRO A 93 -6.50 21.14 -5.82
C PRO A 93 -5.13 21.71 -5.48
N LEU A 94 -4.21 20.81 -5.08
CA LEU A 94 -2.85 21.21 -4.71
C LEU A 94 -1.87 20.90 -5.84
N GLU A 95 -1.06 21.88 -6.23
CA GLU A 95 -0.10 21.69 -7.30
C GLU A 95 0.98 20.67 -6.89
N MET A 1 6.89 -18.09 15.48
CA MET A 1 5.93 -19.07 16.08
C MET A 1 5.06 -18.36 17.08
N LYS A 2 4.92 -17.05 16.91
CA LYS A 2 4.10 -16.26 17.82
C LYS A 2 2.65 -16.30 17.38
N MET A 3 1.74 -16.38 18.34
CA MET A 3 0.30 -16.42 18.04
C MET A 3 -0.32 -15.04 18.27
N MET A 4 0.47 -13.99 18.05
CA MET A 4 0.00 -12.62 18.25
C MET A 4 -0.55 -12.07 16.93
N PHE A 5 -1.71 -11.42 17.01
CA PHE A 5 -2.36 -10.84 15.83
C PHE A 5 -2.03 -9.34 15.71
N ALA A 6 -1.46 -8.94 14.57
CA ALA A 6 -1.08 -7.54 14.37
C ALA A 6 -2.29 -6.68 14.00
N LYS A 7 -2.11 -5.35 14.10
CA LYS A 7 -3.16 -4.42 13.77
C LYS A 7 -3.55 -4.60 12.32
N GLU A 8 -4.86 -4.65 12.09
CA GLU A 8 -5.36 -4.85 10.74
C GLU A 8 -4.86 -3.78 9.80
N GLN A 9 -3.73 -4.05 9.16
CA GLN A 9 -3.14 -3.12 8.21
C GLN A 9 -3.57 -3.47 6.79
N SER A 10 -4.33 -4.55 6.65
CA SER A 10 -4.81 -5.00 5.35
C SER A 10 -5.94 -4.10 4.86
N VAL A 11 -5.59 -3.05 4.13
CA VAL A 11 -6.57 -2.11 3.62
C VAL A 11 -7.43 -2.72 2.53
N HIS A 12 -8.72 -2.35 2.52
CA HIS A 12 -9.64 -2.85 1.51
C HIS A 12 -10.94 -2.05 1.51
N ASN A 13 -10.98 -0.97 0.73
CA ASN A 13 -12.20 -0.15 0.64
C ASN A 13 -12.06 0.92 -0.44
N GLU A 14 -13.19 1.55 -0.80
CA GLU A 14 -13.21 2.60 -1.81
C GLU A 14 -13.38 3.96 -1.13
N VAL A 15 -12.33 4.77 -1.18
CA VAL A 15 -12.34 6.11 -0.57
C VAL A 15 -11.62 7.09 -1.48
N GLN A 16 -12.02 8.35 -1.40
CA GLN A 16 -11.41 9.41 -2.22
C GLN A 16 -10.58 10.34 -1.35
N ALA A 17 -9.38 10.72 -1.83
CA ALA A 17 -8.50 11.62 -1.08
C ALA A 17 -8.02 12.78 -1.96
N GLU A 18 -7.51 13.81 -1.32
CA GLU A 18 -7.02 15.00 -2.03
C GLU A 18 -5.61 14.78 -2.57
N ALA A 19 -5.00 15.84 -3.09
CA ALA A 19 -3.65 15.76 -3.62
C ALA A 19 -2.63 15.92 -2.49
N GLY A 20 -1.53 15.18 -2.52
CA GLY A 20 -0.56 15.28 -1.45
C GLY A 20 -1.15 14.69 -0.19
N ALA A 21 -2.28 14.01 -0.36
CA ALA A 21 -2.97 13.37 0.75
C ALA A 21 -2.19 12.14 1.18
N SER A 22 -2.46 11.68 2.39
CA SER A 22 -1.77 10.50 2.92
C SER A 22 -2.58 9.24 2.64
N ALA A 23 -2.18 8.51 1.58
CA ALA A 23 -2.85 7.26 1.22
C ALA A 23 -1.93 6.09 1.55
N MET A 24 -2.30 5.33 2.57
CA MET A 24 -1.47 4.19 3.01
C MET A 24 -2.16 2.85 2.79
N LEU A 25 -1.44 1.95 2.10
CA LEU A 25 -1.92 0.59 1.85
C LEU A 25 -0.85 -0.38 2.34
N SER A 26 -0.97 -0.81 3.62
CA SER A 26 0.02 -1.73 4.20
C SER A 26 -0.54 -3.14 4.32
N CYS A 27 0.35 -4.09 4.56
CA CYS A 27 -0.04 -5.48 4.71
C CYS A 27 0.84 -6.13 5.75
N GLU A 28 0.21 -6.68 6.80
CA GLU A 28 0.97 -7.32 7.88
C GLU A 28 0.49 -8.75 8.12
N VAL A 29 1.43 -9.70 8.05
CA VAL A 29 1.11 -11.11 8.30
C VAL A 29 1.83 -11.56 9.57
N ALA A 30 1.05 -12.08 10.52
CA ALA A 30 1.60 -12.53 11.79
C ALA A 30 1.67 -14.06 11.86
N GLN A 31 1.39 -14.73 10.74
CA GLN A 31 1.42 -16.21 10.70
C GLN A 31 2.57 -16.70 9.80
N ALA A 32 2.20 -17.28 8.66
CA ALA A 32 3.19 -17.80 7.70
C ALA A 32 3.67 -16.69 6.77
N GLN A 33 4.17 -15.61 7.36
CA GLN A 33 4.67 -14.44 6.61
C GLN A 33 5.02 -14.79 5.17
N THR A 34 4.01 -14.84 4.32
CA THR A 34 4.21 -15.17 2.92
C THR A 34 4.49 -13.90 2.11
N GLU A 35 5.61 -13.88 1.39
CA GLU A 35 5.97 -12.70 0.61
C GLU A 35 5.00 -12.50 -0.56
N VAL A 36 4.43 -11.30 -0.65
CA VAL A 36 3.45 -10.98 -1.71
C VAL A 36 4.06 -10.08 -2.76
N THR A 37 3.31 -9.84 -3.84
CA THR A 37 3.78 -8.97 -4.92
C THR A 37 3.18 -7.57 -4.74
N TRP A 38 4.04 -6.55 -4.71
CA TRP A 38 3.60 -5.16 -4.54
C TRP A 38 3.57 -4.43 -5.87
N TYR A 39 2.38 -4.06 -6.34
CA TYR A 39 2.26 -3.32 -7.60
C TYR A 39 1.05 -2.39 -7.57
N LYS A 40 1.32 -1.11 -7.78
CA LYS A 40 0.27 -0.10 -7.85
C LYS A 40 0.11 0.30 -9.32
N ASP A 41 -1.09 0.66 -9.72
CA ASP A 41 -1.32 1.00 -11.12
C ASP A 41 -0.43 2.15 -11.59
N GLY A 42 0.78 1.81 -12.09
CA GLY A 42 1.68 2.85 -12.63
C GLY A 42 2.93 3.11 -11.78
N LYS A 43 2.90 2.78 -10.47
CA LYS A 43 4.07 3.04 -9.61
C LYS A 43 4.98 1.82 -9.49
N LYS A 44 6.26 2.02 -9.84
CA LYS A 44 7.27 0.96 -9.76
C LYS A 44 8.06 1.13 -8.47
N LEU A 45 8.25 0.05 -7.71
CA LEU A 45 9.00 0.16 -6.46
C LEU A 45 10.47 0.47 -6.75
N SER A 46 10.85 1.73 -6.53
CA SER A 46 12.21 2.19 -6.75
C SER A 46 12.83 2.66 -5.44
N SER A 47 13.66 3.69 -5.51
CA SER A 47 14.30 4.23 -4.33
C SER A 47 13.27 4.85 -3.39
N SER A 48 13.60 4.89 -2.10
CA SER A 48 12.72 5.48 -1.11
C SER A 48 12.55 6.98 -1.37
N SER A 49 13.49 7.55 -2.12
CA SER A 49 13.44 8.97 -2.46
C SER A 49 12.20 9.25 -3.32
N LYS A 50 11.79 8.24 -4.09
CA LYS A 50 10.62 8.39 -4.95
C LYS A 50 9.34 8.20 -4.13
N VAL A 51 9.01 6.94 -3.87
CA VAL A 51 7.81 6.62 -3.12
C VAL A 51 8.16 6.19 -1.70
N GLY A 52 7.18 6.26 -0.80
CA GLY A 52 7.42 5.86 0.58
C GLY A 52 7.30 4.35 0.74
N MET A 53 8.16 3.60 0.02
CA MET A 53 8.12 2.15 0.08
C MET A 53 9.19 1.64 1.05
N GLU A 54 8.76 1.12 2.20
CA GLU A 54 9.69 0.61 3.22
C GLU A 54 9.56 -0.90 3.33
N VAL A 55 10.69 -1.57 3.53
CA VAL A 55 10.71 -3.04 3.62
C VAL A 55 11.01 -3.51 5.05
N LYS A 56 10.15 -4.40 5.57
CA LYS A 56 10.31 -4.95 6.93
C LYS A 56 10.67 -6.43 6.87
N GLY A 57 11.38 -6.91 7.89
CA GLY A 57 11.76 -8.30 7.92
C GLY A 57 10.54 -9.20 7.89
N CYS A 58 9.50 -8.81 8.61
CA CYS A 58 8.27 -9.60 8.67
C CYS A 58 7.51 -9.52 7.34
N THR A 59 6.67 -8.49 7.20
CA THR A 59 5.89 -8.28 5.97
C THR A 59 6.40 -7.03 5.26
N ARG A 60 5.53 -6.28 4.61
CA ARG A 60 5.95 -5.07 3.89
C ARG A 60 4.89 -3.96 4.01
N ARG A 61 5.33 -2.69 3.91
CA ARG A 61 4.41 -1.55 4.03
C ARG A 61 4.59 -0.55 2.88
N LEU A 62 3.55 -0.38 2.07
CA LEU A 62 3.60 0.56 0.96
C LEU A 62 2.88 1.83 1.35
N VAL A 63 3.63 2.79 1.87
CA VAL A 63 3.03 4.06 2.31
C VAL A 63 3.38 5.20 1.35
N LEU A 64 2.34 5.97 1.01
CA LEU A 64 2.46 7.12 0.11
C LEU A 64 2.02 8.40 0.86
N PRO A 65 2.88 8.99 1.64
CA PRO A 65 2.54 10.21 2.43
C PRO A 65 2.48 11.50 1.58
N GLN A 66 1.78 11.43 0.46
CA GLN A 66 1.62 12.60 -0.42
C GLN A 66 0.88 12.17 -1.67
N ALA A 67 0.00 11.23 -1.49
CA ALA A 67 -0.81 10.69 -2.58
C ALA A 67 -1.18 11.81 -3.56
N GLY A 68 -0.55 11.79 -4.74
CA GLY A 68 -0.82 12.80 -5.77
C GLY A 68 -1.32 12.15 -7.07
N LYS A 69 -1.23 12.90 -8.16
CA LYS A 69 -1.69 12.43 -9.46
C LYS A 69 -1.00 11.13 -9.87
N ALA A 70 0.30 11.04 -9.58
CA ALA A 70 1.06 9.84 -9.95
C ALA A 70 0.65 8.66 -9.07
N ASP A 71 -0.11 8.96 -8.01
CA ASP A 71 -0.56 7.93 -7.07
C ASP A 71 -2.04 7.64 -7.27
N ALA A 72 -2.65 8.31 -8.24
CA ALA A 72 -4.08 8.13 -8.53
C ALA A 72 -4.33 6.81 -9.26
N GLY A 73 -5.50 6.21 -9.05
CA GLY A 73 -5.86 4.94 -9.72
C GLY A 73 -6.05 3.82 -8.69
N GLU A 74 -6.16 2.59 -9.21
CA GLU A 74 -6.37 1.42 -8.36
C GLU A 74 -5.03 0.79 -7.95
N TYR A 75 -5.02 0.15 -6.78
CA TYR A 75 -3.81 -0.53 -6.28
C TYR A 75 -4.12 -2.01 -6.11
N SER A 76 -3.28 -2.85 -6.72
CA SER A 76 -3.47 -4.31 -6.64
C SER A 76 -2.30 -4.99 -5.97
N CYS A 77 -2.63 -5.96 -5.11
CA CYS A 77 -1.62 -6.76 -4.39
C CYS A 77 -1.98 -8.24 -4.47
N GLU A 78 -1.04 -9.06 -4.92
CA GLU A 78 -1.29 -10.49 -5.00
C GLU A 78 -0.66 -11.20 -3.80
N ALA A 79 -1.49 -11.48 -2.79
CA ALA A 79 -1.02 -12.16 -1.57
C ALA A 79 -1.34 -13.65 -1.67
N GLY A 80 -0.78 -14.45 -0.76
CA GLY A 80 -1.02 -15.89 -0.83
C GLY A 80 -2.49 -16.23 -0.52
N GLY A 81 -3.32 -16.27 -1.57
CA GLY A 81 -4.75 -16.59 -1.42
C GLY A 81 -5.58 -15.35 -1.16
N GLN A 82 -4.94 -14.29 -0.68
CA GLN A 82 -5.63 -13.04 -0.38
C GLN A 82 -5.22 -11.96 -1.36
N ARG A 83 -5.90 -10.82 -1.30
CA ARG A 83 -5.60 -9.70 -2.19
C ARG A 83 -6.11 -8.40 -1.60
N VAL A 84 -5.43 -7.31 -1.95
CA VAL A 84 -5.82 -5.98 -1.47
C VAL A 84 -6.39 -5.16 -2.63
N SER A 85 -7.53 -4.50 -2.36
CA SER A 85 -8.19 -3.66 -3.36
C SER A 85 -8.42 -2.28 -2.74
N PHE A 86 -7.54 -1.34 -3.08
CA PHE A 86 -7.62 0.02 -2.54
C PHE A 86 -7.69 1.05 -3.65
N HIS A 87 -8.87 1.65 -3.80
CA HIS A 87 -9.09 2.68 -4.83
C HIS A 87 -9.02 4.07 -4.22
N LEU A 88 -8.09 4.91 -4.72
CA LEU A 88 -7.93 6.27 -4.19
C LEU A 88 -8.16 7.30 -5.29
N HIS A 89 -9.16 8.16 -5.12
CA HIS A 89 -9.41 9.21 -6.10
C HIS A 89 -8.63 10.45 -5.68
N ILE A 90 -7.37 10.49 -6.11
CA ILE A 90 -6.48 11.58 -5.76
C ILE A 90 -6.66 12.77 -6.68
N THR A 91 -6.80 13.94 -6.08
CA THR A 91 -6.98 15.16 -6.85
C THR A 91 -5.62 15.64 -7.39
N GLU A 92 -5.63 16.54 -8.41
CA GLU A 92 -4.38 17.03 -9.01
C GLU A 92 -4.17 18.56 -8.88
N PRO A 93 -4.93 19.30 -8.11
CA PRO A 93 -4.71 20.77 -8.01
C PRO A 93 -3.29 21.11 -7.52
N LEU A 94 -2.66 20.18 -6.79
CA LEU A 94 -1.32 20.44 -6.30
C LEU A 94 -0.36 20.58 -7.48
N GLU A 95 -0.51 19.71 -8.49
CA GLU A 95 0.35 19.77 -9.68
C GLU A 95 -0.11 18.79 -10.75
N MET A 1 2.84 -24.18 16.24
CA MET A 1 3.16 -22.98 15.40
C MET A 1 2.91 -21.71 16.20
N LYS A 2 3.19 -20.55 15.60
CA LYS A 2 2.99 -19.27 16.28
C LYS A 2 1.62 -18.70 15.93
N MET A 3 0.83 -18.37 16.96
CA MET A 3 -0.52 -17.81 16.77
C MET A 3 -0.52 -16.30 17.05
N MET A 4 0.64 -15.68 16.85
CA MET A 4 0.76 -14.23 17.09
C MET A 4 0.23 -13.46 15.89
N PHE A 5 -1.07 -13.21 15.86
CA PHE A 5 -1.68 -12.47 14.76
C PHE A 5 -1.72 -10.97 15.07
N ALA A 6 -1.12 -10.18 14.17
CA ALA A 6 -1.08 -8.74 14.35
C ALA A 6 -2.40 -8.11 13.93
N LYS A 7 -2.65 -6.90 14.44
CA LYS A 7 -3.86 -6.19 14.10
C LYS A 7 -4.01 -6.17 12.59
N GLU A 8 -5.22 -6.46 12.12
CA GLU A 8 -5.44 -6.51 10.69
C GLU A 8 -5.21 -5.15 10.02
N GLN A 9 -4.06 -5.04 9.36
CA GLN A 9 -3.67 -3.83 8.66
C GLN A 9 -3.95 -3.96 7.16
N SER A 10 -4.55 -5.07 6.75
CA SER A 10 -4.87 -5.30 5.34
C SER A 10 -6.22 -4.68 4.99
N VAL A 11 -6.27 -3.36 4.91
CA VAL A 11 -7.50 -2.67 4.60
C VAL A 11 -7.94 -2.86 3.15
N HIS A 12 -9.27 -2.95 2.98
CA HIS A 12 -9.89 -3.12 1.66
C HIS A 12 -11.10 -2.19 1.58
N ASN A 13 -11.05 -1.20 0.69
CA ASN A 13 -12.16 -0.27 0.55
C ASN A 13 -11.91 0.75 -0.57
N GLU A 14 -12.88 1.63 -0.77
CA GLU A 14 -12.80 2.67 -1.79
C GLU A 14 -12.85 4.04 -1.12
N VAL A 15 -11.76 4.80 -1.21
CA VAL A 15 -11.68 6.13 -0.58
C VAL A 15 -11.24 7.17 -1.63
N GLN A 16 -11.45 8.44 -1.31
CA GLN A 16 -11.08 9.55 -2.20
C GLN A 16 -10.27 10.60 -1.44
N ALA A 17 -9.05 10.84 -1.89
CA ALA A 17 -8.17 11.83 -1.25
C ALA A 17 -7.86 12.98 -2.21
N GLU A 18 -7.04 13.92 -1.73
CA GLU A 18 -6.65 15.09 -2.52
C GLU A 18 -5.24 14.93 -3.05
N ALA A 19 -4.67 16.00 -3.61
CA ALA A 19 -3.29 15.96 -4.12
C ALA A 19 -2.30 16.17 -2.99
N GLY A 20 -1.21 15.39 -2.99
CA GLY A 20 -0.21 15.53 -1.95
C GLY A 20 -0.73 14.94 -0.64
N ALA A 21 -1.94 14.40 -0.72
CA ALA A 21 -2.56 13.79 0.44
C ALA A 21 -1.78 12.54 0.83
N SER A 22 -1.87 12.15 2.10
CA SER A 22 -1.13 10.97 2.57
C SER A 22 -2.01 9.72 2.62
N ALA A 23 -1.91 8.86 1.61
CA ALA A 23 -2.69 7.63 1.60
C ALA A 23 -1.84 6.54 2.25
N MET A 24 -2.45 5.72 3.13
CA MET A 24 -1.68 4.67 3.84
C MET A 24 -2.34 3.29 3.75
N LEU A 25 -1.78 2.44 2.89
CA LEU A 25 -2.26 1.07 2.74
C LEU A 25 -1.20 0.15 3.31
N SER A 26 -1.59 -0.77 4.20
CA SER A 26 -0.63 -1.66 4.83
C SER A 26 -1.05 -3.13 4.69
N CYS A 27 -0.06 -4.01 4.72
CA CYS A 27 -0.30 -5.45 4.63
C CYS A 27 0.63 -6.18 5.60
N GLU A 28 0.06 -6.75 6.67
CA GLU A 28 0.87 -7.46 7.69
C GLU A 28 0.43 -8.91 7.88
N VAL A 29 1.28 -9.86 7.49
CA VAL A 29 1.00 -11.27 7.68
C VAL A 29 1.97 -11.82 8.73
N ALA A 30 1.41 -12.30 9.85
CA ALA A 30 2.23 -12.82 10.95
C ALA A 30 2.25 -14.34 10.95
N GLN A 31 1.22 -14.95 10.38
CA GLN A 31 1.15 -16.41 10.34
C GLN A 31 2.31 -16.98 9.53
N ALA A 32 2.00 -17.58 8.38
CA ALA A 32 3.03 -18.17 7.52
C ALA A 32 3.70 -17.09 6.68
N GLN A 33 4.19 -16.08 7.39
CA GLN A 33 4.87 -14.92 6.78
C GLN A 33 5.33 -15.16 5.34
N THR A 34 4.36 -15.21 4.42
CA THR A 34 4.64 -15.40 3.00
C THR A 34 4.78 -14.04 2.34
N GLU A 35 5.81 -13.89 1.51
CA GLU A 35 6.02 -12.63 0.83
C GLU A 35 4.89 -12.38 -0.16
N VAL A 36 4.43 -11.14 -0.24
CA VAL A 36 3.35 -10.79 -1.16
C VAL A 36 3.90 -9.90 -2.27
N THR A 37 3.58 -10.23 -3.53
CA THR A 37 4.07 -9.44 -4.65
C THR A 37 3.19 -8.20 -4.79
N TRP A 38 3.78 -7.04 -4.53
CA TRP A 38 3.04 -5.78 -4.58
C TRP A 38 3.22 -5.09 -5.94
N TYR A 39 2.09 -4.72 -6.58
CA TYR A 39 2.16 -4.00 -7.86
C TYR A 39 1.01 -3.01 -7.95
N LYS A 40 1.37 -1.74 -8.09
CA LYS A 40 0.39 -0.68 -8.20
C LYS A 40 0.23 -0.31 -9.66
N ASP A 41 -0.94 0.18 -10.04
CA ASP A 41 -1.17 0.57 -11.43
C ASP A 41 -0.52 1.92 -11.72
N GLY A 42 0.76 1.90 -12.16
CA GLY A 42 1.47 3.15 -12.51
C GLY A 42 2.64 3.45 -11.56
N LYS A 43 2.59 2.94 -10.32
CA LYS A 43 3.66 3.20 -9.34
C LYS A 43 4.48 1.95 -9.07
N LYS A 44 5.77 2.02 -9.44
CA LYS A 44 6.71 0.92 -9.24
C LYS A 44 7.50 1.16 -7.97
N LEU A 45 7.75 0.11 -7.19
CA LEU A 45 8.53 0.29 -5.96
C LEU A 45 10.01 0.38 -6.29
N SER A 46 10.55 1.57 -6.11
CA SER A 46 11.97 1.84 -6.37
C SER A 46 12.67 2.26 -5.08
N SER A 47 13.97 1.99 -4.96
CA SER A 47 14.73 2.36 -3.77
C SER A 47 15.21 3.81 -3.88
N SER A 48 14.30 4.74 -4.15
CA SER A 48 14.65 6.17 -4.28
C SER A 48 13.80 7.02 -3.34
N SER A 49 14.32 8.19 -3.00
CA SER A 49 13.61 9.12 -2.12
C SER A 49 12.34 9.64 -2.78
N LYS A 50 11.96 9.04 -3.92
CA LYS A 50 10.76 9.47 -4.65
C LYS A 50 9.51 8.91 -3.99
N VAL A 51 9.24 7.64 -4.24
CA VAL A 51 8.07 6.96 -3.67
C VAL A 51 8.39 6.52 -2.25
N GLY A 52 7.44 6.63 -1.33
CA GLY A 52 7.69 6.21 0.04
C GLY A 52 7.57 4.71 0.14
N MET A 53 8.67 4.01 -0.17
CA MET A 53 8.69 2.54 -0.11
C MET A 53 9.25 2.09 1.21
N GLU A 54 8.42 1.41 2.00
CA GLU A 54 8.83 0.91 3.31
C GLU A 54 8.68 -0.60 3.36
N VAL A 55 9.80 -1.30 3.46
CA VAL A 55 9.78 -2.77 3.52
C VAL A 55 10.07 -3.24 4.94
N LYS A 56 9.06 -3.83 5.55
CA LYS A 56 9.19 -4.36 6.91
C LYS A 56 9.86 -5.73 6.85
N GLY A 57 10.62 -6.07 7.88
CA GLY A 57 11.31 -7.35 7.94
C GLY A 57 10.33 -8.51 7.77
N CYS A 58 9.13 -8.32 8.28
CA CYS A 58 8.10 -9.34 8.21
C CYS A 58 7.37 -9.28 6.86
N THR A 59 6.48 -8.30 6.70
CA THR A 59 5.71 -8.16 5.46
C THR A 59 6.10 -6.89 4.67
N ARG A 60 5.11 -6.29 3.99
CA ARG A 60 5.36 -5.07 3.19
C ARG A 60 4.30 -4.00 3.42
N ARG A 61 4.73 -2.75 3.31
CA ARG A 61 3.84 -1.60 3.52
C ARG A 61 4.12 -0.48 2.51
N LEU A 62 3.07 -0.08 1.77
CA LEU A 62 3.19 1.00 0.80
C LEU A 62 2.79 2.32 1.47
N VAL A 63 3.73 3.25 1.54
CA VAL A 63 3.48 4.55 2.14
C VAL A 63 3.70 5.65 1.11
N LEU A 64 2.66 6.46 0.87
CA LEU A 64 2.74 7.56 -0.08
C LEU A 64 2.33 8.88 0.59
N PRO A 65 3.23 9.52 1.31
CA PRO A 65 2.94 10.80 2.02
C PRO A 65 2.86 12.00 1.06
N GLN A 66 2.19 11.81 -0.08
CA GLN A 66 2.05 12.89 -1.05
C GLN A 66 1.16 12.42 -2.22
N ALA A 67 0.21 11.54 -1.91
CA ALA A 67 -0.70 10.99 -2.92
C ALA A 67 -0.97 12.00 -4.02
N GLY A 68 -0.37 11.75 -5.19
CA GLY A 68 -0.51 12.65 -6.33
C GLY A 68 -1.15 11.93 -7.51
N LYS A 69 -1.19 12.59 -8.66
CA LYS A 69 -1.78 12.00 -9.84
C LYS A 69 -1.00 10.74 -10.24
N ALA A 70 0.31 10.81 -10.13
CA ALA A 70 1.17 9.69 -10.49
C ALA A 70 0.84 8.45 -9.65
N ASP A 71 0.52 8.67 -8.37
CA ASP A 71 0.20 7.56 -7.47
C ASP A 71 -1.29 7.28 -7.44
N ALA A 72 -2.04 8.05 -8.21
CA ALA A 72 -3.48 7.88 -8.27
C ALA A 72 -3.85 6.72 -9.18
N GLY A 73 -4.88 5.96 -8.79
CA GLY A 73 -5.30 4.82 -9.61
C GLY A 73 -5.78 3.66 -8.73
N GLU A 74 -5.68 2.44 -9.26
CA GLU A 74 -6.10 1.24 -8.54
C GLU A 74 -4.89 0.51 -7.98
N TYR A 75 -5.04 -0.05 -6.78
CA TYR A 75 -3.97 -0.81 -6.14
C TYR A 75 -4.35 -2.29 -6.10
N SER A 76 -3.44 -3.14 -6.58
CA SER A 76 -3.68 -4.58 -6.62
C SER A 76 -2.48 -5.35 -6.09
N CYS A 77 -2.63 -5.87 -4.87
CA CYS A 77 -1.59 -6.66 -4.24
C CYS A 77 -2.00 -8.12 -4.23
N GLU A 78 -1.13 -9.00 -4.71
CA GLU A 78 -1.45 -10.44 -4.75
C GLU A 78 -0.66 -11.18 -3.68
N ALA A 79 -1.32 -11.41 -2.53
CA ALA A 79 -0.70 -12.12 -1.42
C ALA A 79 -1.05 -13.60 -1.46
N GLY A 80 -0.15 -14.46 -0.99
CA GLY A 80 -0.40 -15.89 -1.01
C GLY A 80 -1.61 -16.24 -0.14
N GLY A 81 -2.80 -15.94 -0.66
CA GLY A 81 -4.03 -16.24 0.07
C GLY A 81 -5.11 -15.18 -0.15
N GLN A 82 -4.77 -13.91 0.11
CA GLN A 82 -5.73 -12.82 -0.04
C GLN A 82 -5.15 -11.73 -0.93
N ARG A 83 -5.87 -10.61 -1.07
CA ARG A 83 -5.39 -9.51 -1.89
C ARG A 83 -5.96 -8.19 -1.37
N VAL A 84 -5.26 -7.09 -1.62
CA VAL A 84 -5.70 -5.77 -1.17
C VAL A 84 -6.13 -4.92 -2.36
N SER A 85 -7.31 -4.33 -2.25
CA SER A 85 -7.85 -3.46 -3.28
C SER A 85 -8.09 -2.08 -2.68
N PHE A 86 -7.20 -1.13 -2.95
CA PHE A 86 -7.33 0.22 -2.40
C PHE A 86 -7.38 1.24 -3.53
N HIS A 87 -8.58 1.72 -3.82
CA HIS A 87 -8.75 2.71 -4.88
C HIS A 87 -8.73 4.11 -4.27
N LEU A 88 -7.85 4.98 -4.78
CA LEU A 88 -7.73 6.35 -4.25
C LEU A 88 -7.91 7.39 -5.37
N HIS A 89 -8.91 8.25 -5.21
CA HIS A 89 -9.18 9.32 -6.17
C HIS A 89 -8.47 10.59 -5.70
N ILE A 90 -7.30 10.83 -6.27
CA ILE A 90 -6.50 12.00 -5.89
C ILE A 90 -6.97 13.22 -6.68
N THR A 91 -7.17 14.35 -5.98
CA THR A 91 -7.63 15.58 -6.66
C THR A 91 -6.43 16.33 -7.22
N GLU A 92 -6.65 17.50 -7.85
CA GLU A 92 -5.56 18.27 -8.47
C GLU A 92 -5.31 19.68 -7.86
N PRO A 93 -5.69 19.96 -6.62
CA PRO A 93 -5.45 21.31 -6.04
C PRO A 93 -3.96 21.71 -6.08
N LEU A 94 -3.08 20.72 -5.94
CA LEU A 94 -1.64 20.96 -5.95
C LEU A 94 -1.02 20.42 -7.24
N GLU A 95 -0.72 19.12 -7.23
CA GLU A 95 -0.11 18.45 -8.39
C GLU A 95 -1.16 18.20 -9.47
N MET A 1 6.43 -17.24 14.80
CA MET A 1 5.97 -18.37 15.65
C MET A 1 5.14 -17.82 16.80
N LYS A 2 5.04 -16.50 16.87
CA LYS A 2 4.29 -15.83 17.92
C LYS A 2 2.83 -15.62 17.51
N MET A 3 1.92 -15.72 18.48
CA MET A 3 0.50 -15.52 18.20
C MET A 3 0.15 -14.03 18.25
N MET A 4 1.16 -13.19 18.03
CA MET A 4 0.95 -11.75 18.06
C MET A 4 0.41 -11.25 16.73
N PHE A 5 -0.90 -11.01 16.67
CA PHE A 5 -1.54 -10.53 15.46
C PHE A 5 -1.40 -9.02 15.35
N ALA A 6 -0.79 -8.54 14.27
CA ALA A 6 -0.60 -7.11 14.08
C ALA A 6 -1.92 -6.43 13.72
N LYS A 7 -2.03 -5.16 14.06
CA LYS A 7 -3.23 -4.41 13.76
C LYS A 7 -3.60 -4.57 12.28
N GLU A 8 -4.88 -4.77 12.04
CA GLU A 8 -5.37 -4.96 10.67
C GLU A 8 -4.98 -3.78 9.78
N GLN A 9 -3.85 -3.92 9.10
CA GLN A 9 -3.33 -2.87 8.20
C GLN A 9 -3.62 -3.21 6.74
N SER A 10 -4.22 -4.37 6.49
CA SER A 10 -4.54 -4.80 5.13
C SER A 10 -5.86 -4.19 4.66
N VAL A 11 -5.76 -3.08 3.94
CA VAL A 11 -6.93 -2.38 3.44
C VAL A 11 -7.57 -3.13 2.27
N HIS A 12 -8.90 -3.05 2.20
CA HIS A 12 -9.67 -3.71 1.14
C HIS A 12 -10.91 -2.90 0.81
N ASN A 13 -10.85 -1.59 1.02
CA ASN A 13 -12.00 -0.71 0.77
C ASN A 13 -11.68 0.39 -0.23
N GLU A 14 -12.73 1.13 -0.60
CA GLU A 14 -12.61 2.23 -1.56
C GLU A 14 -12.75 3.58 -0.86
N VAL A 15 -11.67 4.36 -0.86
CA VAL A 15 -11.67 5.67 -0.21
C VAL A 15 -11.10 6.74 -1.16
N GLN A 16 -11.49 7.99 -0.93
CA GLN A 16 -11.02 9.11 -1.76
C GLN A 16 -10.15 10.05 -0.95
N ALA A 17 -9.44 10.94 -1.63
CA ALA A 17 -8.57 11.91 -0.96
C ALA A 17 -8.19 13.05 -1.90
N GLU A 18 -7.42 14.01 -1.37
CA GLU A 18 -6.98 15.16 -2.16
C GLU A 18 -5.58 14.91 -2.71
N ALA A 19 -5.01 15.94 -3.33
CA ALA A 19 -3.67 15.86 -3.91
C ALA A 19 -2.61 16.11 -2.84
N GLY A 20 -1.47 15.41 -2.92
CA GLY A 20 -0.42 15.61 -1.93
C GLY A 20 -0.88 15.08 -0.59
N ALA A 21 -2.05 14.45 -0.59
CA ALA A 21 -2.60 13.88 0.62
C ALA A 21 -1.81 12.63 0.99
N SER A 22 -1.96 12.18 2.23
CA SER A 22 -1.24 11.00 2.69
C SER A 22 -2.13 9.77 2.68
N ALA A 23 -1.98 8.93 1.65
CA ALA A 23 -2.77 7.70 1.56
C ALA A 23 -1.98 6.55 2.17
N MET A 24 -2.67 5.72 2.95
CA MET A 24 -2.03 4.59 3.63
C MET A 24 -2.58 3.26 3.13
N LEU A 25 -1.73 2.48 2.48
CA LEU A 25 -2.11 1.17 1.94
C LEU A 25 -1.01 0.17 2.32
N SER A 26 -1.14 -0.45 3.50
CA SER A 26 -0.12 -1.39 3.98
C SER A 26 -0.64 -2.82 4.02
N CYS A 27 0.29 -3.77 3.90
CA CYS A 27 -0.04 -5.20 3.93
C CYS A 27 0.85 -5.92 4.94
N GLU A 28 0.22 -6.56 5.94
CA GLU A 28 0.96 -7.29 6.98
C GLU A 28 0.50 -8.73 7.06
N VAL A 29 1.46 -9.65 7.24
CA VAL A 29 1.13 -11.08 7.39
C VAL A 29 1.59 -11.55 8.76
N ALA A 30 0.66 -12.11 9.53
CA ALA A 30 0.97 -12.59 10.88
C ALA A 30 1.09 -14.11 10.89
N GLN A 31 0.97 -14.76 9.73
CA GLN A 31 1.05 -16.23 9.65
C GLN A 31 2.32 -16.69 8.92
N ALA A 32 2.14 -17.57 7.93
CA ALA A 32 3.24 -18.12 7.16
C ALA A 32 3.90 -17.05 6.28
N GLN A 33 4.36 -15.95 6.92
CA GLN A 33 5.00 -14.83 6.21
C GLN A 33 5.52 -15.21 4.82
N THR A 34 4.57 -15.30 3.88
CA THR A 34 4.87 -15.63 2.49
C THR A 34 5.04 -14.35 1.67
N GLU A 35 5.96 -14.35 0.71
CA GLU A 35 6.19 -13.17 -0.12
C GLU A 35 5.03 -12.95 -1.09
N VAL A 36 4.61 -11.70 -1.25
CA VAL A 36 3.49 -11.36 -2.12
C VAL A 36 3.95 -10.55 -3.34
N THR A 37 2.99 -10.24 -4.23
CA THR A 37 3.29 -9.46 -5.43
C THR A 37 2.86 -8.02 -5.20
N TRP A 38 3.82 -7.11 -5.28
CA TRP A 38 3.58 -5.69 -5.03
C TRP A 38 3.52 -4.87 -6.33
N TYR A 39 2.31 -4.57 -6.80
CA TYR A 39 2.17 -3.76 -8.02
C TYR A 39 0.98 -2.82 -7.92
N LYS A 40 1.28 -1.52 -7.95
CA LYS A 40 0.25 -0.48 -7.89
C LYS A 40 0.21 0.23 -9.23
N ASP A 41 -1.00 0.53 -9.70
CA ASP A 41 -1.17 1.18 -10.99
C ASP A 41 -0.53 2.57 -11.01
N GLY A 42 0.63 2.66 -11.64
CA GLY A 42 1.35 3.94 -11.78
C GLY A 42 2.56 4.03 -10.85
N LYS A 43 2.54 3.27 -9.75
CA LYS A 43 3.66 3.30 -8.78
C LYS A 43 4.37 1.95 -8.69
N LYS A 44 5.66 1.97 -9.01
CA LYS A 44 6.49 0.78 -8.96
C LYS A 44 7.39 0.84 -7.71
N LEU A 45 7.82 -0.33 -7.21
CA LEU A 45 8.69 -0.33 -6.04
C LEU A 45 10.13 -0.13 -6.47
N SER A 46 10.66 1.07 -6.19
CA SER A 46 12.03 1.43 -6.56
C SER A 46 12.88 1.68 -5.32
N SER A 47 12.82 2.90 -4.81
CA SER A 47 13.60 3.27 -3.62
C SER A 47 12.88 4.35 -2.84
N SER A 48 13.33 4.58 -1.61
CA SER A 48 12.72 5.58 -0.75
C SER A 48 12.75 6.97 -1.40
N SER A 49 13.80 7.23 -2.18
CA SER A 49 13.93 8.53 -2.84
C SER A 49 12.73 8.85 -3.71
N LYS A 50 12.16 7.83 -4.35
CA LYS A 50 10.99 8.04 -5.20
C LYS A 50 9.71 7.98 -4.39
N VAL A 51 9.33 6.77 -3.98
CA VAL A 51 8.11 6.56 -3.19
C VAL A 51 8.47 6.16 -1.76
N GLY A 52 7.50 6.26 -0.86
CA GLY A 52 7.77 5.92 0.55
C GLY A 52 7.53 4.45 0.84
N MET A 53 8.38 3.57 0.32
CA MET A 53 8.26 2.13 0.57
C MET A 53 9.20 1.71 1.70
N GLU A 54 8.62 1.17 2.77
CA GLU A 54 9.40 0.71 3.94
C GLU A 54 9.27 -0.80 4.11
N VAL A 55 10.29 -1.42 4.69
CA VAL A 55 10.27 -2.87 4.92
C VAL A 55 9.98 -3.16 6.39
N LYS A 56 9.00 -4.02 6.63
CA LYS A 56 8.62 -4.40 7.99
C LYS A 56 9.17 -5.80 8.27
N GLY A 57 9.39 -6.09 9.55
CA GLY A 57 9.93 -7.39 9.93
C GLY A 57 9.06 -8.51 9.38
N CYS A 58 7.75 -8.30 9.43
CA CYS A 58 6.80 -9.29 8.94
C CYS A 58 6.70 -9.26 7.42
N THR A 59 5.91 -8.31 6.89
CA THR A 59 5.72 -8.17 5.44
C THR A 59 6.28 -6.83 4.96
N ARG A 60 5.56 -6.17 4.04
CA ARG A 60 6.01 -4.88 3.49
C ARG A 60 4.89 -3.84 3.52
N ARG A 61 5.25 -2.56 3.59
CA ARG A 61 4.26 -1.47 3.65
C ARG A 61 4.50 -0.43 2.56
N LEU A 62 3.40 0.01 1.92
CA LEU A 62 3.43 1.02 0.87
C LEU A 62 2.80 2.31 1.38
N VAL A 63 3.63 3.33 1.59
CA VAL A 63 3.15 4.63 2.09
C VAL A 63 3.53 5.75 1.12
N LEU A 64 2.54 6.57 0.74
CA LEU A 64 2.76 7.70 -0.17
C LEU A 64 2.34 9.01 0.53
N PRO A 65 3.21 9.60 1.31
CA PRO A 65 2.89 10.86 2.05
C PRO A 65 2.78 12.08 1.14
N GLN A 66 2.13 11.91 -0.01
CA GLN A 66 1.93 13.00 -0.96
C GLN A 66 1.06 12.51 -2.12
N ALA A 67 0.18 11.57 -1.81
CA ALA A 67 -0.72 11.00 -2.79
C ALA A 67 -1.15 12.05 -3.82
N GLY A 68 -0.57 11.98 -5.02
CA GLY A 68 -0.89 12.93 -6.09
C GLY A 68 -1.47 12.23 -7.32
N LYS A 69 -1.44 12.93 -8.45
CA LYS A 69 -1.98 12.39 -9.69
C LYS A 69 -1.25 11.11 -10.08
N ALA A 70 0.06 11.11 -9.97
CA ALA A 70 0.85 9.94 -10.32
C ALA A 70 0.48 8.76 -9.43
N ASP A 71 -0.03 9.06 -8.24
CA ASP A 71 -0.42 8.02 -7.29
C ASP A 71 -1.90 7.67 -7.41
N ALA A 72 -2.62 8.35 -8.30
CA ALA A 72 -4.05 8.09 -8.48
C ALA A 72 -4.25 6.77 -9.22
N GLY A 73 -5.22 5.97 -8.78
CA GLY A 73 -5.51 4.69 -9.43
C GLY A 73 -5.88 3.63 -8.39
N GLU A 74 -5.84 2.36 -8.81
CA GLU A 74 -6.17 1.24 -7.92
C GLU A 74 -4.91 0.44 -7.59
N TYR A 75 -4.80 0.01 -6.33
CA TYR A 75 -3.65 -0.78 -5.87
C TYR A 75 -4.07 -2.24 -5.67
N SER A 76 -3.32 -3.15 -6.30
CA SER A 76 -3.60 -4.58 -6.20
C SER A 76 -2.36 -5.37 -5.82
N CYS A 77 -2.56 -6.36 -4.95
CA CYS A 77 -1.48 -7.22 -4.48
C CYS A 77 -1.98 -8.67 -4.42
N GLU A 78 -1.12 -9.62 -4.77
CA GLU A 78 -1.50 -11.03 -4.76
C GLU A 78 -0.69 -11.81 -3.72
N ALA A 79 -1.33 -12.09 -2.58
CA ALA A 79 -0.69 -12.84 -1.50
C ALA A 79 -1.11 -14.31 -1.55
N GLY A 80 -0.43 -15.13 -0.77
CA GLY A 80 -0.73 -16.57 -0.72
C GLY A 80 -2.22 -16.86 -0.94
N GLY A 81 -3.08 -15.93 -0.54
CA GLY A 81 -4.51 -16.13 -0.71
C GLY A 81 -5.29 -14.87 -0.34
N GLN A 82 -4.56 -13.82 0.07
CA GLN A 82 -5.17 -12.54 0.46
C GLN A 82 -4.70 -11.44 -0.47
N ARG A 83 -5.64 -10.65 -0.95
CA ARG A 83 -5.31 -9.56 -1.87
C ARG A 83 -5.73 -8.23 -1.28
N VAL A 84 -5.06 -7.16 -1.71
CA VAL A 84 -5.37 -5.83 -1.21
C VAL A 84 -6.04 -5.01 -2.31
N SER A 85 -7.18 -4.43 -1.95
CA SER A 85 -7.97 -3.58 -2.85
C SER A 85 -8.19 -2.23 -2.20
N PHE A 86 -7.38 -1.26 -2.61
CA PHE A 86 -7.47 0.10 -2.07
C PHE A 86 -7.51 1.10 -3.22
N HIS A 87 -8.70 1.68 -3.44
CA HIS A 87 -8.87 2.66 -4.52
C HIS A 87 -8.77 4.07 -3.96
N LEU A 88 -7.86 4.86 -4.54
CA LEU A 88 -7.64 6.23 -4.06
C LEU A 88 -7.93 7.24 -5.17
N HIS A 89 -8.98 8.04 -4.97
CA HIS A 89 -9.34 9.07 -5.93
C HIS A 89 -8.60 10.34 -5.55
N ILE A 90 -7.36 10.43 -6.00
CA ILE A 90 -6.52 11.57 -5.69
C ILE A 90 -6.84 12.76 -6.59
N THR A 91 -7.00 13.93 -5.98
CA THR A 91 -7.32 15.12 -6.75
C THR A 91 -6.06 15.60 -7.50
N GLU A 92 -6.23 16.54 -8.46
CA GLU A 92 -5.07 17.03 -9.24
C GLU A 92 -4.79 18.55 -9.13
N PRO A 93 -5.39 19.29 -8.22
CA PRO A 93 -5.09 20.75 -8.13
C PRO A 93 -3.59 21.01 -7.94
N LEU A 94 -2.90 20.07 -7.29
CA LEU A 94 -1.46 20.20 -7.07
C LEU A 94 -0.68 19.32 -8.05
N GLU A 95 0.26 19.92 -8.76
CA GLU A 95 1.07 19.18 -9.72
C GLU A 95 2.34 19.96 -10.08
N MET A 1 1.97 -21.07 13.46
CA MET A 1 2.52 -21.41 14.81
C MET A 1 2.39 -20.21 15.75
N LYS A 2 2.77 -19.03 15.27
CA LYS A 2 2.71 -17.81 16.10
C LYS A 2 1.31 -17.22 16.11
N MET A 3 0.79 -16.95 17.31
CA MET A 3 -0.56 -16.40 17.43
C MET A 3 -0.54 -14.89 17.67
N MET A 4 0.56 -14.23 17.34
CA MET A 4 0.65 -12.79 17.51
C MET A 4 0.03 -12.08 16.31
N PHE A 5 -1.29 -11.88 16.36
CA PHE A 5 -1.97 -11.20 15.25
C PHE A 5 -1.89 -9.69 15.43
N ALA A 6 -1.31 -9.01 14.46
CA ALA A 6 -1.16 -7.55 14.53
C ALA A 6 -2.44 -6.86 14.06
N LYS A 7 -2.48 -5.54 14.21
CA LYS A 7 -3.65 -4.77 13.80
C LYS A 7 -3.86 -4.96 12.30
N GLU A 8 -5.11 -5.21 11.91
CA GLU A 8 -5.45 -5.42 10.51
C GLU A 8 -5.02 -4.23 9.67
N GLN A 9 -3.79 -4.29 9.15
CA GLN A 9 -3.23 -3.22 8.32
C GLN A 9 -3.42 -3.52 6.82
N SER A 10 -4.07 -4.65 6.54
CA SER A 10 -4.32 -5.07 5.15
C SER A 10 -5.67 -4.53 4.67
N VAL A 11 -5.71 -3.27 4.24
CA VAL A 11 -6.97 -2.67 3.77
C VAL A 11 -7.55 -3.50 2.63
N HIS A 12 -8.68 -3.02 2.08
CA HIS A 12 -9.35 -3.71 0.98
C HIS A 12 -10.60 -2.95 0.58
N ASN A 13 -10.57 -1.63 0.76
CA ASN A 13 -11.72 -0.78 0.46
C ASN A 13 -11.32 0.41 -0.41
N GLU A 14 -12.33 1.17 -0.84
CA GLU A 14 -12.11 2.34 -1.68
C GLU A 14 -12.23 3.63 -0.89
N VAL A 15 -11.15 4.42 -0.88
CA VAL A 15 -11.14 5.69 -0.17
C VAL A 15 -10.72 6.81 -1.12
N GLN A 16 -11.01 8.05 -0.73
CA GLN A 16 -10.67 9.21 -1.57
C GLN A 16 -9.74 10.14 -0.81
N ALA A 17 -9.11 11.08 -1.51
CA ALA A 17 -8.22 12.03 -0.86
C ALA A 17 -7.94 13.24 -1.74
N GLU A 18 -7.08 14.12 -1.25
CA GLU A 18 -6.71 15.34 -1.99
C GLU A 18 -5.34 15.19 -2.62
N ALA A 19 -4.81 16.25 -3.20
CA ALA A 19 -3.48 16.19 -3.80
C ALA A 19 -2.43 16.47 -2.74
N GLY A 20 -1.38 15.66 -2.69
CA GLY A 20 -0.36 15.87 -1.67
C GLY A 20 -0.86 15.35 -0.33
N ALA A 21 -1.86 14.48 -0.41
CA ALA A 21 -2.49 13.91 0.78
C ALA A 21 -1.75 12.67 1.24
N SER A 22 -2.14 12.12 2.39
CA SER A 22 -1.48 10.93 2.90
C SER A 22 -2.32 9.67 2.69
N ALA A 23 -1.97 8.88 1.67
CA ALA A 23 -2.67 7.64 1.37
C ALA A 23 -1.88 6.48 1.98
N MET A 24 -2.57 5.63 2.74
CA MET A 24 -1.89 4.50 3.42
C MET A 24 -2.53 3.15 3.08
N LEU A 25 -1.72 2.27 2.49
CA LEU A 25 -2.16 0.92 2.14
C LEU A 25 -1.07 -0.06 2.57
N SER A 26 -1.16 -0.52 3.82
CA SER A 26 -0.16 -1.43 4.37
C SER A 26 -0.61 -2.88 4.29
N CYS A 27 0.33 -3.78 4.56
CA CYS A 27 0.06 -5.21 4.52
C CYS A 27 0.92 -5.94 5.56
N GLU A 28 0.27 -6.47 6.60
CA GLU A 28 0.96 -7.19 7.67
C GLU A 28 0.34 -8.59 7.84
N VAL A 29 1.18 -9.62 7.73
CA VAL A 29 0.72 -11.00 7.87
C VAL A 29 1.33 -11.59 9.12
N ALA A 30 0.48 -12.11 10.00
CA ALA A 30 0.94 -12.70 11.26
C ALA A 30 1.06 -14.21 11.20
N GLN A 31 0.57 -14.82 10.11
CA GLN A 31 0.64 -16.28 9.97
C GLN A 31 1.95 -16.69 9.30
N ALA A 32 1.86 -17.61 8.34
CA ALA A 32 3.02 -18.07 7.60
C ALA A 32 3.50 -16.95 6.69
N GLN A 33 3.74 -15.78 7.28
CA GLN A 33 4.18 -14.58 6.54
C GLN A 33 4.81 -14.88 5.19
N THR A 34 3.98 -15.21 4.19
CA THR A 34 4.47 -15.47 2.83
C THR A 34 4.75 -14.17 2.10
N GLU A 35 5.84 -14.14 1.33
CA GLU A 35 6.19 -12.94 0.57
C GLU A 35 5.12 -12.64 -0.48
N VAL A 36 4.58 -11.42 -0.44
CA VAL A 36 3.54 -11.00 -1.38
C VAL A 36 4.07 -9.99 -2.40
N THR A 37 3.80 -10.20 -3.69
CA THR A 37 4.27 -9.26 -4.70
C THR A 37 3.19 -8.20 -4.96
N TRP A 38 3.48 -6.94 -4.60
CA TRP A 38 2.52 -5.85 -4.79
C TRP A 38 2.93 -4.93 -5.95
N TYR A 39 1.93 -4.46 -6.68
CA TYR A 39 2.14 -3.56 -7.81
C TYR A 39 1.00 -2.56 -7.89
N LYS A 40 1.33 -1.28 -8.04
CA LYS A 40 0.32 -0.22 -8.13
C LYS A 40 0.27 0.28 -9.56
N ASP A 41 -0.90 0.75 -9.95
CA ASP A 41 -1.07 1.24 -11.32
C ASP A 41 -0.48 2.64 -11.49
N GLY A 42 0.65 2.72 -12.20
CA GLY A 42 1.30 4.01 -12.44
C GLY A 42 2.50 4.21 -11.52
N LYS A 43 2.57 3.40 -10.47
CA LYS A 43 3.68 3.50 -9.50
C LYS A 43 4.56 2.25 -9.58
N LYS A 44 5.82 2.46 -9.95
CA LYS A 44 6.79 1.38 -10.06
C LYS A 44 7.71 1.44 -8.84
N LEU A 45 7.91 0.31 -8.19
CA LEU A 45 8.77 0.29 -7.01
C LEU A 45 10.20 0.68 -7.38
N SER A 46 10.60 1.86 -6.94
CA SER A 46 11.94 2.38 -7.20
C SER A 46 12.71 2.60 -5.90
N SER A 47 14.04 2.55 -5.96
CA SER A 47 14.86 2.75 -4.77
C SER A 47 15.28 4.21 -4.69
N SER A 48 14.30 5.09 -4.45
CA SER A 48 14.56 6.52 -4.37
C SER A 48 13.57 7.21 -3.43
N SER A 49 13.75 8.52 -3.31
CA SER A 49 12.90 9.33 -2.45
C SER A 49 11.56 9.59 -3.14
N LYS A 50 11.32 8.87 -4.23
CA LYS A 50 10.08 9.02 -4.98
C LYS A 50 8.93 8.36 -4.23
N VAL A 51 8.85 7.04 -4.33
CA VAL A 51 7.82 6.28 -3.65
C VAL A 51 8.24 6.03 -2.21
N GLY A 52 7.27 6.09 -1.29
CA GLY A 52 7.58 5.88 0.13
C GLY A 52 7.31 4.44 0.57
N MET A 53 8.07 3.50 0.02
CA MET A 53 7.90 2.09 0.36
C MET A 53 8.89 1.67 1.46
N GLU A 54 8.36 1.03 2.51
CA GLU A 54 9.19 0.58 3.65
C GLU A 54 9.19 -0.93 3.75
N VAL A 55 10.38 -1.50 3.99
CA VAL A 55 10.54 -2.95 4.13
C VAL A 55 10.80 -3.31 5.60
N LYS A 56 9.98 -4.22 6.13
CA LYS A 56 10.11 -4.66 7.52
C LYS A 56 10.49 -6.13 7.56
N GLY A 57 11.14 -6.53 8.64
CA GLY A 57 11.56 -7.93 8.80
C GLY A 57 10.38 -8.88 8.63
N CYS A 58 9.23 -8.50 9.18
CA CYS A 58 8.04 -9.33 9.07
C CYS A 58 7.50 -9.29 7.64
N THR A 59 6.55 -8.38 7.39
CA THR A 59 5.97 -8.22 6.04
C THR A 59 6.44 -6.90 5.44
N ARG A 60 5.61 -6.29 4.56
CA ARG A 60 5.98 -5.02 3.92
C ARG A 60 4.74 -4.15 3.74
N ARG A 61 4.96 -2.84 3.67
CA ARG A 61 3.85 -1.90 3.48
C ARG A 61 4.28 -0.78 2.55
N LEU A 62 3.37 -0.37 1.68
CA LEU A 62 3.63 0.70 0.72
C LEU A 62 2.83 1.94 1.13
N VAL A 63 3.50 3.09 1.18
CA VAL A 63 2.82 4.33 1.58
C VAL A 63 3.38 5.57 0.87
N LEU A 64 2.46 6.43 0.39
CA LEU A 64 2.84 7.67 -0.30
C LEU A 64 2.29 8.86 0.50
N PRO A 65 3.05 9.36 1.45
CA PRO A 65 2.58 10.51 2.28
C PRO A 65 2.42 11.80 1.47
N GLN A 66 1.85 11.68 0.27
CA GLN A 66 1.61 12.85 -0.57
C GLN A 66 0.79 12.46 -1.81
N ALA A 67 -0.11 11.48 -1.65
CA ALA A 67 -0.98 11.03 -2.75
C ALA A 67 -1.29 12.19 -3.70
N GLY A 68 -0.71 12.13 -4.90
CA GLY A 68 -0.90 13.18 -5.90
C GLY A 68 -1.54 12.59 -7.16
N LYS A 69 -1.48 13.33 -8.24
CA LYS A 69 -2.05 12.86 -9.50
C LYS A 69 -1.35 11.60 -10.00
N ALA A 70 -0.02 11.57 -9.90
CA ALA A 70 0.73 10.41 -10.39
C ALA A 70 0.53 9.21 -9.48
N ASP A 71 -0.09 9.43 -8.33
CA ASP A 71 -0.34 8.34 -7.39
C ASP A 71 -1.78 7.83 -7.52
N ALA A 72 -2.59 8.53 -8.34
CA ALA A 72 -4.00 8.17 -8.53
C ALA A 72 -4.14 6.97 -9.45
N GLY A 73 -4.95 5.98 -9.03
CA GLY A 73 -5.14 4.78 -9.85
C GLY A 73 -5.67 3.61 -9.02
N GLU A 74 -5.67 2.42 -9.62
CA GLU A 74 -6.15 1.20 -8.96
C GLU A 74 -4.99 0.44 -8.31
N TYR A 75 -5.26 -0.20 -7.18
CA TYR A 75 -4.23 -0.96 -6.46
C TYR A 75 -4.55 -2.44 -6.42
N SER A 76 -3.67 -3.25 -7.02
CA SER A 76 -3.86 -4.70 -7.04
C SER A 76 -2.63 -5.40 -6.48
N CYS A 77 -2.83 -6.17 -5.39
CA CYS A 77 -1.73 -6.90 -4.74
C CYS A 77 -2.11 -8.36 -4.50
N GLU A 78 -1.17 -9.28 -4.77
CA GLU A 78 -1.44 -10.71 -4.59
C GLU A 78 -0.67 -11.25 -3.38
N ALA A 79 -1.41 -11.83 -2.45
CA ALA A 79 -0.83 -12.39 -1.22
C ALA A 79 -1.10 -13.90 -1.17
N GLY A 80 -0.50 -14.58 -0.21
CA GLY A 80 -0.67 -16.02 -0.09
C GLY A 80 -2.13 -16.40 0.16
N GLY A 81 -2.95 -16.36 -0.90
CA GLY A 81 -4.37 -16.73 -0.80
C GLY A 81 -5.26 -15.51 -0.56
N GLN A 82 -4.69 -14.44 -0.01
CA GLN A 82 -5.44 -13.21 0.25
C GLN A 82 -5.13 -12.16 -0.80
N ARG A 83 -5.93 -11.08 -0.84
CA ARG A 83 -5.71 -10.01 -1.82
C ARG A 83 -6.15 -8.67 -1.24
N VAL A 84 -5.50 -7.58 -1.67
CA VAL A 84 -5.85 -6.23 -1.20
C VAL A 84 -6.32 -5.35 -2.34
N SER A 85 -7.46 -4.69 -2.14
CA SER A 85 -8.01 -3.77 -3.14
C SER A 85 -8.12 -2.38 -2.53
N PHE A 86 -7.24 -1.46 -2.96
CA PHE A 86 -7.24 -0.08 -2.41
C PHE A 86 -7.33 0.93 -3.56
N HIS A 87 -8.54 1.45 -3.81
CA HIS A 87 -8.75 2.42 -4.89
C HIS A 87 -8.66 3.84 -4.34
N LEU A 88 -7.88 4.70 -5.00
CA LEU A 88 -7.70 6.09 -4.53
C LEU A 88 -8.04 7.10 -5.62
N HIS A 89 -9.05 7.92 -5.34
CA HIS A 89 -9.43 8.99 -6.26
C HIS A 89 -8.81 10.29 -5.74
N ILE A 90 -7.57 10.56 -6.13
CA ILE A 90 -6.86 11.74 -5.64
C ILE A 90 -7.20 12.96 -6.49
N THR A 91 -6.99 14.13 -5.90
CA THR A 91 -7.26 15.39 -6.57
C THR A 91 -6.00 15.86 -7.32
N GLU A 92 -6.15 16.81 -8.27
CA GLU A 92 -5.01 17.28 -9.08
C GLU A 92 -4.68 18.80 -8.94
N PRO A 93 -5.27 19.56 -8.03
CA PRO A 93 -4.94 21.02 -7.93
C PRO A 93 -3.44 21.26 -7.69
N LEU A 94 -2.78 20.32 -7.01
CA LEU A 94 -1.36 20.45 -6.74
C LEU A 94 -0.57 19.49 -7.63
N GLU A 95 -1.28 18.79 -8.51
CA GLU A 95 -0.64 17.83 -9.40
C GLU A 95 0.19 16.82 -8.60
N MET A 1 6.12 -21.17 17.97
CA MET A 1 5.21 -20.44 17.05
C MET A 1 4.30 -19.54 17.89
N LYS A 2 4.29 -18.24 17.55
CA LYS A 2 3.46 -17.28 18.28
C LYS A 2 2.11 -17.07 17.61
N MET A 3 1.04 -17.16 18.41
CA MET A 3 -0.30 -16.99 17.89
C MET A 3 -0.71 -15.52 17.92
N MET A 4 0.29 -14.65 18.06
CA MET A 4 0.05 -13.20 18.11
C MET A 4 -0.21 -12.64 16.72
N PHE A 5 -1.49 -12.42 16.43
CA PHE A 5 -1.91 -11.92 15.14
C PHE A 5 -2.07 -10.41 15.13
N ALA A 6 -1.31 -9.73 14.27
CA ALA A 6 -1.37 -8.28 14.16
C ALA A 6 -2.72 -7.83 13.60
N LYS A 7 -3.14 -6.62 13.98
CA LYS A 7 -4.39 -6.08 13.51
C LYS A 7 -4.36 -5.97 12.00
N GLU A 8 -5.44 -6.40 11.40
CA GLU A 8 -5.53 -6.37 9.95
C GLU A 8 -5.27 -4.95 9.44
N GLN A 9 -4.02 -4.71 9.06
CA GLN A 9 -3.62 -3.42 8.54
C GLN A 9 -3.78 -3.46 7.02
N SER A 10 -4.28 -4.60 6.53
CA SER A 10 -4.53 -4.81 5.11
C SER A 10 -5.83 -4.13 4.72
N VAL A 11 -5.74 -2.84 4.40
CA VAL A 11 -6.93 -2.08 4.04
C VAL A 11 -7.57 -2.60 2.75
N HIS A 12 -8.91 -2.57 2.74
CA HIS A 12 -9.68 -3.02 1.59
C HIS A 12 -10.95 -2.19 1.48
N ASN A 13 -10.87 -1.12 0.71
CA ASN A 13 -12.02 -0.23 0.52
C ASN A 13 -11.67 0.85 -0.50
N GLU A 14 -12.69 1.61 -0.90
CA GLU A 14 -12.51 2.70 -1.87
C GLU A 14 -12.74 4.05 -1.19
N VAL A 15 -11.68 4.87 -1.15
CA VAL A 15 -11.78 6.21 -0.54
C VAL A 15 -11.12 7.23 -1.45
N GLN A 16 -11.60 8.48 -1.40
CA GLN A 16 -11.05 9.56 -2.25
C GLN A 16 -10.21 10.50 -1.39
N ALA A 17 -9.21 11.12 -2.03
CA ALA A 17 -8.32 12.05 -1.33
C ALA A 17 -7.83 13.12 -2.32
N GLU A 18 -7.24 14.20 -1.82
CA GLU A 18 -6.76 15.28 -2.69
C GLU A 18 -5.33 14.97 -3.17
N ALA A 19 -4.70 15.92 -3.87
CA ALA A 19 -3.34 15.72 -4.37
C ALA A 19 -2.34 16.02 -3.26
N GLY A 20 -1.25 15.27 -3.18
CA GLY A 20 -0.28 15.52 -2.12
C GLY A 20 -0.85 15.04 -0.80
N ALA A 21 -1.85 14.16 -0.90
CA ALA A 21 -2.52 13.62 0.29
C ALA A 21 -1.73 12.45 0.87
N SER A 22 -2.22 11.93 2.00
CA SER A 22 -1.54 10.82 2.67
C SER A 22 -2.39 9.55 2.66
N ALA A 23 -2.11 8.66 1.71
CA ALA A 23 -2.83 7.39 1.61
C ALA A 23 -2.06 6.29 2.34
N MET A 24 -2.77 5.49 3.11
CA MET A 24 -2.15 4.40 3.90
C MET A 24 -2.66 3.00 3.52
N LEU A 25 -1.80 2.23 2.83
CA LEU A 25 -2.14 0.86 2.43
C LEU A 25 -0.97 -0.07 2.79
N SER A 26 -1.01 -0.70 3.99
CA SER A 26 0.08 -1.60 4.40
C SER A 26 -0.46 -3.00 4.67
N CYS A 27 0.40 -4.00 4.47
CA CYS A 27 0.01 -5.41 4.68
C CYS A 27 0.88 -6.05 5.74
N GLU A 28 0.24 -6.57 6.80
CA GLU A 28 0.95 -7.23 7.91
C GLU A 28 0.52 -8.69 8.01
N VAL A 29 1.48 -9.61 7.93
CA VAL A 29 1.20 -11.04 8.06
C VAL A 29 1.98 -11.58 9.25
N ALA A 30 1.29 -12.19 10.21
CA ALA A 30 1.93 -12.73 11.40
C ALA A 30 2.02 -14.25 11.32
N GLN A 31 1.69 -14.78 10.15
CA GLN A 31 1.72 -16.23 9.95
C GLN A 31 2.91 -16.65 9.07
N ALA A 32 2.62 -17.40 8.02
CA ALA A 32 3.66 -17.88 7.12
C ALA A 32 4.11 -16.79 6.18
N GLN A 33 4.44 -15.64 6.75
CA GLN A 33 4.89 -14.47 5.98
C GLN A 33 5.40 -14.80 4.59
N THR A 34 4.47 -15.08 3.67
CA THR A 34 4.83 -15.39 2.29
C THR A 34 4.86 -14.12 1.47
N GLU A 35 5.90 -13.98 0.64
CA GLU A 35 6.03 -12.80 -0.19
C GLU A 35 4.88 -12.75 -1.19
N VAL A 36 4.37 -11.55 -1.43
CA VAL A 36 3.26 -11.33 -2.33
C VAL A 36 3.67 -10.41 -3.47
N THR A 37 2.90 -10.41 -4.54
CA THR A 37 3.19 -9.55 -5.68
C THR A 37 2.68 -8.14 -5.41
N TRP A 38 3.55 -7.15 -5.59
CA TRP A 38 3.21 -5.75 -5.34
C TRP A 38 3.21 -4.95 -6.64
N TYR A 39 2.02 -4.62 -7.16
CA TYR A 39 1.93 -3.83 -8.38
C TYR A 39 0.77 -2.84 -8.28
N LYS A 40 1.11 -1.54 -8.28
CA LYS A 40 0.11 -0.48 -8.17
C LYS A 40 -0.14 0.13 -9.55
N ASP A 41 -0.99 1.15 -9.56
CA ASP A 41 -1.30 1.84 -10.80
C ASP A 41 -0.21 2.85 -11.12
N GLY A 42 0.83 2.41 -11.80
CA GLY A 42 1.93 3.31 -12.18
C GLY A 42 3.01 3.35 -11.10
N LYS A 43 2.63 3.15 -9.84
CA LYS A 43 3.62 3.21 -8.76
C LYS A 43 4.43 1.89 -8.69
N LYS A 44 5.70 1.99 -9.09
CA LYS A 44 6.61 0.85 -9.05
C LYS A 44 7.59 1.02 -7.90
N LEU A 45 7.77 -0.02 -7.12
CA LEU A 45 8.68 0.06 -5.97
C LEU A 45 10.12 0.33 -6.44
N SER A 46 10.59 1.54 -6.16
CA SER A 46 11.95 1.97 -6.50
C SER A 46 12.71 2.33 -5.23
N SER A 47 13.42 3.46 -5.27
CA SER A 47 14.17 3.92 -4.10
C SER A 47 13.25 4.64 -3.15
N SER A 48 13.74 4.86 -1.93
CA SER A 48 12.95 5.54 -0.91
C SER A 48 12.91 7.06 -1.17
N SER A 49 13.90 7.58 -1.90
CA SER A 49 13.93 9.01 -2.20
C SER A 49 12.70 9.40 -3.03
N LYS A 50 12.26 8.48 -3.87
CA LYS A 50 11.08 8.74 -4.71
C LYS A 50 9.80 8.66 -3.89
N VAL A 51 9.27 7.45 -3.73
CA VAL A 51 8.05 7.23 -2.97
C VAL A 51 8.39 6.76 -1.56
N GLY A 52 7.39 6.69 -0.68
CA GLY A 52 7.65 6.28 0.70
C GLY A 52 7.46 4.78 0.87
N MET A 53 8.39 4.00 0.33
CA MET A 53 8.33 2.54 0.45
C MET A 53 9.28 2.06 1.53
N GLU A 54 8.73 1.45 2.58
CA GLU A 54 9.53 0.95 3.70
C GLU A 54 9.43 -0.56 3.77
N VAL A 55 10.57 -1.22 3.98
CA VAL A 55 10.62 -2.69 4.07
C VAL A 55 11.02 -3.15 5.47
N LYS A 56 10.24 -4.08 6.03
CA LYS A 56 10.50 -4.62 7.38
C LYS A 56 10.72 -6.13 7.30
N GLY A 57 11.66 -6.64 8.10
CA GLY A 57 11.95 -8.07 8.10
C GLY A 57 10.67 -8.91 8.00
N CYS A 58 9.58 -8.41 8.58
CA CYS A 58 8.30 -9.12 8.54
C CYS A 58 7.69 -9.05 7.13
N THR A 59 6.74 -8.14 6.96
CA THR A 59 6.07 -7.96 5.67
C THR A 59 6.49 -6.63 5.03
N ARG A 60 5.55 -5.94 4.37
CA ARG A 60 5.86 -4.66 3.71
C ARG A 60 4.83 -3.59 4.04
N ARG A 61 5.27 -2.33 3.99
CA ARG A 61 4.42 -1.19 4.29
C ARG A 61 4.48 -0.18 3.14
N LEU A 62 3.33 0.18 2.58
CA LEU A 62 3.30 1.15 1.48
C LEU A 62 2.84 2.51 2.00
N VAL A 63 3.80 3.39 2.27
CA VAL A 63 3.50 4.72 2.80
C VAL A 63 3.66 5.81 1.73
N LEU A 64 2.55 6.48 1.42
CA LEU A 64 2.53 7.56 0.44
C LEU A 64 1.98 8.84 1.10
N PRO A 65 2.81 9.57 1.82
CA PRO A 65 2.37 10.81 2.54
C PRO A 65 2.06 11.97 1.60
N GLN A 66 2.01 11.71 0.29
CA GLN A 66 1.71 12.77 -0.68
C GLN A 66 1.01 12.20 -1.91
N ALA A 67 0.19 11.18 -1.69
CA ALA A 67 -0.56 10.54 -2.77
C ALA A 67 -0.96 11.57 -3.84
N GLY A 68 -0.30 11.51 -5.00
CA GLY A 68 -0.60 12.45 -6.09
C GLY A 68 -1.16 11.74 -7.31
N LYS A 69 -1.07 12.43 -8.45
CA LYS A 69 -1.60 11.91 -9.71
C LYS A 69 -0.92 10.60 -10.11
N ALA A 70 0.38 10.49 -9.85
CA ALA A 70 1.13 9.28 -10.18
C ALA A 70 0.59 8.07 -9.42
N ASP A 71 0.13 8.32 -8.19
CA ASP A 71 -0.41 7.26 -7.34
C ASP A 71 -1.93 7.07 -7.55
N ALA A 72 -2.49 7.83 -8.48
CA ALA A 72 -3.93 7.76 -8.78
C ALA A 72 -4.28 6.45 -9.46
N GLY A 73 -5.51 5.98 -9.23
CA GLY A 73 -5.97 4.73 -9.85
C GLY A 73 -6.27 3.67 -8.80
N GLU A 74 -6.22 2.40 -9.21
CA GLU A 74 -6.49 1.28 -8.30
C GLU A 74 -5.19 0.57 -7.93
N TYR A 75 -5.19 -0.07 -6.74
CA TYR A 75 -4.01 -0.81 -6.25
C TYR A 75 -4.38 -2.28 -6.12
N SER A 76 -3.64 -3.15 -6.82
CA SER A 76 -3.92 -4.58 -6.78
C SER A 76 -2.70 -5.39 -6.33
N CYS A 77 -2.92 -6.24 -5.33
CA CYS A 77 -1.87 -7.10 -4.80
C CYS A 77 -2.41 -8.50 -4.55
N GLU A 78 -1.65 -9.50 -5.01
CA GLU A 78 -2.04 -10.91 -4.85
C GLU A 78 -1.21 -11.57 -3.76
N ALA A 79 -1.85 -11.81 -2.62
CA ALA A 79 -1.21 -12.44 -1.47
C ALA A 79 -1.65 -13.91 -1.38
N GLY A 80 -0.86 -14.71 -0.69
CA GLY A 80 -1.20 -16.13 -0.56
C GLY A 80 -2.45 -16.30 0.30
N GLY A 81 -3.62 -16.17 -0.33
CA GLY A 81 -4.90 -16.33 0.39
C GLY A 81 -5.63 -14.99 0.58
N GLN A 82 -4.87 -13.89 0.71
CA GLN A 82 -5.48 -12.57 0.93
C GLN A 82 -5.35 -11.68 -0.31
N ARG A 83 -6.04 -10.53 -0.29
CA ARG A 83 -5.99 -9.59 -1.42
C ARG A 83 -6.29 -8.18 -0.94
N VAL A 84 -5.53 -7.20 -1.46
CA VAL A 84 -5.72 -5.80 -1.08
C VAL A 84 -6.22 -4.99 -2.29
N SER A 85 -7.33 -4.29 -2.07
CA SER A 85 -7.94 -3.42 -3.10
C SER A 85 -8.19 -2.05 -2.49
N PHE A 86 -7.35 -1.08 -2.87
CA PHE A 86 -7.47 0.28 -2.34
C PHE A 86 -7.53 1.28 -3.49
N HIS A 87 -8.73 1.74 -3.81
CA HIS A 87 -8.90 2.71 -4.89
C HIS A 87 -8.79 4.10 -4.31
N LEU A 88 -7.94 4.93 -4.91
CA LEU A 88 -7.73 6.28 -4.40
C LEU A 88 -7.94 7.31 -5.50
N HIS A 89 -9.02 8.07 -5.38
CA HIS A 89 -9.30 9.12 -6.35
C HIS A 89 -8.49 10.35 -5.95
N ILE A 90 -7.22 10.36 -6.37
CA ILE A 90 -6.30 11.46 -6.05
C ILE A 90 -6.44 12.58 -7.06
N THR A 91 -6.45 13.81 -6.57
CA THR A 91 -6.59 14.97 -7.45
C THR A 91 -5.23 15.31 -8.06
N GLU A 92 -5.22 16.07 -9.17
CA GLU A 92 -3.96 16.41 -9.85
C GLU A 92 -3.64 17.91 -9.97
N PRO A 93 -4.32 18.81 -9.31
CA PRO A 93 -3.97 20.26 -9.45
C PRO A 93 -2.53 20.56 -9.00
N LEU A 94 -1.96 19.69 -8.16
CA LEU A 94 -0.58 19.93 -7.69
C LEU A 94 0.39 19.88 -8.88
N GLU A 95 0.16 18.93 -9.77
CA GLU A 95 1.02 18.76 -10.95
C GLU A 95 1.27 20.12 -11.61
N MET A 1 2.73 -22.18 16.83
CA MET A 1 2.55 -20.90 16.09
C MET A 1 1.89 -19.88 17.02
N LYS A 2 2.08 -18.59 16.73
CA LYS A 2 1.52 -17.53 17.56
C LYS A 2 0.12 -17.15 17.09
N MET A 3 -0.75 -16.82 18.04
CA MET A 3 -2.13 -16.41 17.72
C MET A 3 -2.21 -14.89 17.70
N MET A 4 -1.06 -14.25 17.90
CA MET A 4 -0.99 -12.79 17.92
C MET A 4 -0.95 -12.24 16.49
N PHE A 5 -2.13 -12.07 15.90
CA PHE A 5 -2.23 -11.55 14.55
C PHE A 5 -2.05 -10.04 14.55
N ALA A 6 -1.30 -9.52 13.58
CA ALA A 6 -1.07 -8.10 13.50
C ALA A 6 -2.40 -7.37 13.34
N LYS A 7 -2.45 -6.12 13.79
CA LYS A 7 -3.68 -5.35 13.70
C LYS A 7 -4.18 -5.35 12.26
N GLU A 8 -5.47 -5.63 12.10
CA GLU A 8 -6.06 -5.66 10.77
C GLU A 8 -5.84 -4.34 10.07
N GLN A 9 -4.69 -4.21 9.42
CA GLN A 9 -4.33 -2.99 8.70
C GLN A 9 -4.28 -3.26 7.20
N SER A 10 -4.91 -4.37 6.79
CA SER A 10 -4.94 -4.76 5.39
C SER A 10 -6.12 -4.08 4.67
N VAL A 11 -5.88 -2.87 4.17
CA VAL A 11 -6.93 -2.14 3.47
C VAL A 11 -7.41 -2.93 2.25
N HIS A 12 -8.71 -2.85 1.99
CA HIS A 12 -9.31 -3.58 0.86
C HIS A 12 -10.60 -2.91 0.42
N ASN A 13 -10.71 -1.61 0.68
CA ASN A 13 -11.91 -0.85 0.32
C ASN A 13 -11.56 0.35 -0.56
N GLU A 14 -12.60 1.10 -0.95
CA GLU A 14 -12.42 2.27 -1.81
C GLU A 14 -12.57 3.57 -1.02
N VAL A 15 -11.52 4.39 -1.05
CA VAL A 15 -11.52 5.68 -0.35
C VAL A 15 -11.02 6.79 -1.27
N GLN A 16 -11.40 8.04 -0.95
CA GLN A 16 -11.00 9.19 -1.75
C GLN A 16 -10.10 10.13 -0.95
N ALA A 17 -9.50 11.10 -1.64
CA ALA A 17 -8.60 12.05 -0.99
C ALA A 17 -8.29 13.22 -1.95
N GLU A 18 -7.39 14.11 -1.52
CA GLU A 18 -7.03 15.27 -2.33
C GLU A 18 -5.64 15.08 -2.95
N ALA A 19 -5.11 16.15 -3.54
CA ALA A 19 -3.78 16.10 -4.16
C ALA A 19 -2.73 16.29 -3.07
N GLY A 20 -1.65 15.53 -3.12
CA GLY A 20 -0.64 15.67 -2.09
C GLY A 20 -1.17 15.16 -0.77
N ALA A 21 -2.30 14.45 -0.84
CA ALA A 21 -2.93 13.90 0.35
C ALA A 21 -2.09 12.78 0.92
N SER A 22 -2.32 12.48 2.20
CA SER A 22 -1.58 11.43 2.88
C SER A 22 -2.30 10.10 2.78
N ALA A 23 -1.84 9.25 1.85
CA ALA A 23 -2.42 7.92 1.67
C ALA A 23 -1.58 6.94 2.48
N MET A 24 -2.21 5.94 3.08
CA MET A 24 -1.45 4.99 3.90
C MET A 24 -2.01 3.58 3.93
N LEU A 25 -1.49 2.72 3.05
CA LEU A 25 -1.90 1.31 3.00
C LEU A 25 -0.85 0.46 3.70
N SER A 26 -1.30 -0.64 4.29
CA SER A 26 -0.40 -1.55 5.00
C SER A 26 -0.79 -3.00 4.78
N CYS A 27 0.22 -3.87 4.74
CA CYS A 27 -0.01 -5.30 4.58
C CYS A 27 1.02 -6.05 5.40
N GLU A 28 0.59 -6.52 6.57
CA GLU A 28 1.46 -7.25 7.49
C GLU A 28 0.97 -8.68 7.65
N VAL A 29 1.90 -9.62 7.48
CA VAL A 29 1.57 -11.03 7.62
C VAL A 29 2.13 -11.52 8.95
N ALA A 30 1.24 -12.01 9.80
CA ALA A 30 1.61 -12.47 11.14
C ALA A 30 1.66 -14.00 11.27
N GLN A 31 1.55 -14.72 10.15
CA GLN A 31 1.57 -16.20 10.20
C GLN A 31 2.62 -16.79 9.26
N ALA A 32 2.16 -17.60 8.31
CA ALA A 32 3.04 -18.26 7.34
C ALA A 32 3.72 -17.25 6.42
N GLN A 33 4.43 -16.30 7.03
CA GLN A 33 5.14 -15.23 6.31
C GLN A 33 5.37 -15.52 4.83
N THR A 34 4.30 -15.39 4.05
CA THR A 34 4.37 -15.61 2.60
C THR A 34 4.64 -14.29 1.90
N GLU A 35 5.56 -14.29 0.94
CA GLU A 35 5.87 -13.07 0.22
C GLU A 35 4.72 -12.72 -0.72
N VAL A 36 4.40 -11.42 -0.78
CA VAL A 36 3.30 -10.94 -1.62
C VAL A 36 3.82 -9.99 -2.70
N THR A 37 3.37 -10.22 -3.93
CA THR A 37 3.80 -9.37 -5.05
C THR A 37 3.11 -8.01 -4.96
N TRP A 38 3.88 -6.96 -5.20
CA TRP A 38 3.36 -5.59 -5.13
C TRP A 38 3.29 -4.95 -6.52
N TYR A 39 2.08 -4.54 -6.91
CA TYR A 39 1.88 -3.89 -8.20
C TYR A 39 0.79 -2.84 -8.08
N LYS A 40 1.11 -1.61 -8.46
CA LYS A 40 0.15 -0.51 -8.40
C LYS A 40 -0.08 0.04 -9.80
N ASP A 41 -1.14 0.80 -9.97
CA ASP A 41 -1.46 1.36 -11.28
C ASP A 41 -0.61 2.58 -11.60
N GLY A 42 0.55 2.34 -12.22
CA GLY A 42 1.44 3.42 -12.62
C GLY A 42 2.56 3.65 -11.60
N LYS A 43 2.27 3.38 -10.32
CA LYS A 43 3.27 3.55 -9.28
C LYS A 43 4.12 2.30 -9.16
N LYS A 44 5.38 2.40 -9.57
CA LYS A 44 6.32 1.29 -9.49
C LYS A 44 7.29 1.54 -8.35
N LEU A 45 7.21 0.73 -7.29
CA LEU A 45 8.12 0.95 -6.15
C LEU A 45 9.48 0.31 -6.40
N SER A 46 10.52 1.14 -6.21
CA SER A 46 11.91 0.71 -6.40
C SER A 46 12.70 0.82 -5.10
N SER A 47 12.72 2.04 -4.55
CA SER A 47 13.42 2.31 -3.30
C SER A 47 12.69 3.40 -2.54
N SER A 48 13.10 3.68 -1.31
CA SER A 48 12.43 4.70 -0.51
C SER A 48 12.87 6.10 -0.96
N SER A 49 13.90 6.17 -1.79
CA SER A 49 14.38 7.46 -2.27
C SER A 49 13.30 8.20 -3.05
N LYS A 50 12.59 7.48 -3.91
CA LYS A 50 11.53 8.08 -4.72
C LYS A 50 10.19 8.03 -3.97
N VAL A 51 9.60 6.85 -3.91
CA VAL A 51 8.32 6.66 -3.23
C VAL A 51 8.57 6.34 -1.76
N GLY A 52 7.55 6.44 -0.93
CA GLY A 52 7.72 6.19 0.50
C GLY A 52 7.33 4.76 0.89
N MET A 53 7.98 3.75 0.31
CA MET A 53 7.69 2.37 0.69
C MET A 53 8.74 1.88 1.69
N GLU A 54 8.28 1.35 2.82
CA GLU A 54 9.19 0.86 3.85
C GLU A 54 9.27 -0.66 3.79
N VAL A 55 10.43 -1.22 4.12
CA VAL A 55 10.62 -2.68 4.08
C VAL A 55 10.84 -3.24 5.48
N LYS A 56 10.10 -4.32 5.80
CA LYS A 56 10.21 -4.96 7.11
C LYS A 56 10.63 -6.41 6.95
N GLY A 57 11.28 -6.96 7.99
CA GLY A 57 11.71 -8.34 7.94
C GLY A 57 10.55 -9.26 7.57
N CYS A 58 9.38 -8.97 8.13
CA CYS A 58 8.19 -9.75 7.84
C CYS A 58 7.66 -9.41 6.45
N THR A 59 6.74 -8.45 6.40
CA THR A 59 6.16 -8.00 5.12
C THR A 59 6.57 -6.55 4.86
N ARG A 60 5.67 -5.74 4.31
CA ARG A 60 6.00 -4.34 4.03
C ARG A 60 4.74 -3.46 3.92
N ARG A 61 4.96 -2.14 3.95
CA ARG A 61 3.85 -1.18 3.87
C ARG A 61 4.15 -0.12 2.80
N LEU A 62 3.10 0.30 2.08
CA LEU A 62 3.23 1.30 1.03
C LEU A 62 2.77 2.66 1.57
N VAL A 63 3.73 3.54 1.88
CA VAL A 63 3.40 4.87 2.43
C VAL A 63 3.67 5.96 1.37
N LEU A 64 2.63 6.71 1.03
CA LEU A 64 2.72 7.79 0.03
C LEU A 64 2.21 9.10 0.64
N PRO A 65 3.04 9.81 1.39
CA PRO A 65 2.63 11.08 2.05
C PRO A 65 2.47 12.28 1.08
N GLN A 66 1.85 12.06 -0.09
CA GLN A 66 1.66 13.14 -1.05
C GLN A 66 0.84 12.65 -2.25
N ALA A 67 -0.07 11.71 -1.98
CA ALA A 67 -0.90 11.13 -3.04
C ALA A 67 -1.19 12.15 -4.15
N GLY A 68 -0.47 11.99 -5.27
CA GLY A 68 -0.61 12.88 -6.43
C GLY A 68 -1.06 12.11 -7.66
N LYS A 69 -1.11 12.78 -8.79
CA LYS A 69 -1.54 12.15 -10.03
C LYS A 69 -0.78 10.85 -10.27
N ALA A 70 0.51 10.85 -9.92
CA ALA A 70 1.34 9.66 -10.09
C ALA A 70 0.88 8.50 -9.21
N ASP A 71 0.37 8.81 -8.01
CA ASP A 71 -0.10 7.76 -7.10
C ASP A 71 -1.59 7.48 -7.28
N ALA A 72 -2.24 8.27 -8.11
CA ALA A 72 -3.66 8.09 -8.37
C ALA A 72 -3.87 6.83 -9.23
N GLY A 73 -4.89 6.05 -8.89
CA GLY A 73 -5.19 4.82 -9.64
C GLY A 73 -5.63 3.69 -8.71
N GLU A 74 -5.61 2.46 -9.24
CA GLU A 74 -6.01 1.27 -8.48
C GLU A 74 -4.78 0.50 -8.05
N TYR A 75 -4.79 -0.02 -6.81
CA TYR A 75 -3.65 -0.81 -6.30
C TYR A 75 -4.09 -2.25 -6.05
N SER A 76 -3.44 -3.20 -6.72
CA SER A 76 -3.77 -4.62 -6.55
C SER A 76 -2.55 -5.37 -6.03
N CYS A 77 -2.78 -6.28 -5.08
CA CYS A 77 -1.70 -7.08 -4.49
C CYS A 77 -2.10 -8.54 -4.44
N GLU A 78 -1.23 -9.41 -4.94
CA GLU A 78 -1.51 -10.84 -4.95
C GLU A 78 -0.73 -11.53 -3.86
N ALA A 79 -1.39 -11.75 -2.72
CA ALA A 79 -0.75 -12.42 -1.58
C ALA A 79 -1.22 -13.87 -1.49
N GLY A 80 -0.53 -14.65 -0.68
CA GLY A 80 -0.88 -16.07 -0.52
C GLY A 80 -2.24 -16.24 0.15
N GLY A 81 -3.30 -16.27 -0.66
CA GLY A 81 -4.66 -16.45 -0.15
C GLY A 81 -5.33 -15.12 0.16
N GLN A 82 -4.52 -14.07 0.37
CA GLN A 82 -5.06 -12.74 0.68
C GLN A 82 -4.80 -11.79 -0.49
N ARG A 83 -5.38 -10.60 -0.39
CA ARG A 83 -5.21 -9.59 -1.43
C ARG A 83 -5.62 -8.21 -0.93
N VAL A 84 -5.09 -7.16 -1.56
CA VAL A 84 -5.39 -5.78 -1.16
C VAL A 84 -6.09 -5.04 -2.31
N SER A 85 -7.16 -4.34 -1.96
CA SER A 85 -7.95 -3.56 -2.92
C SER A 85 -8.13 -2.14 -2.38
N PHE A 86 -7.32 -1.21 -2.88
CA PHE A 86 -7.37 0.18 -2.44
C PHE A 86 -7.49 1.15 -3.62
N HIS A 87 -8.69 1.68 -3.84
CA HIS A 87 -8.92 2.63 -4.93
C HIS A 87 -8.84 4.04 -4.39
N LEU A 88 -7.88 4.83 -4.91
CA LEU A 88 -7.69 6.20 -4.46
C LEU A 88 -8.02 7.18 -5.57
N HIS A 89 -9.14 7.87 -5.43
CA HIS A 89 -9.54 8.87 -6.41
C HIS A 89 -9.13 10.22 -5.83
N ILE A 90 -7.87 10.59 -6.08
CA ILE A 90 -7.32 11.83 -5.55
C ILE A 90 -7.34 12.94 -6.58
N THR A 91 -7.26 14.16 -6.08
CA THR A 91 -7.30 15.34 -6.95
C THR A 91 -5.92 15.54 -7.59
N GLU A 92 -5.90 16.09 -8.82
CA GLU A 92 -4.64 16.30 -9.54
C GLU A 92 -4.33 17.77 -9.90
N PRO A 93 -4.98 18.77 -9.34
CA PRO A 93 -4.66 20.16 -9.69
C PRO A 93 -3.18 20.48 -9.45
N LEU A 94 -2.55 19.73 -8.53
CA LEU A 94 -1.15 19.94 -8.21
C LEU A 94 -0.28 19.02 -9.07
N GLU A 95 0.68 19.60 -9.76
CA GLU A 95 1.59 18.84 -10.62
C GLU A 95 2.75 18.29 -9.80
N MET A 1 4.06 -19.89 23.25
CA MET A 1 3.22 -19.71 22.04
C MET A 1 3.44 -18.30 21.48
N LYS A 2 3.01 -18.12 20.23
CA LYS A 2 3.15 -16.84 19.53
C LYS A 2 1.82 -16.09 19.59
N MET A 3 1.75 -15.04 20.41
CA MET A 3 0.52 -14.25 20.53
C MET A 3 0.69 -12.87 19.86
N MET A 4 1.88 -12.61 19.33
CA MET A 4 2.17 -11.32 18.69
C MET A 4 1.63 -11.30 17.26
N PHE A 5 0.36 -10.96 17.13
CA PHE A 5 -0.30 -10.89 15.82
C PHE A 5 -0.28 -9.46 15.31
N ALA A 6 0.12 -9.27 14.05
CA ALA A 6 0.17 -7.93 13.46
C ALA A 6 -1.22 -7.34 13.39
N LYS A 7 -1.34 -6.03 13.62
CA LYS A 7 -2.63 -5.37 13.57
C LYS A 7 -3.17 -5.38 12.15
N GLU A 8 -4.41 -5.79 12.03
CA GLU A 8 -5.07 -5.87 10.74
C GLU A 8 -5.08 -4.50 10.08
N GLN A 9 -4.02 -4.20 9.31
CA GLN A 9 -3.89 -2.91 8.62
C GLN A 9 -4.03 -3.16 7.11
N SER A 10 -4.39 -4.38 6.77
CA SER A 10 -4.57 -4.78 5.38
C SER A 10 -5.83 -4.11 4.83
N VAL A 11 -5.65 -2.96 4.18
CA VAL A 11 -6.79 -2.24 3.61
C VAL A 11 -7.37 -2.99 2.42
N HIS A 12 -8.71 -2.92 2.29
CA HIS A 12 -9.41 -3.59 1.21
C HIS A 12 -10.64 -2.79 0.79
N ASN A 13 -10.60 -1.47 0.99
CA ASN A 13 -11.73 -0.60 0.67
C ASN A 13 -11.32 0.51 -0.30
N GLU A 14 -12.32 1.18 -0.83
CA GLU A 14 -12.11 2.26 -1.78
C GLU A 14 -12.36 3.61 -1.13
N VAL A 15 -11.30 4.42 -1.03
CA VAL A 15 -11.39 5.75 -0.43
C VAL A 15 -10.86 6.80 -1.40
N GLN A 16 -11.23 8.06 -1.18
CA GLN A 16 -10.78 9.15 -2.05
C GLN A 16 -10.06 10.20 -1.21
N ALA A 17 -9.18 10.96 -1.85
CA ALA A 17 -8.43 12.00 -1.15
C ALA A 17 -8.05 13.13 -2.11
N GLU A 18 -7.29 14.11 -1.62
CA GLU A 18 -6.86 15.25 -2.46
C GLU A 18 -5.44 15.02 -2.99
N ALA A 19 -4.85 16.06 -3.59
CA ALA A 19 -3.48 15.97 -4.12
C ALA A 19 -2.51 16.17 -2.98
N GLY A 20 -1.40 15.44 -2.99
CA GLY A 20 -0.44 15.60 -1.92
C GLY A 20 -1.00 15.03 -0.60
N ALA A 21 -2.15 14.36 -0.70
CA ALA A 21 -2.79 13.78 0.47
C ALA A 21 -1.99 12.58 0.95
N SER A 22 -2.26 12.15 2.18
CA SER A 22 -1.55 11.00 2.74
C SER A 22 -2.40 9.74 2.64
N ALA A 23 -2.10 8.91 1.64
CA ALA A 23 -2.81 7.64 1.45
C ALA A 23 -2.02 6.53 2.15
N MET A 24 -2.73 5.70 2.93
CA MET A 24 -2.07 4.62 3.67
C MET A 24 -2.59 3.24 3.23
N LEU A 25 -1.68 2.38 2.77
CA LEU A 25 -2.03 1.03 2.34
C LEU A 25 -0.99 0.06 2.89
N SER A 26 -1.22 -0.44 4.11
CA SER A 26 -0.25 -1.33 4.75
C SER A 26 -0.75 -2.77 4.80
N CYS A 27 0.16 -3.67 4.44
CA CYS A 27 -0.12 -5.12 4.42
C CYS A 27 0.90 -5.84 5.30
N GLU A 28 0.42 -6.49 6.35
CA GLU A 28 1.29 -7.22 7.25
C GLU A 28 0.80 -8.66 7.47
N VAL A 29 1.68 -9.61 7.17
CA VAL A 29 1.34 -11.02 7.36
C VAL A 29 1.95 -11.49 8.69
N ALA A 30 1.09 -11.94 9.58
CA ALA A 30 1.54 -12.38 10.91
C ALA A 30 1.60 -13.90 11.02
N GLN A 31 1.37 -14.60 9.90
CA GLN A 31 1.40 -16.06 9.88
C GLN A 31 2.55 -16.58 8.99
N ALA A 32 2.21 -17.35 7.96
CA ALA A 32 3.22 -17.91 7.07
C ALA A 32 3.79 -16.86 6.14
N GLN A 33 4.30 -15.77 6.73
CA GLN A 33 4.89 -14.64 5.99
C GLN A 33 5.33 -15.03 4.58
N THR A 34 4.36 -15.12 3.67
CA THR A 34 4.64 -15.50 2.29
C THR A 34 4.87 -14.26 1.43
N GLU A 35 5.92 -14.31 0.60
CA GLU A 35 6.24 -13.19 -0.30
C GLU A 35 5.13 -13.03 -1.33
N VAL A 36 4.55 -11.85 -1.39
CA VAL A 36 3.45 -11.58 -2.32
C VAL A 36 3.92 -10.70 -3.47
N THR A 37 3.16 -10.73 -4.56
CA THR A 37 3.49 -9.92 -5.73
C THR A 37 2.87 -8.53 -5.61
N TRP A 38 3.73 -7.51 -5.63
CA TRP A 38 3.26 -6.12 -5.50
C TRP A 38 3.29 -5.39 -6.84
N TYR A 39 2.12 -4.92 -7.27
CA TYR A 39 2.04 -4.15 -8.51
C TYR A 39 0.94 -3.11 -8.36
N LYS A 40 1.30 -1.85 -8.51
CA LYS A 40 0.35 -0.74 -8.35
C LYS A 40 0.02 -0.07 -9.68
N ASP A 41 -0.85 0.93 -9.62
CA ASP A 41 -1.24 1.66 -10.84
C ASP A 41 -0.20 2.70 -11.21
N GLY A 42 0.72 2.34 -12.10
CA GLY A 42 1.76 3.26 -12.55
C GLY A 42 2.89 3.38 -11.55
N LYS A 43 2.57 3.23 -10.25
CA LYS A 43 3.59 3.34 -9.21
C LYS A 43 4.42 2.04 -9.16
N LYS A 44 5.71 2.16 -9.49
CA LYS A 44 6.61 1.00 -9.46
C LYS A 44 7.46 1.03 -8.20
N LEU A 45 7.71 -0.14 -7.63
CA LEU A 45 8.49 -0.21 -6.41
C LEU A 45 9.94 0.22 -6.67
N SER A 46 10.27 1.45 -6.28
CA SER A 46 11.62 2.01 -6.48
C SER A 46 12.29 2.29 -5.11
N SER A 47 13.38 3.06 -5.13
CA SER A 47 14.08 3.38 -3.87
C SER A 47 13.25 4.30 -3.00
N SER A 48 13.61 4.39 -1.72
CA SER A 48 12.88 5.23 -0.78
C SER A 48 13.04 6.71 -1.08
N SER A 49 14.05 7.05 -1.88
CA SER A 49 14.27 8.45 -2.23
C SER A 49 13.09 9.00 -3.02
N LYS A 50 12.55 8.16 -3.90
CA LYS A 50 11.40 8.57 -4.72
C LYS A 50 10.10 8.40 -3.93
N VAL A 51 9.64 7.17 -3.81
CA VAL A 51 8.40 6.86 -3.07
C VAL A 51 8.74 6.49 -1.62
N GLY A 52 7.75 6.47 -0.72
CA GLY A 52 8.03 6.14 0.68
C GLY A 52 7.65 4.69 1.02
N MET A 53 8.26 3.72 0.33
CA MET A 53 7.97 2.30 0.59
C MET A 53 9.03 1.70 1.52
N GLU A 54 8.59 1.15 2.65
CA GLU A 54 9.51 0.54 3.62
C GLU A 54 9.21 -0.96 3.75
N VAL A 55 10.23 -1.73 4.12
CA VAL A 55 10.08 -3.18 4.29
C VAL A 55 10.28 -3.58 5.74
N LYS A 56 9.32 -4.32 6.27
CA LYS A 56 9.36 -4.78 7.67
C LYS A 56 9.83 -6.23 7.74
N GLY A 57 10.14 -6.69 8.94
CA GLY A 57 10.62 -8.06 9.13
C GLY A 57 9.71 -9.07 8.44
N CYS A 58 8.39 -8.85 8.50
CA CYS A 58 7.43 -9.76 7.86
C CYS A 58 7.17 -9.31 6.42
N THR A 59 5.95 -8.87 6.13
CA THR A 59 5.61 -8.40 4.78
C THR A 59 6.11 -6.96 4.60
N ARG A 60 5.35 -6.13 3.89
CA ARG A 60 5.76 -4.75 3.66
C ARG A 60 4.58 -3.81 3.67
N ARG A 61 4.86 -2.51 3.77
CA ARG A 61 3.80 -1.50 3.80
C ARG A 61 4.17 -0.30 2.93
N LEU A 62 3.18 0.26 2.24
CA LEU A 62 3.41 1.41 1.36
C LEU A 62 2.99 2.70 2.07
N VAL A 63 3.93 3.63 2.16
CA VAL A 63 3.69 4.93 2.77
C VAL A 63 3.88 6.02 1.72
N LEU A 64 2.80 6.68 1.34
CA LEU A 64 2.85 7.73 0.32
C LEU A 64 2.29 9.04 0.91
N PRO A 65 3.10 9.78 1.66
CA PRO A 65 2.66 11.06 2.33
C PRO A 65 2.58 12.24 1.34
N GLN A 66 2.02 11.99 0.16
CA GLN A 66 1.86 13.04 -0.85
C GLN A 66 1.07 12.51 -2.03
N ALA A 67 0.17 11.57 -1.74
CA ALA A 67 -0.67 10.97 -2.77
C ALA A 67 -1.07 12.02 -3.81
N GLY A 68 -0.52 11.89 -5.02
CA GLY A 68 -0.78 12.84 -6.10
C GLY A 68 -1.52 12.19 -7.26
N LYS A 69 -1.79 12.97 -8.30
CA LYS A 69 -2.51 12.48 -9.47
C LYS A 69 -1.71 11.40 -10.17
N ALA A 70 -0.39 11.56 -10.22
CA ALA A 70 0.46 10.57 -10.88
C ALA A 70 0.32 9.21 -10.21
N ASP A 71 -0.08 9.21 -8.95
CA ASP A 71 -0.24 7.97 -8.20
C ASP A 71 -1.72 7.58 -8.11
N ALA A 72 -2.57 8.34 -8.82
CA ALA A 72 -4.00 8.06 -8.82
C ALA A 72 -4.26 6.75 -9.55
N GLY A 73 -5.13 5.92 -8.97
CA GLY A 73 -5.44 4.62 -9.56
C GLY A 73 -5.76 3.58 -8.50
N GLU A 74 -5.77 2.33 -8.94
CA GLU A 74 -6.05 1.20 -8.05
C GLU A 74 -4.80 0.36 -7.82
N TYR A 75 -4.60 -0.06 -6.58
CA TYR A 75 -3.46 -0.90 -6.21
C TYR A 75 -3.97 -2.30 -5.90
N SER A 76 -3.33 -3.31 -6.51
CA SER A 76 -3.73 -4.68 -6.30
C SER A 76 -2.52 -5.57 -6.03
N CYS A 77 -2.69 -6.49 -5.08
CA CYS A 77 -1.63 -7.43 -4.71
C CYS A 77 -2.19 -8.83 -4.53
N GLU A 78 -1.43 -9.83 -4.97
CA GLU A 78 -1.86 -11.22 -4.87
C GLU A 78 -1.03 -11.98 -3.83
N ALA A 79 -1.60 -12.11 -2.65
CA ALA A 79 -0.95 -12.82 -1.55
C ALA A 79 -1.42 -14.27 -1.54
N GLY A 80 -0.58 -15.16 -1.02
CA GLY A 80 -0.90 -16.59 -0.95
C GLY A 80 -2.07 -16.87 -0.01
N GLY A 81 -3.25 -16.36 -0.35
CA GLY A 81 -4.45 -16.58 0.46
C GLY A 81 -5.28 -15.31 0.61
N GLN A 82 -4.62 -14.16 0.77
CA GLN A 82 -5.32 -12.88 0.93
C GLN A 82 -5.12 -11.98 -0.28
N ARG A 83 -5.85 -10.86 -0.29
CA ARG A 83 -5.77 -9.92 -1.41
C ARG A 83 -6.06 -8.51 -0.91
N VAL A 84 -5.35 -7.52 -1.45
CA VAL A 84 -5.52 -6.12 -1.04
C VAL A 84 -6.09 -5.26 -2.18
N SER A 85 -7.13 -4.51 -1.82
CA SER A 85 -7.80 -3.60 -2.76
C SER A 85 -7.87 -2.18 -2.17
N PHE A 86 -7.06 -1.28 -2.71
CA PHE A 86 -7.03 0.11 -2.23
C PHE A 86 -7.14 1.09 -3.40
N HIS A 87 -8.34 1.68 -3.59
CA HIS A 87 -8.56 2.64 -4.70
C HIS A 87 -8.50 4.07 -4.19
N LEU A 88 -7.52 4.84 -4.68
CA LEU A 88 -7.37 6.25 -4.26
C LEU A 88 -7.71 7.21 -5.38
N HIS A 89 -8.79 7.98 -5.17
CA HIS A 89 -9.21 8.98 -6.14
C HIS A 89 -8.61 10.32 -5.73
N ILE A 90 -7.35 10.53 -6.10
CA ILE A 90 -6.63 11.76 -5.75
C ILE A 90 -6.99 12.88 -6.68
N THR A 91 -7.19 14.09 -6.12
CA THR A 91 -7.56 15.24 -6.95
C THR A 91 -6.30 15.90 -7.51
N GLU A 92 -6.46 16.97 -8.31
CA GLU A 92 -5.29 17.64 -8.93
C GLU A 92 -5.12 19.13 -8.55
N PRO A 93 -5.57 19.59 -7.40
CA PRO A 93 -5.41 21.02 -7.03
C PRO A 93 -3.94 21.44 -7.11
N LEU A 94 -3.04 20.50 -6.79
CA LEU A 94 -1.60 20.79 -6.84
C LEU A 94 -0.98 20.17 -8.09
N GLU A 95 -0.19 20.97 -8.81
CA GLU A 95 0.46 20.51 -10.02
C GLU A 95 1.43 19.36 -9.71
N MET A 1 3.68 -21.26 17.30
CA MET A 1 4.48 -21.01 18.53
C MET A 1 4.24 -19.59 19.00
N LYS A 2 4.50 -18.63 18.12
CA LYS A 2 4.31 -17.22 18.45
C LYS A 2 2.89 -16.77 18.11
N MET A 3 2.23 -16.13 19.07
CA MET A 3 0.85 -15.65 18.87
C MET A 3 0.82 -14.14 18.69
N MET A 4 1.96 -13.57 18.32
CA MET A 4 2.04 -12.12 18.11
C MET A 4 1.25 -11.72 16.87
N PHE A 5 -0.01 -11.38 17.09
CA PHE A 5 -0.89 -10.98 15.98
C PHE A 5 -0.97 -9.46 15.88
N ALA A 6 -0.54 -8.92 14.74
CA ALA A 6 -0.55 -7.47 14.53
C ALA A 6 -1.94 -6.99 14.16
N LYS A 7 -2.15 -5.69 14.31
CA LYS A 7 -3.43 -5.07 13.98
C LYS A 7 -3.72 -5.27 12.51
N GLU A 8 -4.94 -5.66 12.18
CA GLU A 8 -5.29 -5.87 10.78
C GLU A 8 -5.06 -4.58 10.00
N GLN A 9 -3.97 -4.58 9.24
CA GLN A 9 -3.56 -3.41 8.44
C GLN A 9 -3.91 -3.60 6.97
N SER A 10 -4.50 -4.75 6.64
CA SER A 10 -4.87 -5.07 5.26
C SER A 10 -6.26 -4.53 4.95
N VAL A 11 -6.38 -3.21 4.84
CA VAL A 11 -7.67 -2.60 4.54
C VAL A 11 -8.07 -2.89 3.09
N HIS A 12 -9.38 -3.08 2.88
CA HIS A 12 -9.92 -3.37 1.54
C HIS A 12 -11.19 -2.57 1.30
N ASN A 13 -11.05 -1.39 0.68
CA ASN A 13 -12.22 -0.55 0.39
C ASN A 13 -11.88 0.51 -0.65
N GLU A 14 -12.93 1.20 -1.12
CA GLU A 14 -12.77 2.26 -2.11
C GLU A 14 -13.05 3.61 -1.46
N VAL A 15 -12.00 4.43 -1.32
CA VAL A 15 -12.14 5.75 -0.70
C VAL A 15 -11.42 6.80 -1.53
N GLN A 16 -11.82 8.06 -1.35
CA GLN A 16 -11.23 9.18 -2.08
C GLN A 16 -10.31 10.01 -1.18
N ALA A 17 -9.55 10.91 -1.77
CA ALA A 17 -8.63 11.75 -1.02
C ALA A 17 -8.22 12.97 -1.87
N GLU A 18 -7.27 13.77 -1.37
CA GLU A 18 -6.83 14.98 -2.10
C GLU A 18 -5.45 14.76 -2.72
N ALA A 19 -4.90 15.83 -3.28
CA ALA A 19 -3.56 15.78 -3.88
C ALA A 19 -2.53 16.02 -2.78
N GLY A 20 -1.39 15.32 -2.82
CA GLY A 20 -0.39 15.52 -1.79
C GLY A 20 -0.89 14.96 -0.47
N ALA A 21 -2.01 14.25 -0.53
CA ALA A 21 -2.60 13.66 0.66
C ALA A 21 -1.81 12.44 1.10
N SER A 22 -2.06 11.98 2.32
CA SER A 22 -1.34 10.83 2.86
C SER A 22 -2.15 9.55 2.74
N ALA A 23 -1.82 8.72 1.75
CA ALA A 23 -2.52 7.44 1.56
C ALA A 23 -1.68 6.33 2.18
N MET A 24 -2.32 5.46 2.97
CA MET A 24 -1.59 4.38 3.66
C MET A 24 -2.29 3.03 3.49
N LEU A 25 -1.59 2.08 2.84
CA LEU A 25 -2.10 0.72 2.65
C LEU A 25 -1.02 -0.28 3.06
N SER A 26 -1.05 -0.72 4.33
CA SER A 26 -0.03 -1.65 4.82
C SER A 26 -0.51 -3.09 4.80
N CYS A 27 0.43 -3.99 4.51
CA CYS A 27 0.15 -5.43 4.45
C CYS A 27 1.02 -6.17 5.45
N GLU A 28 0.38 -6.79 6.45
CA GLU A 28 1.11 -7.54 7.49
C GLU A 28 0.56 -8.96 7.59
N VAL A 29 1.46 -9.93 7.66
CA VAL A 29 1.07 -11.33 7.77
C VAL A 29 1.51 -11.90 9.12
N ALA A 30 0.53 -12.38 9.90
CA ALA A 30 0.82 -12.94 11.22
C ALA A 30 0.76 -14.46 11.23
N GLN A 31 0.54 -15.05 10.05
CA GLN A 31 0.45 -16.51 9.93
C GLN A 31 1.68 -17.07 9.23
N ALA A 32 1.45 -17.77 8.12
CA ALA A 32 2.55 -18.36 7.37
C ALA A 32 3.27 -17.30 6.55
N GLN A 33 3.76 -16.26 7.24
CA GLN A 33 4.47 -15.13 6.60
C GLN A 33 4.95 -15.45 5.18
N THR A 34 4.03 -15.38 4.21
CA THR A 34 4.38 -15.62 2.82
C THR A 34 4.87 -14.33 2.17
N GLU A 35 5.67 -14.45 1.11
CA GLU A 35 6.17 -13.26 0.41
C GLU A 35 5.08 -12.71 -0.50
N VAL A 36 4.78 -11.42 -0.36
CA VAL A 36 3.73 -10.80 -1.15
C VAL A 36 4.30 -9.77 -2.15
N THR A 37 3.84 -9.88 -3.40
CA THR A 37 4.27 -8.97 -4.47
C THR A 37 3.08 -8.12 -4.90
N TRP A 38 3.27 -6.79 -4.97
CA TRP A 38 2.15 -5.90 -5.32
C TRP A 38 2.58 -4.74 -6.23
N TYR A 39 1.64 -4.37 -7.12
CA TYR A 39 1.83 -3.27 -8.06
C TYR A 39 0.73 -2.24 -7.88
N LYS A 40 1.11 -0.97 -7.95
CA LYS A 40 0.14 0.11 -7.87
C LYS A 40 0.07 0.80 -9.21
N ASP A 41 -1.11 0.89 -9.76
CA ASP A 41 -1.28 1.52 -11.07
C ASP A 41 -0.73 2.93 -11.09
N GLY A 42 0.38 3.11 -11.82
CA GLY A 42 1.00 4.43 -11.96
C GLY A 42 2.28 4.57 -11.14
N LYS A 43 2.41 3.76 -10.08
CA LYS A 43 3.61 3.81 -9.22
C LYS A 43 4.41 2.51 -9.35
N LYS A 44 5.61 2.64 -9.90
CA LYS A 44 6.52 1.52 -10.07
C LYS A 44 7.52 1.52 -8.91
N LEU A 45 7.78 0.38 -8.30
CA LEU A 45 8.72 0.36 -7.18
C LEU A 45 10.12 0.74 -7.67
N SER A 46 10.69 1.78 -7.07
CA SER A 46 12.03 2.26 -7.43
C SER A 46 12.97 2.14 -6.23
N SER A 47 14.03 2.95 -6.25
CA SER A 47 15.01 2.92 -5.17
C SER A 47 14.32 3.10 -3.82
N SER A 48 14.32 4.32 -3.31
CA SER A 48 13.68 4.61 -2.03
C SER A 48 13.58 6.12 -1.81
N SER A 49 14.26 6.88 -2.68
CA SER A 49 14.25 8.34 -2.57
C SER A 49 13.04 8.94 -3.29
N LYS A 50 12.33 8.10 -4.05
CA LYS A 50 11.15 8.58 -4.79
C LYS A 50 9.91 8.53 -3.92
N VAL A 51 9.37 7.33 -3.73
CA VAL A 51 8.18 7.13 -2.90
C VAL A 51 8.59 6.45 -1.60
N GLY A 52 7.70 6.45 -0.61
CA GLY A 52 7.99 5.86 0.69
C GLY A 52 7.63 4.38 0.76
N MET A 53 8.31 3.54 -0.04
CA MET A 53 8.06 2.10 -0.01
C MET A 53 9.12 1.43 0.87
N GLU A 54 8.70 0.98 2.05
CA GLU A 54 9.62 0.34 3.00
C GLU A 54 9.23 -1.12 3.24
N VAL A 55 10.21 -1.89 3.72
CA VAL A 55 9.99 -3.30 4.02
C VAL A 55 10.17 -3.53 5.53
N LYS A 56 9.10 -3.97 6.19
CA LYS A 56 9.15 -4.21 7.62
C LYS A 56 9.77 -5.57 7.90
N GLY A 57 10.43 -5.70 9.06
CA GLY A 57 11.05 -6.97 9.42
C GLY A 57 10.09 -8.12 9.18
N CYS A 58 8.82 -7.91 9.52
CA CYS A 58 7.81 -8.95 9.33
C CYS A 58 7.45 -9.06 7.84
N THR A 59 6.52 -8.21 7.39
CA THR A 59 6.09 -8.19 5.99
C THR A 59 6.51 -6.87 5.34
N ARG A 60 5.66 -6.35 4.45
CA ARG A 60 5.98 -5.08 3.77
C ARG A 60 4.73 -4.21 3.56
N ARG A 61 4.95 -2.90 3.46
CA ARG A 61 3.85 -1.94 3.27
C ARG A 61 4.26 -0.79 2.33
N LEU A 62 3.31 -0.31 1.50
CA LEU A 62 3.58 0.81 0.59
C LEU A 62 2.85 2.07 1.08
N VAL A 63 3.63 3.14 1.23
CA VAL A 63 3.09 4.42 1.74
C VAL A 63 3.57 5.60 0.88
N LEU A 64 2.64 6.47 0.51
CA LEU A 64 2.95 7.66 -0.29
C LEU A 64 2.47 8.93 0.46
N PRO A 65 3.29 9.49 1.33
CA PRO A 65 2.88 10.71 2.10
C PRO A 65 2.78 11.96 1.21
N GLN A 66 2.15 11.81 0.04
CA GLN A 66 1.97 12.93 -0.88
C GLN A 66 1.11 12.48 -2.09
N ALA A 67 0.17 11.57 -1.83
CA ALA A 67 -0.71 11.06 -2.89
C ALA A 67 -1.04 12.16 -3.90
N GLY A 68 -0.40 12.10 -5.08
CA GLY A 68 -0.59 13.10 -6.14
C GLY A 68 -1.15 12.49 -7.43
N LYS A 69 -1.08 13.26 -8.51
CA LYS A 69 -1.60 12.81 -9.81
C LYS A 69 -0.95 11.50 -10.25
N ALA A 70 0.32 11.31 -9.93
CA ALA A 70 1.02 10.09 -10.35
C ALA A 70 0.67 8.93 -9.42
N ASP A 71 0.00 9.22 -8.31
CA ASP A 71 -0.37 8.20 -7.34
C ASP A 71 -1.85 7.82 -7.48
N ALA A 72 -2.53 8.43 -8.45
CA ALA A 72 -3.94 8.15 -8.68
C ALA A 72 -4.13 6.86 -9.47
N GLY A 73 -5.08 6.03 -9.05
CA GLY A 73 -5.36 4.77 -9.76
C GLY A 73 -5.76 3.66 -8.79
N GLU A 74 -5.95 2.46 -9.34
CA GLU A 74 -6.34 1.30 -8.53
C GLU A 74 -5.10 0.56 -8.03
N TYR A 75 -5.24 -0.08 -6.87
CA TYR A 75 -4.15 -0.84 -6.25
C TYR A 75 -4.47 -2.33 -6.22
N SER A 76 -3.56 -3.15 -6.78
CA SER A 76 -3.74 -4.60 -6.80
C SER A 76 -2.57 -5.27 -6.11
N CYS A 77 -2.86 -6.11 -5.12
CA CYS A 77 -1.83 -6.82 -4.37
C CYS A 77 -2.12 -8.31 -4.32
N GLU A 78 -1.14 -9.11 -4.73
CA GLU A 78 -1.29 -10.57 -4.76
C GLU A 78 -0.43 -11.21 -3.67
N ALA A 79 -1.07 -11.51 -2.55
CA ALA A 79 -0.39 -12.15 -1.43
C ALA A 79 -0.57 -13.66 -1.49
N GLY A 80 0.35 -14.38 -0.83
CA GLY A 80 0.34 -15.84 -0.80
C GLY A 80 -1.04 -16.46 -1.02
N GLY A 81 -2.09 -15.86 -0.46
CA GLY A 81 -3.43 -16.42 -0.63
C GLY A 81 -4.53 -15.36 -0.56
N GLN A 82 -4.20 -14.19 -0.03
CA GLN A 82 -5.17 -13.09 0.09
C GLN A 82 -4.77 -11.96 -0.84
N ARG A 83 -5.48 -10.85 -0.78
CA ARG A 83 -5.17 -9.72 -1.64
C ARG A 83 -5.78 -8.43 -1.10
N VAL A 84 -5.15 -7.29 -1.39
CA VAL A 84 -5.63 -5.99 -0.94
C VAL A 84 -5.98 -5.11 -2.12
N SER A 85 -7.17 -4.54 -2.09
CA SER A 85 -7.63 -3.63 -3.14
C SER A 85 -7.91 -2.27 -2.53
N PHE A 86 -7.13 -1.27 -2.92
CA PHE A 86 -7.30 0.09 -2.40
C PHE A 86 -7.38 1.10 -3.54
N HIS A 87 -8.60 1.52 -3.87
CA HIS A 87 -8.80 2.49 -4.94
C HIS A 87 -8.79 3.88 -4.35
N LEU A 88 -7.96 4.77 -4.90
CA LEU A 88 -7.86 6.13 -4.39
C LEU A 88 -8.12 7.14 -5.49
N HIS A 89 -9.21 7.88 -5.33
CA HIS A 89 -9.56 8.92 -6.27
C HIS A 89 -9.06 10.23 -5.70
N ILE A 90 -7.79 10.52 -5.95
CA ILE A 90 -7.16 11.72 -5.41
C ILE A 90 -7.11 12.84 -6.43
N THR A 91 -6.97 14.06 -5.93
CA THR A 91 -6.92 15.23 -6.79
C THR A 91 -5.48 15.49 -7.24
N GLU A 92 -5.29 16.44 -8.15
CA GLU A 92 -3.93 16.74 -8.67
C GLU A 92 -3.33 18.07 -8.16
N PRO A 93 -4.08 19.04 -7.68
CA PRO A 93 -3.47 20.30 -7.18
C PRO A 93 -2.82 20.11 -5.81
N LEU A 94 -1.51 19.89 -5.81
CA LEU A 94 -0.78 19.72 -4.58
C LEU A 94 -0.72 21.04 -3.81
N GLU A 95 -0.78 20.96 -2.49
CA GLU A 95 -0.75 22.17 -1.67
C GLU A 95 -0.63 21.81 -0.19
N MET A 1 5.02 -21.55 15.38
CA MET A 1 3.69 -20.90 15.18
C MET A 1 3.59 -19.66 16.09
N LYS A 2 3.94 -18.47 15.56
CA LYS A 2 3.87 -17.25 16.36
C LYS A 2 2.42 -16.78 16.53
N MET A 3 2.08 -16.30 17.73
CA MET A 3 0.72 -15.83 18.02
C MET A 3 0.66 -14.30 18.06
N MET A 4 1.80 -13.67 17.76
CA MET A 4 1.88 -12.21 17.76
C MET A 4 1.22 -11.62 16.50
N PHE A 5 -0.09 -11.39 16.58
CA PHE A 5 -0.83 -10.81 15.46
C PHE A 5 -0.79 -9.29 15.53
N ALA A 6 -0.27 -8.62 14.48
CA ALA A 6 -0.19 -7.17 14.50
C ALA A 6 -1.51 -6.58 14.05
N LYS A 7 -1.68 -5.29 14.30
CA LYS A 7 -2.89 -4.62 13.90
C LYS A 7 -3.15 -4.90 12.44
N GLU A 8 -4.39 -5.22 12.11
CA GLU A 8 -4.72 -5.53 10.75
C GLU A 8 -4.43 -4.34 9.84
N GLN A 9 -3.27 -4.36 9.19
CA GLN A 9 -2.85 -3.29 8.30
C GLN A 9 -3.38 -3.51 6.89
N SER A 10 -4.11 -4.60 6.69
CA SER A 10 -4.67 -4.93 5.38
C SER A 10 -6.02 -4.25 5.17
N VAL A 11 -5.98 -2.99 4.76
CA VAL A 11 -7.21 -2.24 4.51
C VAL A 11 -7.84 -2.64 3.18
N HIS A 12 -9.16 -2.63 3.14
CA HIS A 12 -9.91 -2.98 1.93
C HIS A 12 -11.11 -2.03 1.74
N ASN A 13 -10.93 -0.99 0.93
CA ASN A 13 -12.01 -0.04 0.70
C ASN A 13 -11.65 0.94 -0.42
N GLU A 14 -12.69 1.52 -1.03
CA GLU A 14 -12.51 2.49 -2.11
C GLU A 14 -12.87 3.89 -1.60
N VAL A 15 -11.85 4.75 -1.49
CA VAL A 15 -12.06 6.12 -0.99
C VAL A 15 -11.30 7.12 -1.85
N GLN A 16 -11.76 8.37 -1.83
CA GLN A 16 -11.13 9.43 -2.60
C GLN A 16 -10.36 10.36 -1.67
N ALA A 17 -9.30 10.95 -2.20
CA ALA A 17 -8.46 11.86 -1.43
C ALA A 17 -7.99 13.03 -2.30
N GLU A 18 -7.54 14.10 -1.67
CA GLU A 18 -7.06 15.28 -2.41
C GLU A 18 -5.63 15.07 -2.83
N ALA A 19 -4.98 16.10 -3.34
CA ALA A 19 -3.59 16.00 -3.76
C ALA A 19 -2.67 16.16 -2.55
N GLY A 20 -1.54 15.44 -2.51
CA GLY A 20 -0.65 15.57 -1.38
C GLY A 20 -1.26 14.93 -0.15
N ALA A 21 -2.40 14.26 -0.35
CA ALA A 21 -3.09 13.59 0.73
C ALA A 21 -2.30 12.39 1.19
N SER A 22 -2.72 11.81 2.29
CA SER A 22 -2.04 10.64 2.83
C SER A 22 -2.77 9.36 2.43
N ALA A 23 -2.26 8.67 1.41
CA ALA A 23 -2.86 7.40 0.97
C ALA A 23 -2.13 6.28 1.71
N MET A 24 -2.87 5.53 2.53
CA MET A 24 -2.28 4.44 3.33
C MET A 24 -2.79 3.06 2.89
N LEU A 25 -1.88 2.22 2.36
CA LEU A 25 -2.24 0.85 1.95
C LEU A 25 -1.10 -0.07 2.36
N SER A 26 -1.22 -0.62 3.57
CA SER A 26 -0.19 -1.51 4.11
C SER A 26 -0.66 -2.95 4.13
N CYS A 27 0.30 -3.88 4.18
CA CYS A 27 -0.01 -5.31 4.22
C CYS A 27 0.95 -6.04 5.15
N GLU A 28 0.43 -6.45 6.32
CA GLU A 28 1.25 -7.17 7.33
C GLU A 28 0.68 -8.56 7.58
N VAL A 29 1.54 -9.59 7.51
CA VAL A 29 1.10 -10.96 7.74
C VAL A 29 1.77 -11.52 9.00
N ALA A 30 0.96 -12.01 9.93
CA ALA A 30 1.47 -12.57 11.18
C ALA A 30 1.44 -14.09 11.15
N GLN A 31 0.83 -14.66 10.12
CA GLN A 31 0.74 -16.12 9.99
C GLN A 31 2.06 -16.70 9.47
N ALA A 32 2.00 -17.36 8.31
CA ALA A 32 3.18 -17.95 7.70
C ALA A 32 3.86 -16.91 6.80
N GLN A 33 4.15 -15.74 7.40
CA GLN A 33 4.76 -14.61 6.69
C GLN A 33 5.43 -14.99 5.37
N THR A 34 4.61 -15.26 4.36
CA THR A 34 5.10 -15.59 3.03
C THR A 34 5.36 -14.32 2.25
N GLU A 35 6.28 -14.37 1.29
CA GLU A 35 6.59 -13.19 0.48
C GLU A 35 5.42 -12.89 -0.44
N VAL A 36 4.94 -11.65 -0.41
CA VAL A 36 3.80 -11.22 -1.23
C VAL A 36 4.26 -10.29 -2.35
N THR A 37 3.77 -10.52 -3.57
CA THR A 37 4.13 -9.70 -4.72
C THR A 37 3.00 -8.74 -5.07
N TRP A 38 3.34 -7.45 -5.15
CA TRP A 38 2.37 -6.41 -5.43
C TRP A 38 2.95 -5.30 -6.30
N TYR A 39 2.03 -4.59 -6.94
CA TYR A 39 2.38 -3.46 -7.81
C TYR A 39 1.23 -2.46 -7.81
N LYS A 40 1.57 -1.19 -8.07
CA LYS A 40 0.57 -0.12 -8.08
C LYS A 40 0.28 0.31 -9.52
N ASP A 41 -0.94 0.75 -9.75
CA ASP A 41 -1.34 1.19 -11.06
C ASP A 41 -0.81 2.59 -11.34
N GLY A 42 0.38 2.68 -11.91
CA GLY A 42 1.01 3.96 -12.25
C GLY A 42 2.26 4.23 -11.41
N LYS A 43 2.34 3.63 -10.22
CA LYS A 43 3.51 3.82 -9.34
C LYS A 43 4.37 2.57 -9.31
N LYS A 44 5.64 2.71 -9.67
CA LYS A 44 6.58 1.59 -9.65
C LYS A 44 7.51 1.74 -8.45
N LEU A 45 7.89 0.63 -7.84
CA LEU A 45 8.75 0.72 -6.67
C LEU A 45 10.11 1.30 -7.05
N SER A 46 10.39 2.49 -6.50
CA SER A 46 11.64 3.20 -6.75
C SER A 46 12.40 3.39 -5.45
N SER A 47 13.73 3.39 -5.54
CA SER A 47 14.58 3.58 -4.36
C SER A 47 15.06 5.01 -4.28
N SER A 48 14.12 5.91 -4.02
CA SER A 48 14.44 7.33 -3.92
C SER A 48 13.42 8.03 -3.04
N SER A 49 13.68 9.31 -2.73
CA SER A 49 12.80 10.11 -1.89
C SER A 49 11.43 10.28 -2.53
N LYS A 50 11.19 9.57 -3.63
CA LYS A 50 9.89 9.68 -4.31
C LYS A 50 8.84 8.89 -3.57
N VAL A 51 8.82 7.58 -3.77
CA VAL A 51 7.83 6.74 -3.11
C VAL A 51 8.36 6.22 -1.78
N GLY A 52 7.47 6.03 -0.82
CA GLY A 52 7.87 5.53 0.49
C GLY A 52 7.72 4.02 0.56
N MET A 53 8.73 3.29 0.08
CA MET A 53 8.69 1.82 0.12
C MET A 53 9.47 1.34 1.34
N GLU A 54 8.75 0.73 2.29
CA GLU A 54 9.37 0.26 3.53
C GLU A 54 9.28 -1.26 3.64
N VAL A 55 10.36 -1.87 4.12
CA VAL A 55 10.42 -3.33 4.27
C VAL A 55 10.59 -3.70 5.74
N LYS A 56 9.71 -4.56 6.22
CA LYS A 56 9.74 -5.03 7.62
C LYS A 56 10.20 -6.48 7.68
N GLY A 57 10.52 -6.95 8.87
CA GLY A 57 10.97 -8.32 9.05
C GLY A 57 9.91 -9.30 8.53
N CYS A 58 8.63 -8.95 8.70
CA CYS A 58 7.55 -9.80 8.23
C CYS A 58 7.26 -9.55 6.75
N THR A 59 6.10 -9.00 6.46
CA THR A 59 5.70 -8.71 5.09
C THR A 59 6.25 -7.35 4.62
N ARG A 60 5.48 -6.66 3.76
CA ARG A 60 5.89 -5.35 3.24
C ARG A 60 4.71 -4.39 3.27
N ARG A 61 4.99 -3.10 3.16
CA ARG A 61 3.93 -2.09 3.17
C ARG A 61 4.34 -0.83 2.40
N LEU A 62 3.43 -0.30 1.57
CA LEU A 62 3.71 0.91 0.80
C LEU A 62 2.85 2.07 1.30
N VAL A 63 3.52 3.19 1.59
CA VAL A 63 2.87 4.41 2.08
C VAL A 63 3.33 5.65 1.32
N LEU A 64 2.37 6.49 0.92
CA LEU A 64 2.68 7.72 0.19
C LEU A 64 2.14 8.94 0.95
N PRO A 65 2.88 9.52 1.87
CA PRO A 65 2.40 10.69 2.64
C PRO A 65 2.36 11.97 1.79
N GLN A 66 1.81 11.84 0.58
CA GLN A 66 1.68 12.98 -0.32
C GLN A 66 0.92 12.54 -1.56
N ALA A 67 -0.01 11.60 -1.37
CA ALA A 67 -0.83 11.08 -2.47
C ALA A 67 -1.12 12.17 -3.49
N GLY A 68 -0.50 12.04 -4.68
CA GLY A 68 -0.67 13.03 -5.75
C GLY A 68 -1.34 12.41 -6.97
N LYS A 69 -1.45 13.20 -8.04
CA LYS A 69 -2.08 12.74 -9.28
C LYS A 69 -1.32 11.55 -9.86
N ALA A 70 0.01 11.62 -9.85
CA ALA A 70 0.81 10.51 -10.39
C ALA A 70 0.61 9.23 -9.60
N ASP A 71 0.01 9.35 -8.42
CA ASP A 71 -0.25 8.19 -7.56
C ASP A 71 -1.71 7.73 -7.71
N ALA A 72 -2.44 8.38 -8.60
CA ALA A 72 -3.83 8.03 -8.84
C ALA A 72 -3.92 6.69 -9.57
N GLY A 73 -4.92 5.89 -9.18
CA GLY A 73 -5.14 4.58 -9.81
C GLY A 73 -5.56 3.55 -8.75
N GLU A 74 -5.76 2.30 -9.20
CA GLU A 74 -6.17 1.23 -8.28
C GLU A 74 -4.95 0.44 -7.80
N TYR A 75 -4.99 0.00 -6.55
CA TYR A 75 -3.87 -0.76 -5.98
C TYR A 75 -4.18 -2.25 -5.91
N SER A 76 -3.35 -3.06 -6.58
CA SER A 76 -3.52 -4.52 -6.61
C SER A 76 -2.34 -5.23 -5.95
N CYS A 77 -2.65 -6.13 -5.03
CA CYS A 77 -1.63 -6.91 -4.33
C CYS A 77 -2.09 -8.36 -4.19
N GLU A 78 -1.16 -9.29 -4.39
CA GLU A 78 -1.46 -10.72 -4.29
C GLU A 78 -0.66 -11.37 -3.15
N ALA A 79 -1.31 -11.50 -2.00
CA ALA A 79 -0.71 -12.13 -0.84
C ALA A 79 -1.03 -13.62 -0.89
N GLY A 80 -0.45 -14.39 0.03
CA GLY A 80 -0.66 -15.84 0.08
C GLY A 80 -2.12 -16.20 0.26
N GLY A 81 -2.93 -16.04 -0.80
CA GLY A 81 -4.35 -16.38 -0.75
C GLY A 81 -5.21 -15.15 -0.51
N GLN A 82 -4.61 -14.13 0.11
CA GLN A 82 -5.33 -12.88 0.39
C GLN A 82 -4.96 -11.83 -0.65
N ARG A 83 -5.60 -10.67 -0.59
CA ARG A 83 -5.34 -9.59 -1.54
C ARG A 83 -5.88 -8.27 -1.01
N VAL A 84 -5.18 -7.18 -1.33
CA VAL A 84 -5.60 -5.84 -0.87
C VAL A 84 -6.00 -4.98 -2.06
N SER A 85 -7.16 -4.33 -1.95
CA SER A 85 -7.65 -3.46 -3.02
C SER A 85 -8.07 -2.11 -2.47
N PHE A 86 -7.20 -1.12 -2.64
CA PHE A 86 -7.46 0.24 -2.16
C PHE A 86 -7.43 1.22 -3.33
N HIS A 87 -8.62 1.66 -3.73
CA HIS A 87 -8.77 2.59 -4.85
C HIS A 87 -8.69 4.02 -4.34
N LEU A 88 -7.80 4.81 -4.94
CA LEU A 88 -7.63 6.21 -4.53
C LEU A 88 -7.86 7.18 -5.66
N HIS A 89 -8.77 8.12 -5.44
CA HIS A 89 -9.06 9.16 -6.43
C HIS A 89 -8.36 10.44 -6.00
N ILE A 90 -7.09 10.56 -6.38
CA ILE A 90 -6.31 11.72 -6.01
C ILE A 90 -6.70 12.91 -6.87
N THR A 91 -7.01 14.02 -6.20
CA THR A 91 -7.42 15.23 -6.90
C THR A 91 -6.18 16.01 -7.37
N GLU A 92 -6.37 17.16 -8.05
CA GLU A 92 -5.22 17.93 -8.58
C GLU A 92 -5.12 19.37 -8.07
N PRO A 93 -5.66 19.72 -6.93
CA PRO A 93 -5.55 21.13 -6.46
C PRO A 93 -4.08 21.59 -6.42
N LEU A 94 -3.18 20.66 -6.15
CA LEU A 94 -1.77 21.01 -6.10
C LEU A 94 -1.24 21.26 -7.51
N GLU A 95 -0.53 22.38 -7.68
CA GLU A 95 0.02 22.75 -8.98
C GLU A 95 1.40 22.13 -9.22
N MET A 1 5.99 -21.72 15.97
CA MET A 1 4.99 -20.80 15.35
C MET A 1 4.22 -20.08 16.44
N LYS A 2 4.33 -18.75 16.46
CA LYS A 2 3.62 -17.93 17.44
C LYS A 2 2.31 -17.42 16.86
N MET A 3 1.24 -17.58 17.64
CA MET A 3 -0.07 -17.15 17.20
C MET A 3 -0.23 -15.64 17.32
N MET A 4 0.90 -14.93 17.42
CA MET A 4 0.85 -13.48 17.55
C MET A 4 0.51 -12.81 16.23
N PHE A 5 -0.79 -12.63 16.01
CA PHE A 5 -1.28 -12.00 14.80
C PHE A 5 -1.12 -10.49 14.90
N ALA A 6 -0.68 -9.87 13.81
CA ALA A 6 -0.48 -8.42 13.79
C ALA A 6 -1.79 -7.73 13.44
N LYS A 7 -1.86 -6.44 13.73
CA LYS A 7 -3.05 -5.68 13.42
C LYS A 7 -3.32 -5.76 11.94
N GLU A 8 -4.56 -6.06 11.57
CA GLU A 8 -4.93 -6.18 10.18
C GLU A 8 -4.67 -4.88 9.43
N GLN A 9 -3.52 -4.82 8.76
CA GLN A 9 -3.12 -3.64 8.00
C GLN A 9 -3.52 -3.76 6.53
N SER A 10 -4.15 -4.88 6.18
CA SER A 10 -4.60 -5.12 4.81
C SER A 10 -5.97 -4.49 4.60
N VAL A 11 -5.99 -3.18 4.44
CA VAL A 11 -7.25 -2.48 4.27
C VAL A 11 -7.87 -2.74 2.90
N HIS A 12 -9.20 -2.81 2.89
CA HIS A 12 -9.97 -3.05 1.66
C HIS A 12 -11.14 -2.08 1.62
N ASN A 13 -10.97 -0.97 0.91
CA ASN A 13 -12.03 0.02 0.82
C ASN A 13 -11.76 1.03 -0.28
N GLU A 14 -12.74 1.91 -0.51
CA GLU A 14 -12.61 2.96 -1.52
C GLU A 14 -12.70 4.34 -0.86
N VAL A 15 -11.56 5.03 -0.79
CA VAL A 15 -11.49 6.37 -0.17
C VAL A 15 -10.84 7.37 -1.13
N GLN A 16 -11.42 8.56 -1.18
CA GLN A 16 -10.90 9.61 -2.05
C GLN A 16 -10.12 10.64 -1.22
N ALA A 17 -9.21 11.36 -1.86
CA ALA A 17 -8.40 12.36 -1.17
C ALA A 17 -8.01 13.50 -2.10
N GLU A 18 -7.19 14.41 -1.59
CA GLU A 18 -6.71 15.57 -2.37
C GLU A 18 -5.30 15.29 -2.85
N ALA A 19 -4.66 16.28 -3.46
CA ALA A 19 -3.29 16.09 -3.93
C ALA A 19 -2.32 16.30 -2.75
N GLY A 20 -1.32 15.44 -2.63
CA GLY A 20 -0.38 15.56 -1.51
C GLY A 20 -0.98 15.00 -0.23
N ALA A 21 -2.10 14.29 -0.35
CA ALA A 21 -2.75 13.70 0.81
C ALA A 21 -2.02 12.44 1.23
N SER A 22 -2.45 11.86 2.34
CA SER A 22 -1.81 10.64 2.87
C SER A 22 -2.56 9.39 2.44
N ALA A 23 -2.00 8.67 1.47
CA ALA A 23 -2.59 7.44 0.96
C ALA A 23 -1.86 6.25 1.59
N MET A 24 -2.58 5.52 2.45
CA MET A 24 -1.98 4.38 3.15
C MET A 24 -2.60 3.03 2.73
N LEU A 25 -1.73 2.15 2.23
CA LEU A 25 -2.15 0.80 1.83
C LEU A 25 -1.06 -0.17 2.28
N SER A 26 -1.18 -0.69 3.50
CA SER A 26 -0.17 -1.61 4.05
C SER A 26 -0.67 -3.05 4.11
N CYS A 27 0.28 -3.96 4.39
CA CYS A 27 -0.03 -5.39 4.50
C CYS A 27 0.94 -6.07 5.48
N GLU A 28 0.40 -6.60 6.57
CA GLU A 28 1.22 -7.26 7.60
C GLU A 28 0.75 -8.70 7.86
N VAL A 29 1.53 -9.68 7.40
CA VAL A 29 1.19 -11.09 7.63
C VAL A 29 2.07 -11.65 8.74
N ALA A 30 1.45 -12.11 9.81
CA ALA A 30 2.17 -12.67 10.95
C ALA A 30 2.04 -14.20 11.00
N GLN A 31 1.11 -14.75 10.22
CA GLN A 31 0.90 -16.19 10.21
C GLN A 31 2.01 -16.89 9.43
N ALA A 32 1.69 -17.36 8.23
CA ALA A 32 2.69 -18.05 7.41
C ALA A 32 3.50 -17.04 6.60
N GLN A 33 4.09 -16.08 7.32
CA GLN A 33 4.90 -15.00 6.74
C GLN A 33 5.38 -15.32 5.31
N THR A 34 4.45 -15.26 4.35
CA THR A 34 4.76 -15.53 2.95
C THR A 34 5.11 -14.24 2.23
N GLU A 35 5.80 -14.36 1.09
CA GLU A 35 6.17 -13.19 0.32
C GLU A 35 5.03 -12.78 -0.60
N VAL A 36 4.95 -11.49 -0.92
CA VAL A 36 3.88 -10.96 -1.77
C VAL A 36 4.46 -10.10 -2.88
N THR A 37 3.70 -10.01 -3.97
CA THR A 37 4.08 -9.19 -5.11
C THR A 37 3.11 -8.04 -5.27
N TRP A 38 3.62 -6.82 -5.14
CA TRP A 38 2.78 -5.62 -5.22
C TRP A 38 3.03 -4.80 -6.50
N TYR A 39 2.00 -4.06 -6.88
CA TYR A 39 2.05 -3.19 -8.05
C TYR A 39 0.99 -2.10 -7.90
N LYS A 40 1.36 -0.87 -8.24
CA LYS A 40 0.42 0.25 -8.18
C LYS A 40 0.37 0.89 -9.56
N ASP A 41 -0.83 1.06 -10.09
CA ASP A 41 -1.00 1.62 -11.43
C ASP A 41 -0.47 3.05 -11.52
N GLY A 42 0.64 3.19 -12.24
CA GLY A 42 1.27 4.50 -12.45
C GLY A 42 2.42 4.73 -11.50
N LYS A 43 2.32 4.15 -10.31
CA LYS A 43 3.38 4.29 -9.30
C LYS A 43 4.29 3.07 -9.35
N LYS A 44 5.55 3.29 -9.74
CA LYS A 44 6.52 2.22 -9.78
C LYS A 44 7.32 2.21 -8.50
N LEU A 45 7.67 1.03 -8.03
CA LEU A 45 8.44 0.94 -6.80
C LEU A 45 9.91 1.14 -7.08
N SER A 46 10.42 2.29 -6.64
CA SER A 46 11.81 2.66 -6.83
C SER A 46 12.54 2.81 -5.49
N SER A 47 13.31 3.88 -5.36
CA SER A 47 14.06 4.12 -4.15
C SER A 47 13.17 4.66 -3.03
N SER A 48 13.63 4.45 -1.80
CA SER A 48 12.91 4.88 -0.60
C SER A 48 12.76 6.40 -0.53
N SER A 49 13.82 7.11 -0.91
CA SER A 49 13.83 8.57 -0.85
C SER A 49 12.65 9.18 -1.58
N LYS A 50 12.33 8.63 -2.74
CA LYS A 50 11.20 9.14 -3.52
C LYS A 50 9.92 8.51 -3.02
N VAL A 51 9.74 7.25 -3.37
CA VAL A 51 8.57 6.50 -2.94
C VAL A 51 8.75 6.03 -1.51
N GLY A 52 7.73 6.17 -0.67
CA GLY A 52 7.84 5.76 0.72
C GLY A 52 7.64 4.25 0.85
N MET A 53 8.57 3.49 0.27
CA MET A 53 8.49 2.02 0.33
C MET A 53 9.36 1.49 1.47
N GLU A 54 8.72 1.02 2.54
CA GLU A 54 9.42 0.48 3.71
C GLU A 54 9.13 -1.01 3.86
N VAL A 55 10.14 -1.78 4.25
CA VAL A 55 10.00 -3.23 4.42
C VAL A 55 10.13 -3.62 5.89
N LYS A 56 9.16 -4.38 6.37
CA LYS A 56 9.17 -4.83 7.76
C LYS A 56 9.78 -6.22 7.85
N GLY A 57 10.19 -6.62 9.05
CA GLY A 57 10.79 -7.93 9.23
C GLY A 57 9.84 -9.03 8.78
N CYS A 58 8.56 -8.86 9.08
CA CYS A 58 7.55 -9.83 8.71
C CYS A 58 7.18 -9.69 7.23
N THR A 59 6.35 -8.70 6.92
CA THR A 59 5.92 -8.44 5.54
C THR A 59 6.43 -7.07 5.07
N ARG A 60 5.60 -6.34 4.33
CA ARG A 60 5.99 -5.02 3.83
C ARG A 60 4.80 -4.08 3.75
N ARG A 61 5.08 -2.77 3.79
CA ARG A 61 4.02 -1.75 3.72
C ARG A 61 4.31 -0.72 2.63
N LEU A 62 3.27 -0.36 1.88
CA LEU A 62 3.38 0.62 0.80
C LEU A 62 2.79 1.96 1.25
N VAL A 63 3.64 2.90 1.66
CA VAL A 63 3.19 4.22 2.15
C VAL A 63 3.67 5.37 1.26
N LEU A 64 2.71 6.16 0.78
CA LEU A 64 3.00 7.33 -0.06
C LEU A 64 2.42 8.59 0.61
N PRO A 65 3.13 9.20 1.52
CA PRO A 65 2.62 10.43 2.21
C PRO A 65 2.60 11.66 1.30
N GLN A 66 1.94 11.54 0.14
CA GLN A 66 1.86 12.66 -0.79
C GLN A 66 0.91 12.32 -1.96
N ALA A 67 -0.12 11.54 -1.66
CA ALA A 67 -1.10 11.10 -2.66
C ALA A 67 -1.34 12.19 -3.72
N GLY A 68 -0.85 11.95 -4.94
CA GLY A 68 -0.99 12.90 -6.04
C GLY A 68 -1.78 12.28 -7.19
N LYS A 69 -1.73 12.91 -8.36
CA LYS A 69 -2.43 12.40 -9.53
C LYS A 69 -1.63 11.32 -10.24
N ALA A 70 -0.32 11.31 -10.01
CA ALA A 70 0.55 10.33 -10.64
C ALA A 70 0.27 8.92 -10.11
N ASP A 71 -0.02 8.82 -8.82
CA ASP A 71 -0.29 7.51 -8.20
C ASP A 71 -1.78 7.23 -8.09
N ALA A 72 -2.60 8.09 -8.70
CA ALA A 72 -4.04 7.89 -8.68
C ALA A 72 -4.39 6.67 -9.52
N GLY A 73 -5.25 5.80 -8.98
CA GLY A 73 -5.63 4.58 -9.69
C GLY A 73 -5.87 3.44 -8.71
N GLU A 74 -6.09 2.24 -9.25
CA GLU A 74 -6.35 1.07 -8.42
C GLU A 74 -5.04 0.41 -7.98
N TYR A 75 -5.11 -0.29 -6.85
CA TYR A 75 -3.95 -0.97 -6.28
C TYR A 75 -4.22 -2.47 -6.13
N SER A 76 -3.35 -3.30 -6.73
CA SER A 76 -3.50 -4.76 -6.66
C SER A 76 -2.30 -5.43 -6.01
N CYS A 77 -2.56 -6.33 -5.07
CA CYS A 77 -1.51 -7.06 -4.37
C CYS A 77 -1.91 -8.52 -4.21
N GLU A 78 -0.97 -9.45 -4.44
CA GLU A 78 -1.25 -10.87 -4.32
C GLU A 78 -0.34 -11.53 -3.28
N ALA A 79 -0.89 -11.71 -2.07
CA ALA A 79 -0.14 -12.33 -0.99
C ALA A 79 -0.69 -13.73 -0.71
N GLY A 80 0.21 -14.71 -0.66
CA GLY A 80 -0.19 -16.09 -0.40
C GLY A 80 -1.16 -16.17 0.76
N GLY A 81 -2.46 -16.10 0.46
CA GLY A 81 -3.49 -16.19 1.50
C GLY A 81 -4.50 -15.03 1.40
N GLN A 82 -4.00 -13.79 1.40
CA GLN A 82 -4.88 -12.61 1.33
C GLN A 82 -4.40 -11.63 0.25
N ARG A 83 -5.29 -10.71 -0.12
CA ARG A 83 -4.98 -9.71 -1.15
C ARG A 83 -5.53 -8.33 -0.75
N VAL A 84 -4.95 -7.26 -1.30
CA VAL A 84 -5.38 -5.90 -0.97
C VAL A 84 -5.95 -5.19 -2.20
N SER A 85 -7.08 -4.53 -2.01
CA SER A 85 -7.76 -3.79 -3.08
C SER A 85 -8.13 -2.40 -2.58
N PHE A 86 -7.32 -1.41 -2.92
CA PHE A 86 -7.57 -0.04 -2.49
C PHE A 86 -7.64 0.90 -3.69
N HIS A 87 -8.81 1.50 -3.91
CA HIS A 87 -9.00 2.42 -5.02
C HIS A 87 -9.02 3.85 -4.48
N LEU A 88 -8.06 4.65 -4.92
CA LEU A 88 -7.96 6.03 -4.44
C LEU A 88 -8.30 7.03 -5.54
N HIS A 89 -9.28 7.89 -5.27
CA HIS A 89 -9.65 8.94 -6.22
C HIS A 89 -9.06 10.24 -5.70
N ILE A 90 -7.80 10.47 -6.03
CA ILE A 90 -7.08 11.65 -5.57
C ILE A 90 -7.35 12.85 -6.47
N THR A 91 -7.09 14.04 -5.94
CA THR A 91 -7.33 15.28 -6.71
C THR A 91 -6.00 15.86 -7.21
N GLU A 92 -6.05 16.91 -8.06
CA GLU A 92 -4.81 17.50 -8.64
C GLU A 92 -4.59 19.00 -8.33
N PRO A 93 -5.11 19.56 -7.26
CA PRO A 93 -4.95 21.02 -6.99
C PRO A 93 -3.47 21.45 -7.04
N LEU A 94 -2.59 20.59 -6.55
CA LEU A 94 -1.16 20.89 -6.54
C LEU A 94 -0.50 20.36 -7.81
N GLU A 95 0.39 21.15 -8.39
CA GLU A 95 1.07 20.76 -9.60
C GLU A 95 2.14 19.71 -9.29
N MET A 1 5.23 -21.85 17.16
CA MET A 1 4.97 -20.48 16.63
C MET A 1 4.25 -19.66 17.67
N LYS A 2 4.41 -18.34 17.57
CA LYS A 2 3.76 -17.41 18.49
C LYS A 2 2.43 -16.92 17.92
N MET A 3 1.41 -16.86 18.78
CA MET A 3 0.08 -16.40 18.34
C MET A 3 0.02 -14.88 18.39
N MET A 4 1.16 -14.25 18.14
CA MET A 4 1.25 -12.79 18.14
C MET A 4 0.77 -12.22 16.80
N PHE A 5 -0.52 -11.93 16.71
CA PHE A 5 -1.08 -11.38 15.48
C PHE A 5 -0.90 -9.88 15.41
N ALA A 6 -0.30 -9.41 14.33
CA ALA A 6 -0.10 -7.99 14.15
C ALA A 6 -1.41 -7.32 13.79
N LYS A 7 -1.52 -6.04 14.11
CA LYS A 7 -2.72 -5.27 13.82
C LYS A 7 -3.08 -5.36 12.35
N GLU A 8 -4.37 -5.59 12.08
CA GLU A 8 -4.84 -5.74 10.69
C GLU A 8 -4.52 -4.48 9.89
N GLN A 9 -3.42 -4.55 9.14
CA GLN A 9 -2.94 -3.43 8.32
C GLN A 9 -3.30 -3.63 6.84
N SER A 10 -4.02 -4.71 6.57
CA SER A 10 -4.46 -5.05 5.22
C SER A 10 -5.87 -4.52 4.98
N VAL A 11 -6.00 -3.20 4.84
CA VAL A 11 -7.31 -2.59 4.64
C VAL A 11 -7.86 -2.80 3.23
N HIS A 12 -9.18 -2.91 3.14
CA HIS A 12 -9.88 -3.10 1.88
C HIS A 12 -11.08 -2.15 1.79
N ASN A 13 -11.02 -1.20 0.87
CA ASN A 13 -12.10 -0.24 0.71
C ASN A 13 -11.84 0.70 -0.46
N GLU A 14 -12.90 1.39 -0.87
CA GLU A 14 -12.83 2.36 -1.97
C GLU A 14 -13.14 3.76 -1.43
N VAL A 15 -12.12 4.62 -1.37
CA VAL A 15 -12.31 5.99 -0.87
C VAL A 15 -11.51 7.00 -1.68
N GLN A 16 -11.93 8.27 -1.61
CA GLN A 16 -11.27 9.35 -2.36
C GLN A 16 -10.40 10.20 -1.44
N ALA A 17 -9.66 11.13 -2.03
CA ALA A 17 -8.78 12.00 -1.27
C ALA A 17 -8.37 13.21 -2.12
N GLU A 18 -7.46 14.03 -1.62
CA GLU A 18 -7.02 15.23 -2.36
C GLU A 18 -5.62 15.00 -2.97
N ALA A 19 -5.03 16.02 -3.56
CA ALA A 19 -3.68 15.87 -4.14
C ALA A 19 -2.63 16.02 -3.03
N GLY A 20 -1.56 15.22 -3.06
CA GLY A 20 -0.54 15.35 -2.03
C GLY A 20 -1.09 14.88 -0.69
N ALA A 21 -2.23 14.19 -0.74
CA ALA A 21 -2.85 13.69 0.46
C ALA A 21 -2.10 12.46 0.96
N SER A 22 -2.48 11.98 2.14
CA SER A 22 -1.84 10.81 2.73
C SER A 22 -2.63 9.55 2.42
N ALA A 23 -2.04 8.67 1.61
CA ALA A 23 -2.67 7.40 1.24
C ALA A 23 -1.91 6.25 1.94
N MET A 24 -2.64 5.41 2.68
CA MET A 24 -2.02 4.30 3.42
C MET A 24 -2.55 2.93 2.97
N LEU A 25 -1.67 2.15 2.32
CA LEU A 25 -2.02 0.79 1.87
C LEU A 25 -0.96 -0.18 2.36
N SER A 26 -1.14 -0.74 3.56
CA SER A 26 -0.17 -1.68 4.15
C SER A 26 -0.67 -3.12 4.12
N CYS A 27 0.25 -4.07 4.28
CA CYS A 27 -0.08 -5.50 4.31
C CYS A 27 0.82 -6.20 5.32
N GLU A 28 0.18 -6.92 6.26
CA GLU A 28 0.91 -7.63 7.32
C GLU A 28 0.51 -9.11 7.40
N VAL A 29 1.52 -9.99 7.56
CA VAL A 29 1.27 -11.43 7.72
C VAL A 29 1.93 -11.89 9.02
N ALA A 30 1.13 -12.43 9.93
CA ALA A 30 1.64 -12.88 11.23
C ALA A 30 1.82 -14.40 11.28
N GLN A 31 1.46 -15.10 10.20
CA GLN A 31 1.60 -16.56 10.15
C GLN A 31 2.86 -16.95 9.36
N ALA A 32 2.65 -17.62 8.24
CA ALA A 32 3.76 -18.08 7.39
C ALA A 32 4.22 -16.96 6.46
N GLN A 33 4.60 -15.81 7.05
CA GLN A 33 5.06 -14.62 6.29
C GLN A 33 5.46 -14.97 4.85
N THR A 34 4.46 -15.16 3.98
CA THR A 34 4.71 -15.50 2.58
C THR A 34 4.88 -14.21 1.77
N GLU A 35 5.93 -14.16 0.98
CA GLU A 35 6.19 -12.99 0.16
C GLU A 35 5.09 -12.84 -0.89
N VAL A 36 4.63 -11.60 -1.08
CA VAL A 36 3.55 -11.31 -2.03
C VAL A 36 4.03 -10.42 -3.19
N THR A 37 3.24 -10.36 -4.26
CA THR A 37 3.59 -9.53 -5.41
C THR A 37 2.84 -8.20 -5.31
N TRP A 38 3.60 -7.12 -5.18
CA TRP A 38 3.02 -5.78 -5.03
C TRP A 38 3.24 -4.93 -6.29
N TYR A 39 2.15 -4.40 -6.85
CA TYR A 39 2.24 -3.53 -8.01
C TYR A 39 1.14 -2.49 -7.94
N LYS A 40 1.55 -1.24 -8.00
CA LYS A 40 0.62 -0.11 -7.93
C LYS A 40 0.47 0.47 -9.31
N ASP A 41 -0.76 0.63 -9.75
CA ASP A 41 -1.03 1.16 -11.07
C ASP A 41 -0.74 2.65 -11.13
N GLY A 42 0.44 2.99 -11.66
CA GLY A 42 0.86 4.39 -11.80
C GLY A 42 2.09 4.68 -10.93
N LYS A 43 2.19 3.98 -9.79
CA LYS A 43 3.32 4.17 -8.87
C LYS A 43 4.24 2.94 -8.92
N LYS A 44 5.45 3.15 -9.44
CA LYS A 44 6.42 2.06 -9.52
C LYS A 44 7.28 2.10 -8.27
N LEU A 45 7.46 0.95 -7.61
CA LEU A 45 8.26 0.92 -6.40
C LEU A 45 9.74 0.93 -6.75
N SER A 46 10.47 1.86 -6.16
CA SER A 46 11.91 1.99 -6.41
C SER A 46 12.69 1.74 -5.13
N SER A 47 13.83 2.39 -5.02
CA SER A 47 14.68 2.25 -3.83
C SER A 47 14.14 3.14 -2.70
N SER A 48 12.84 3.40 -2.73
CA SER A 48 12.22 4.25 -1.71
C SER A 48 12.75 5.67 -1.79
N SER A 49 13.77 5.88 -2.63
CA SER A 49 14.34 7.23 -2.79
C SER A 49 13.24 8.17 -3.23
N LYS A 50 12.41 7.70 -4.16
CA LYS A 50 11.29 8.49 -4.67
C LYS A 50 10.10 8.34 -3.75
N VAL A 51 9.42 7.21 -3.86
CA VAL A 51 8.25 6.93 -3.04
C VAL A 51 8.67 6.48 -1.63
N GLY A 52 7.71 6.44 -0.69
CA GLY A 52 8.00 6.03 0.67
C GLY A 52 7.76 4.55 0.88
N MET A 53 8.69 3.74 0.39
CA MET A 53 8.57 2.29 0.51
C MET A 53 9.37 1.79 1.72
N GLU A 54 8.64 1.37 2.76
CA GLU A 54 9.26 0.88 3.98
C GLU A 54 9.02 -0.63 4.10
N VAL A 55 10.11 -1.40 4.21
CA VAL A 55 10.03 -2.85 4.31
C VAL A 55 10.40 -3.31 5.72
N LYS A 56 9.57 -4.17 6.29
CA LYS A 56 9.79 -4.70 7.64
C LYS A 56 10.31 -6.13 7.54
N GLY A 57 10.81 -6.64 8.66
CA GLY A 57 11.35 -8.00 8.70
C GLY A 57 10.28 -9.00 8.28
N CYS A 58 9.06 -8.78 8.75
CA CYS A 58 7.95 -9.66 8.40
C CYS A 58 7.48 -9.35 6.98
N THR A 59 6.27 -8.83 6.85
CA THR A 59 5.75 -8.47 5.52
C THR A 59 6.33 -7.12 5.10
N ARG A 60 5.55 -6.34 4.34
CA ARG A 60 6.02 -5.02 3.88
C ARG A 60 4.90 -3.99 3.88
N ARG A 61 5.27 -2.71 3.90
CA ARG A 61 4.30 -1.60 3.91
C ARG A 61 4.56 -0.64 2.76
N LEU A 62 3.49 -0.07 2.21
CA LEU A 62 3.57 0.87 1.09
C LEU A 62 2.95 2.20 1.48
N VAL A 63 3.78 3.16 1.89
CA VAL A 63 3.28 4.45 2.34
C VAL A 63 3.60 5.57 1.35
N LEU A 64 2.56 6.31 0.93
CA LEU A 64 2.69 7.41 -0.01
C LEU A 64 2.15 8.70 0.63
N PRO A 65 2.92 9.37 1.46
CA PRO A 65 2.47 10.62 2.15
C PRO A 65 2.43 11.85 1.23
N GLN A 66 1.85 11.68 0.04
CA GLN A 66 1.70 12.79 -0.90
C GLN A 66 0.91 12.35 -2.13
N ALA A 67 -0.02 11.42 -1.91
CA ALA A 67 -0.87 10.89 -2.98
C ALA A 67 -1.17 11.96 -4.04
N GLY A 68 -0.47 11.86 -5.18
CA GLY A 68 -0.63 12.81 -6.29
C GLY A 68 -1.09 12.12 -7.58
N LYS A 69 -1.06 12.86 -8.68
CA LYS A 69 -1.49 12.31 -9.98
C LYS A 69 -0.73 11.02 -10.29
N ALA A 70 0.56 11.03 -10.00
CA ALA A 70 1.40 9.87 -10.27
C ALA A 70 1.00 8.67 -9.40
N ASP A 71 0.59 8.94 -8.15
CA ASP A 71 0.18 7.87 -7.25
C ASP A 71 -1.32 7.60 -7.33
N ALA A 72 -2.01 8.35 -8.16
CA ALA A 72 -3.46 8.15 -8.33
C ALA A 72 -3.70 6.91 -9.17
N GLY A 73 -4.71 6.11 -8.77
CA GLY A 73 -5.03 4.88 -9.50
C GLY A 73 -5.40 3.77 -8.53
N GLU A 74 -5.58 2.57 -9.07
CA GLU A 74 -5.93 1.41 -8.24
C GLU A 74 -4.67 0.68 -7.77
N TYR A 75 -4.79 -0.01 -6.64
CA TYR A 75 -3.66 -0.76 -6.09
C TYR A 75 -4.07 -2.22 -5.92
N SER A 76 -3.25 -3.14 -6.41
CA SER A 76 -3.55 -4.56 -6.29
C SER A 76 -2.31 -5.38 -5.90
N CYS A 77 -2.49 -6.27 -4.94
CA CYS A 77 -1.41 -7.15 -4.45
C CYS A 77 -1.94 -8.57 -4.28
N GLU A 78 -1.16 -9.54 -4.73
CA GLU A 78 -1.54 -10.95 -4.64
C GLU A 78 -0.80 -11.65 -3.49
N ALA A 79 -1.48 -11.75 -2.35
CA ALA A 79 -0.92 -12.38 -1.17
C ALA A 79 -1.39 -13.84 -1.09
N GLY A 80 -0.81 -14.61 -0.17
CA GLY A 80 -1.18 -16.01 -0.01
C GLY A 80 -2.57 -16.16 0.60
N GLY A 81 -3.59 -16.18 -0.26
CA GLY A 81 -4.97 -16.32 0.17
C GLY A 81 -5.64 -14.97 0.37
N GLN A 82 -4.84 -13.91 0.55
CA GLN A 82 -5.40 -12.56 0.75
C GLN A 82 -5.03 -11.64 -0.41
N ARG A 83 -5.62 -10.44 -0.41
CA ARG A 83 -5.34 -9.44 -1.46
C ARG A 83 -5.84 -8.07 -1.00
N VAL A 84 -5.15 -7.01 -1.43
CA VAL A 84 -5.57 -5.65 -1.05
C VAL A 84 -6.00 -4.85 -2.28
N SER A 85 -7.19 -4.25 -2.19
CA SER A 85 -7.72 -3.43 -3.27
C SER A 85 -8.15 -2.08 -2.69
N PHE A 86 -7.30 -1.08 -2.86
CA PHE A 86 -7.54 0.27 -2.33
C PHE A 86 -7.54 1.29 -3.47
N HIS A 87 -8.74 1.77 -3.80
CA HIS A 87 -8.89 2.76 -4.88
C HIS A 87 -8.79 4.16 -4.31
N LEU A 88 -7.85 4.96 -4.85
CA LEU A 88 -7.64 6.32 -4.37
C LEU A 88 -7.91 7.32 -5.50
N HIS A 89 -9.06 8.01 -5.45
CA HIS A 89 -9.37 9.02 -6.47
C HIS A 89 -8.99 10.37 -5.89
N ILE A 90 -7.74 10.76 -6.13
CA ILE A 90 -7.20 12.01 -5.62
C ILE A 90 -7.21 13.09 -6.66
N THR A 91 -7.14 14.33 -6.19
CA THR A 91 -7.16 15.48 -7.12
C THR A 91 -5.76 15.73 -7.68
N GLU A 92 -5.68 16.46 -8.81
CA GLU A 92 -4.36 16.72 -9.44
C GLU A 92 -3.97 18.22 -9.59
N PRO A 93 -4.63 19.17 -8.94
CA PRO A 93 -4.23 20.61 -9.08
C PRO A 93 -2.77 20.82 -8.66
N LEU A 94 -2.24 19.93 -7.83
CA LEU A 94 -0.85 20.06 -7.39
C LEU A 94 0.09 19.65 -8.52
N GLU A 95 1.03 20.54 -8.84
CA GLU A 95 1.99 20.27 -9.92
C GLU A 95 3.23 19.61 -9.35
N MET A 1 5.87 -15.19 12.71
CA MET A 1 6.75 -15.30 13.92
C MET A 1 5.88 -15.54 15.14
N LYS A 2 5.61 -14.48 15.89
CA LYS A 2 4.79 -14.58 17.09
C LYS A 2 3.33 -14.81 16.70
N MET A 3 2.66 -15.68 17.45
CA MET A 3 1.26 -16.01 17.15
C MET A 3 0.33 -14.82 17.40
N MET A 4 0.90 -13.63 17.57
CA MET A 4 0.08 -12.43 17.80
C MET A 4 -0.34 -11.84 16.47
N PHE A 5 -1.64 -11.80 16.27
CA PHE A 5 -2.19 -11.27 15.02
C PHE A 5 -2.34 -9.75 15.09
N ALA A 6 -1.70 -9.06 14.16
CA ALA A 6 -1.80 -7.62 14.12
C ALA A 6 -3.10 -7.21 13.46
N LYS A 7 -3.49 -5.95 13.67
CA LYS A 7 -4.70 -5.45 13.07
C LYS A 7 -4.62 -5.65 11.57
N GLU A 8 -5.69 -6.15 10.97
CA GLU A 8 -5.66 -6.40 9.54
C GLU A 8 -5.35 -5.11 8.79
N GLN A 9 -4.12 -5.02 8.30
CA GLN A 9 -3.69 -3.84 7.55
C GLN A 9 -4.06 -3.98 6.08
N SER A 10 -4.78 -5.05 5.76
CA SER A 10 -5.19 -5.30 4.39
C SER A 10 -6.46 -4.54 4.04
N VAL A 11 -6.29 -3.43 3.32
CA VAL A 11 -7.43 -2.61 2.91
C VAL A 11 -8.25 -3.34 1.86
N HIS A 12 -9.48 -2.87 1.64
CA HIS A 12 -10.37 -3.52 0.66
C HIS A 12 -11.49 -2.57 0.21
N ASN A 13 -11.37 -1.29 0.55
CA ASN A 13 -12.41 -0.29 0.22
C ASN A 13 -11.87 0.85 -0.65
N GLU A 14 -12.76 1.78 -0.99
CA GLU A 14 -12.43 2.94 -1.82
C GLU A 14 -12.47 4.22 -0.99
N VAL A 15 -11.38 4.96 -0.97
CA VAL A 15 -11.30 6.22 -0.21
C VAL A 15 -10.79 7.33 -1.11
N GLN A 16 -11.34 8.53 -0.94
CA GLN A 16 -10.94 9.66 -1.76
C GLN A 16 -9.96 10.54 -0.98
N ALA A 17 -9.10 11.24 -1.70
CA ALA A 17 -8.12 12.12 -1.09
C ALA A 17 -7.76 13.26 -2.06
N GLU A 18 -6.81 14.09 -1.66
CA GLU A 18 -6.37 15.23 -2.47
C GLU A 18 -4.98 14.99 -3.03
N ALA A 19 -4.40 16.03 -3.61
CA ALA A 19 -3.05 15.95 -4.16
C ALA A 19 -2.04 16.13 -3.02
N GLY A 20 -0.99 15.30 -2.98
CA GLY A 20 -0.01 15.43 -1.92
C GLY A 20 -0.60 14.93 -0.62
N ALA A 21 -1.73 14.24 -0.73
CA ALA A 21 -2.41 13.69 0.44
C ALA A 21 -1.59 12.55 1.02
N SER A 22 -2.03 12.02 2.16
CA SER A 22 -1.32 10.92 2.82
C SER A 22 -2.13 9.62 2.78
N ALA A 23 -1.74 8.73 1.85
CA ALA A 23 -2.39 7.43 1.73
C ALA A 23 -1.57 6.42 2.53
N MET A 24 -2.26 5.63 3.35
CA MET A 24 -1.55 4.66 4.21
C MET A 24 -1.98 3.20 3.98
N LEU A 25 -1.45 2.57 2.93
CA LEU A 25 -1.77 1.17 2.66
C LEU A 25 -0.67 0.27 3.22
N SER A 26 -1.04 -0.93 3.68
CA SER A 26 -0.03 -1.82 4.23
C SER A 26 -0.50 -3.27 4.19
N CYS A 27 0.47 -4.17 4.17
CA CYS A 27 0.21 -5.61 4.14
C CYS A 27 1.01 -6.28 5.23
N GLU A 28 0.34 -6.66 6.32
CA GLU A 28 1.01 -7.32 7.45
C GLU A 28 0.52 -8.75 7.63
N VAL A 29 1.46 -9.70 7.56
CA VAL A 29 1.13 -11.12 7.75
C VAL A 29 1.68 -11.59 9.09
N ALA A 30 0.79 -12.04 9.97
CA ALA A 30 1.17 -12.49 11.31
C ALA A 30 1.21 -14.01 11.40
N GLN A 31 1.14 -14.68 10.24
CA GLN A 31 1.16 -16.14 10.19
C GLN A 31 2.25 -16.63 9.25
N ALA A 32 1.84 -17.26 8.15
CA ALA A 32 2.79 -17.79 7.18
C ALA A 32 3.48 -16.67 6.41
N GLN A 33 4.10 -15.74 7.14
CA GLN A 33 4.81 -14.61 6.55
C GLN A 33 5.38 -14.95 5.16
N THR A 34 4.51 -14.86 4.17
CA THR A 34 4.89 -15.14 2.78
C THR A 34 5.20 -13.86 2.03
N GLU A 35 6.00 -13.95 0.99
CA GLU A 35 6.32 -12.77 0.18
C GLU A 35 5.16 -12.50 -0.77
N VAL A 36 4.72 -11.25 -0.81
CA VAL A 36 3.60 -10.86 -1.66
C VAL A 36 4.06 -10.02 -2.84
N THR A 37 3.61 -10.37 -4.05
CA THR A 37 4.00 -9.62 -5.24
C THR A 37 3.10 -8.40 -5.37
N TRP A 38 3.56 -7.30 -4.80
CA TRP A 38 2.79 -6.06 -4.81
C TRP A 38 3.17 -5.11 -5.95
N TYR A 39 2.15 -4.57 -6.60
CA TYR A 39 2.35 -3.62 -7.69
C TYR A 39 1.22 -2.59 -7.66
N LYS A 40 1.47 -1.42 -8.22
CA LYS A 40 0.50 -0.33 -8.23
C LYS A 40 0.29 0.17 -9.65
N ASP A 41 -0.95 0.39 -10.02
CA ASP A 41 -1.27 0.88 -11.36
C ASP A 41 -0.96 2.36 -11.47
N GLY A 42 0.24 2.67 -11.94
CA GLY A 42 0.68 4.07 -12.11
C GLY A 42 1.85 4.40 -11.19
N LYS A 43 1.92 3.74 -10.04
CA LYS A 43 3.02 3.98 -9.11
C LYS A 43 4.01 2.81 -9.18
N LYS A 44 5.24 3.13 -9.59
CA LYS A 44 6.28 2.12 -9.70
C LYS A 44 7.07 2.04 -8.39
N LEU A 45 7.38 0.83 -7.94
CA LEU A 45 8.12 0.69 -6.68
C LEU A 45 9.62 0.89 -6.92
N SER A 46 10.13 2.03 -6.46
CA SER A 46 11.55 2.37 -6.60
C SER A 46 12.19 2.53 -5.22
N SER A 47 13.50 2.38 -5.16
CA SER A 47 14.23 2.52 -3.90
C SER A 47 14.80 3.92 -3.77
N SER A 48 13.91 4.93 -3.71
CA SER A 48 14.35 6.33 -3.61
C SER A 48 13.37 7.17 -2.79
N SER A 49 13.77 8.40 -2.49
CA SER A 49 12.95 9.31 -1.69
C SER A 49 11.61 9.63 -2.36
N LYS A 50 11.32 8.96 -3.47
CA LYS A 50 10.06 9.20 -4.19
C LYS A 50 8.90 8.48 -3.50
N VAL A 51 8.79 7.18 -3.73
CA VAL A 51 7.73 6.38 -3.12
C VAL A 51 8.15 5.99 -1.70
N GLY A 52 7.21 6.10 -0.77
CA GLY A 52 7.50 5.79 0.63
C GLY A 52 7.30 4.31 0.93
N MET A 53 8.05 3.47 0.24
CA MET A 53 7.98 2.02 0.44
C MET A 53 9.10 1.60 1.39
N GLU A 54 8.72 1.09 2.55
CA GLU A 54 9.69 0.64 3.55
C GLU A 54 9.61 -0.86 3.72
N VAL A 55 10.74 -1.48 3.97
CA VAL A 55 10.79 -2.91 4.14
C VAL A 55 11.14 -3.27 5.58
N LYS A 56 10.34 -4.17 6.15
CA LYS A 56 10.54 -4.64 7.51
C LYS A 56 10.86 -6.13 7.51
N GLY A 57 11.50 -6.60 8.58
CA GLY A 57 11.85 -8.01 8.67
C GLY A 57 10.60 -8.86 8.53
N CYS A 58 9.48 -8.32 8.98
CA CYS A 58 8.22 -9.02 8.87
C CYS A 58 7.75 -9.05 7.41
N THR A 59 6.75 -8.21 7.09
CA THR A 59 6.20 -8.14 5.73
C THR A 59 6.60 -6.83 5.03
N ARG A 60 5.71 -6.32 4.17
CA ARG A 60 5.99 -5.09 3.40
C ARG A 60 4.90 -4.03 3.66
N ARG A 61 5.27 -2.74 3.54
CA ARG A 61 4.30 -1.64 3.75
C ARG A 61 4.38 -0.58 2.63
N LEU A 62 3.23 -0.26 2.04
CA LEU A 62 3.14 0.71 0.95
C LEU A 62 2.51 2.02 1.43
N VAL A 63 3.33 3.04 1.68
CA VAL A 63 2.80 4.33 2.13
C VAL A 63 3.38 5.49 1.31
N LEU A 64 2.49 6.33 0.78
CA LEU A 64 2.91 7.49 -0.02
C LEU A 64 2.44 8.79 0.66
N PRO A 65 3.26 9.38 1.53
CA PRO A 65 2.87 10.63 2.24
C PRO A 65 2.80 11.84 1.29
N GLN A 66 2.25 11.65 0.09
CA GLN A 66 2.13 12.74 -0.87
C GLN A 66 1.32 12.30 -2.07
N ALA A 67 0.33 11.43 -1.83
CA ALA A 67 -0.52 10.90 -2.90
C ALA A 67 -0.72 11.94 -4.00
N GLY A 68 0.00 11.73 -5.11
CA GLY A 68 -0.06 12.64 -6.25
C GLY A 68 -0.58 11.92 -7.49
N LYS A 69 -0.54 12.62 -8.61
CA LYS A 69 -1.03 12.07 -9.86
C LYS A 69 -0.36 10.75 -10.20
N ALA A 70 0.74 10.45 -9.51
CA ALA A 70 1.46 9.21 -9.76
C ALA A 70 0.92 8.06 -8.91
N ASP A 71 0.13 8.40 -7.87
CA ASP A 71 -0.45 7.39 -6.99
C ASP A 71 -1.94 7.19 -7.27
N ALA A 72 -2.47 7.92 -8.27
CA ALA A 72 -3.89 7.81 -8.63
C ALA A 72 -4.13 6.50 -9.37
N GLY A 73 -5.24 5.82 -9.05
CA GLY A 73 -5.56 4.56 -9.72
C GLY A 73 -6.02 3.51 -8.72
N GLU A 74 -5.77 2.24 -9.07
CA GLU A 74 -6.15 1.12 -8.21
C GLU A 74 -4.89 0.34 -7.78
N TYR A 75 -4.86 -0.05 -6.50
CA TYR A 75 -3.73 -0.80 -5.96
C TYR A 75 -4.16 -2.24 -5.67
N SER A 76 -3.27 -3.20 -5.99
CA SER A 76 -3.58 -4.61 -5.77
C SER A 76 -2.34 -5.35 -5.28
N CYS A 77 -2.52 -6.06 -4.18
CA CYS A 77 -1.45 -6.86 -3.58
C CYS A 77 -1.81 -8.34 -3.70
N GLU A 78 -0.82 -9.15 -4.07
CA GLU A 78 -1.06 -10.59 -4.23
C GLU A 78 -0.33 -11.39 -3.16
N ALA A 79 -1.04 -11.74 -2.10
CA ALA A 79 -0.48 -12.53 -0.99
C ALA A 79 -1.16 -13.90 -0.96
N GLY A 80 -0.37 -14.95 -0.74
CA GLY A 80 -0.91 -16.31 -0.70
C GLY A 80 -1.97 -16.47 0.40
N GLY A 81 -3.13 -15.84 0.22
CA GLY A 81 -4.21 -15.95 1.22
C GLY A 81 -4.93 -14.62 1.42
N GLN A 82 -4.15 -13.55 1.46
CA GLN A 82 -4.71 -12.21 1.66
C GLN A 82 -4.62 -11.40 0.38
N ARG A 83 -5.67 -10.61 0.13
CA ARG A 83 -5.75 -9.78 -1.07
C ARG A 83 -6.12 -8.35 -0.66
N VAL A 84 -5.47 -7.35 -1.27
CA VAL A 84 -5.74 -5.94 -0.94
C VAL A 84 -6.35 -5.22 -2.12
N SER A 85 -7.40 -4.45 -1.84
CA SER A 85 -8.08 -3.65 -2.87
C SER A 85 -8.28 -2.23 -2.36
N PHE A 86 -7.40 -1.33 -2.78
CA PHE A 86 -7.45 0.07 -2.37
C PHE A 86 -7.53 0.99 -3.58
N HIS A 87 -8.73 1.46 -3.89
CA HIS A 87 -8.94 2.36 -5.01
C HIS A 87 -9.04 3.79 -4.48
N LEU A 88 -8.21 4.70 -5.00
CA LEU A 88 -8.19 6.08 -4.53
C LEU A 88 -8.35 7.08 -5.67
N HIS A 89 -9.22 8.07 -5.45
CA HIS A 89 -9.44 9.13 -6.43
C HIS A 89 -8.83 10.42 -5.88
N ILE A 90 -7.54 10.62 -6.12
CA ILE A 90 -6.85 11.80 -5.61
C ILE A 90 -6.76 12.90 -6.65
N THR A 91 -6.59 14.12 -6.17
CA THR A 91 -6.52 15.28 -7.07
C THR A 91 -5.10 15.41 -7.66
N GLU A 92 -4.96 16.11 -8.79
CA GLU A 92 -3.64 16.27 -9.44
C GLU A 92 -3.17 17.74 -9.60
N PRO A 93 -3.73 18.71 -8.92
CA PRO A 93 -3.28 20.11 -9.09
C PRO A 93 -1.77 20.25 -8.84
N LEU A 94 -1.16 19.17 -8.35
CA LEU A 94 0.27 19.14 -8.06
C LEU A 94 1.06 19.39 -9.34
N GLU A 95 0.62 18.75 -10.43
CA GLU A 95 1.28 18.89 -11.72
C GLU A 95 1.66 20.34 -11.98
N MET A 1 8.54 -18.17 16.17
CA MET A 1 7.14 -18.69 16.24
C MET A 1 6.39 -17.97 17.35
N LYS A 2 6.00 -16.73 17.09
CA LYS A 2 5.28 -15.92 18.06
C LYS A 2 3.79 -15.92 17.75
N MET A 3 2.97 -15.99 18.80
CA MET A 3 1.52 -15.99 18.63
C MET A 3 1.00 -14.56 18.52
N MET A 4 1.91 -13.63 18.22
CA MET A 4 1.55 -12.23 18.10
C MET A 4 1.02 -11.90 16.71
N PHE A 5 -0.30 -11.87 16.58
CA PHE A 5 -0.92 -11.55 15.29
C PHE A 5 -1.12 -10.05 15.16
N ALA A 6 -0.53 -9.47 14.11
CA ALA A 6 -0.64 -8.02 13.89
C ALA A 6 -2.07 -7.64 13.52
N LYS A 7 -2.48 -6.44 13.93
CA LYS A 7 -3.82 -5.96 13.63
C LYS A 7 -4.00 -5.86 12.12
N GLU A 8 -5.14 -6.33 11.65
CA GLU A 8 -5.42 -6.34 10.21
C GLU A 8 -5.30 -4.93 9.62
N GLN A 9 -4.14 -4.65 9.02
CA GLN A 9 -3.87 -3.35 8.40
C GLN A 9 -4.08 -3.42 6.88
N SER A 10 -4.60 -4.56 6.42
CA SER A 10 -4.84 -4.76 4.98
C SER A 10 -6.10 -4.01 4.58
N VAL A 11 -5.92 -2.80 4.06
CA VAL A 11 -7.05 -1.96 3.65
C VAL A 11 -7.79 -2.56 2.45
N HIS A 12 -9.11 -2.41 2.46
CA HIS A 12 -9.95 -2.90 1.37
C HIS A 12 -11.22 -2.08 1.27
N ASN A 13 -11.18 -1.00 0.49
CA ASN A 13 -12.34 -0.13 0.32
C ASN A 13 -12.05 0.95 -0.70
N GLU A 14 -13.09 1.71 -1.04
CA GLU A 14 -12.96 2.81 -2.01
C GLU A 14 -12.93 4.16 -1.30
N VAL A 15 -11.76 4.79 -1.29
CA VAL A 15 -11.57 6.09 -0.64
C VAL A 15 -10.99 7.09 -1.63
N GLN A 16 -11.55 8.30 -1.65
CA GLN A 16 -11.08 9.35 -2.57
C GLN A 16 -10.39 10.48 -1.79
N ALA A 17 -9.10 10.69 -2.07
CA ALA A 17 -8.32 11.74 -1.38
C ALA A 17 -7.93 12.84 -2.35
N GLU A 18 -7.26 13.87 -1.81
CA GLU A 18 -6.79 15.01 -2.61
C GLU A 18 -5.33 14.81 -2.99
N ALA A 19 -4.72 15.82 -3.60
CA ALA A 19 -3.30 15.73 -3.97
C ALA A 19 -2.41 15.99 -2.76
N GLY A 20 -1.24 15.37 -2.72
CA GLY A 20 -0.35 15.56 -1.60
C GLY A 20 -0.93 14.92 -0.35
N ALA A 21 -2.09 14.31 -0.52
CA ALA A 21 -2.75 13.64 0.59
C ALA A 21 -1.91 12.47 1.04
N SER A 22 -2.34 11.81 2.12
CA SER A 22 -1.60 10.67 2.66
C SER A 22 -2.38 9.38 2.47
N ALA A 23 -2.02 8.62 1.44
CA ALA A 23 -2.67 7.35 1.16
C ALA A 23 -1.86 6.22 1.81
N MET A 24 -2.54 5.38 2.61
CA MET A 24 -1.86 4.28 3.32
C MET A 24 -2.47 2.91 3.01
N LEU A 25 -1.65 2.04 2.42
CA LEU A 25 -2.06 0.66 2.09
C LEU A 25 -1.03 -0.28 2.69
N SER A 26 -1.23 -0.71 3.94
CA SER A 26 -0.26 -1.57 4.62
C SER A 26 -0.74 -3.02 4.72
N CYS A 27 0.16 -3.95 4.42
CA CYS A 27 -0.15 -5.38 4.49
C CYS A 27 0.92 -6.09 5.31
N GLU A 28 0.53 -6.59 6.48
CA GLU A 28 1.45 -7.29 7.38
C GLU A 28 0.98 -8.71 7.62
N VAL A 29 1.86 -9.67 7.34
CA VAL A 29 1.54 -11.07 7.56
C VAL A 29 2.26 -11.53 8.81
N ALA A 30 1.48 -11.93 9.81
CA ALA A 30 2.04 -12.37 11.09
C ALA A 30 1.99 -13.89 11.25
N GLN A 31 1.54 -14.58 10.20
CA GLN A 31 1.44 -16.04 10.24
C GLN A 31 2.46 -16.70 9.30
N ALA A 32 1.97 -17.44 8.32
CA ALA A 32 2.83 -18.12 7.35
C ALA A 32 3.49 -17.14 6.40
N GLN A 33 4.19 -16.14 6.96
CA GLN A 33 4.89 -15.10 6.18
C GLN A 33 5.19 -15.54 4.75
N THR A 34 4.18 -15.49 3.90
CA THR A 34 4.31 -15.88 2.51
C THR A 34 4.62 -14.66 1.64
N GLU A 35 5.56 -14.79 0.71
CA GLU A 35 5.90 -13.67 -0.15
C GLU A 35 4.73 -13.32 -1.07
N VAL A 36 4.42 -12.03 -1.15
CA VAL A 36 3.32 -11.55 -1.97
C VAL A 36 3.83 -10.59 -3.04
N THR A 37 3.03 -10.42 -4.10
CA THR A 37 3.42 -9.52 -5.20
C THR A 37 2.93 -8.11 -4.92
N TRP A 38 3.85 -7.14 -5.03
CA TRP A 38 3.51 -5.74 -4.78
C TRP A 38 3.57 -4.92 -6.07
N TYR A 39 2.41 -4.63 -6.67
CA TYR A 39 2.40 -3.83 -7.90
C TYR A 39 1.27 -2.80 -7.83
N LYS A 40 1.65 -1.54 -8.02
CA LYS A 40 0.69 -0.43 -7.98
C LYS A 40 0.49 0.12 -9.40
N ASP A 41 -0.76 0.40 -9.73
CA ASP A 41 -1.12 0.88 -11.06
C ASP A 41 -0.55 2.29 -11.33
N GLY A 42 0.59 2.34 -12.00
CA GLY A 42 1.22 3.63 -12.36
C GLY A 42 2.48 3.91 -11.55
N LYS A 43 2.60 3.26 -10.38
CA LYS A 43 3.77 3.46 -9.51
C LYS A 43 4.65 2.21 -9.48
N LYS A 44 5.91 2.39 -9.83
CA LYS A 44 6.89 1.30 -9.83
C LYS A 44 7.74 1.39 -8.57
N LEU A 45 7.92 0.29 -7.87
CA LEU A 45 8.72 0.33 -6.64
C LEU A 45 10.18 0.55 -6.97
N SER A 46 10.64 1.77 -6.74
CA SER A 46 12.02 2.16 -7.01
C SER A 46 12.70 2.59 -5.70
N SER A 47 13.51 3.64 -5.80
CA SER A 47 14.20 4.15 -4.62
C SER A 47 13.22 4.82 -3.67
N SER A 48 13.48 4.71 -2.38
CA SER A 48 12.61 5.32 -1.37
C SER A 48 12.60 6.83 -1.54
N SER A 49 13.60 7.35 -2.24
CA SER A 49 13.70 8.78 -2.48
C SER A 49 12.48 9.28 -3.25
N LYS A 50 11.98 8.47 -4.17
CA LYS A 50 10.82 8.85 -4.97
C LYS A 50 9.55 8.70 -4.14
N VAL A 51 9.05 7.47 -4.06
CA VAL A 51 7.84 7.19 -3.27
C VAL A 51 8.24 6.67 -1.90
N GLY A 52 7.30 6.69 -0.96
CA GLY A 52 7.61 6.22 0.38
C GLY A 52 7.36 4.72 0.55
N MET A 53 8.14 3.90 -0.15
CA MET A 53 7.98 2.44 -0.05
C MET A 53 9.03 1.90 0.92
N GLU A 54 8.57 1.33 2.05
CA GLU A 54 9.50 0.80 3.06
C GLU A 54 9.07 -0.59 3.51
N VAL A 55 10.00 -1.32 4.12
CA VAL A 55 9.72 -2.67 4.63
C VAL A 55 9.69 -2.66 6.15
N LYS A 56 8.59 -3.14 6.73
CA LYS A 56 8.43 -3.18 8.18
C LYS A 56 8.18 -4.60 8.67
N GLY A 57 8.69 -4.89 9.87
CA GLY A 57 8.51 -6.20 10.48
C GLY A 57 8.64 -7.32 9.45
N CYS A 58 7.66 -8.23 9.48
CA CYS A 58 7.66 -9.37 8.56
C CYS A 58 7.51 -8.93 7.11
N THR A 59 6.29 -8.58 6.71
CA THR A 59 6.05 -8.15 5.33
C THR A 59 6.45 -6.68 5.14
N ARG A 60 5.65 -5.95 4.35
CA ARG A 60 5.96 -4.54 4.08
C ARG A 60 4.70 -3.72 3.86
N ARG A 61 4.87 -2.40 3.79
CA ARG A 61 3.74 -1.49 3.59
C ARG A 61 4.11 -0.34 2.66
N LEU A 62 3.11 0.13 1.89
CA LEU A 62 3.31 1.25 0.97
C LEU A 62 2.84 2.54 1.62
N VAL A 63 3.79 3.37 1.97
CA VAL A 63 3.51 4.66 2.58
C VAL A 63 3.67 5.76 1.55
N LEU A 64 2.59 6.48 1.29
CA LEU A 64 2.59 7.56 0.31
C LEU A 64 2.14 8.87 0.97
N PRO A 65 3.02 9.54 1.69
CA PRO A 65 2.69 10.81 2.41
C PRO A 65 2.62 12.03 1.49
N GLN A 66 2.12 11.83 0.28
CA GLN A 66 1.99 12.94 -0.65
C GLN A 66 1.21 12.47 -1.87
N ALA A 67 0.31 11.53 -1.64
CA ALA A 67 -0.52 10.96 -2.69
C ALA A 67 -0.93 12.04 -3.68
N GLY A 68 -0.43 11.92 -4.91
CA GLY A 68 -0.72 12.90 -5.95
C GLY A 68 -1.41 12.24 -7.14
N LYS A 69 -1.56 13.00 -8.22
CA LYS A 69 -2.20 12.50 -9.42
C LYS A 69 -1.43 11.30 -9.97
N ALA A 70 -0.11 11.36 -9.92
CA ALA A 70 0.70 10.25 -10.41
C ALA A 70 0.57 9.06 -9.49
N ASP A 71 0.00 9.29 -8.31
CA ASP A 71 -0.22 8.22 -7.34
C ASP A 71 -1.64 7.71 -7.47
N ALA A 72 -2.39 8.37 -8.35
CA ALA A 72 -3.78 8.01 -8.59
C ALA A 72 -3.86 6.69 -9.33
N GLY A 73 -4.83 5.85 -8.97
CA GLY A 73 -4.99 4.57 -9.64
C GLY A 73 -5.46 3.50 -8.66
N GLU A 74 -5.42 2.26 -9.12
CA GLU A 74 -5.83 1.11 -8.29
C GLU A 74 -4.61 0.36 -7.78
N TYR A 75 -4.67 -0.10 -6.54
CA TYR A 75 -3.57 -0.87 -5.95
C TYR A 75 -4.00 -2.32 -5.73
N SER A 76 -3.19 -3.25 -6.22
CA SER A 76 -3.48 -4.68 -6.07
C SER A 76 -2.28 -5.46 -5.55
N CYS A 77 -2.53 -6.30 -4.55
CA CYS A 77 -1.49 -7.14 -3.96
C CYS A 77 -1.99 -8.57 -3.85
N GLU A 78 -1.19 -9.53 -4.34
CA GLU A 78 -1.59 -10.94 -4.30
C GLU A 78 -0.92 -11.64 -3.13
N ALA A 79 -1.66 -11.77 -2.03
CA ALA A 79 -1.17 -12.43 -0.83
C ALA A 79 -1.71 -13.84 -0.75
N GLY A 80 -1.04 -14.70 0.02
CA GLY A 80 -1.47 -16.09 0.16
C GLY A 80 -2.78 -16.19 0.95
N GLY A 81 -3.91 -16.16 0.23
CA GLY A 81 -5.22 -16.26 0.86
C GLY A 81 -5.86 -14.88 1.05
N GLN A 82 -5.03 -13.85 1.11
CA GLN A 82 -5.53 -12.48 1.30
C GLN A 82 -5.35 -11.66 0.02
N ARG A 83 -6.05 -10.54 -0.05
CA ARG A 83 -5.98 -9.66 -1.22
C ARG A 83 -6.29 -8.22 -0.81
N VAL A 84 -5.57 -7.26 -1.41
CA VAL A 84 -5.79 -5.84 -1.09
C VAL A 84 -6.31 -5.10 -2.31
N SER A 85 -7.42 -4.37 -2.12
CA SER A 85 -8.03 -3.57 -3.18
C SER A 85 -8.32 -2.18 -2.63
N PHE A 86 -7.43 -1.24 -2.92
CA PHE A 86 -7.56 0.13 -2.43
C PHE A 86 -7.56 1.13 -3.58
N HIS A 87 -8.73 1.72 -3.86
CA HIS A 87 -8.87 2.70 -4.93
C HIS A 87 -8.70 4.10 -4.37
N LEU A 88 -7.70 4.82 -4.87
CA LEU A 88 -7.42 6.18 -4.39
C LEU A 88 -7.61 7.20 -5.52
N HIS A 89 -8.74 7.90 -5.49
CA HIS A 89 -8.99 8.93 -6.49
C HIS A 89 -8.32 10.21 -6.01
N ILE A 90 -7.05 10.35 -6.36
CA ILE A 90 -6.27 11.51 -5.94
C ILE A 90 -6.59 12.73 -6.77
N THR A 91 -6.87 13.85 -6.09
CA THR A 91 -7.20 15.10 -6.78
C THR A 91 -5.95 15.94 -6.98
N GLU A 92 -6.04 17.05 -7.75
CA GLU A 92 -4.87 17.90 -8.04
C GLU A 92 -4.96 19.36 -7.53
N PRO A 93 -5.75 19.67 -6.52
CA PRO A 93 -5.84 21.07 -6.03
C PRO A 93 -4.45 21.58 -5.62
N LEU A 94 -3.56 20.65 -5.26
CA LEU A 94 -2.21 21.00 -4.85
C LEU A 94 -1.19 20.44 -5.84
N GLU A 95 -0.36 21.33 -6.37
CA GLU A 95 0.67 20.92 -7.33
C GLU A 95 1.55 19.82 -6.75
N MET A 1 -0.02 -20.13 12.66
CA MET A 1 0.21 -20.83 13.96
C MET A 1 0.53 -19.79 15.04
N LYS A 2 1.06 -18.66 14.61
CA LYS A 2 1.44 -17.60 15.53
C LYS A 2 0.22 -16.84 16.04
N MET A 3 0.21 -16.54 17.33
CA MET A 3 -0.89 -15.81 17.95
C MET A 3 -0.68 -14.30 17.84
N MET A 4 0.44 -13.90 17.23
CA MET A 4 0.74 -12.46 17.09
C MET A 4 -0.01 -11.87 15.91
N PHE A 5 -1.19 -11.33 16.18
CA PHE A 5 -2.00 -10.72 15.15
C PHE A 5 -1.86 -9.20 15.17
N ALA A 6 -1.39 -8.62 14.07
CA ALA A 6 -1.23 -7.18 14.01
C ALA A 6 -2.56 -6.52 13.65
N LYS A 7 -2.63 -5.20 13.81
CA LYS A 7 -3.85 -4.47 13.52
C LYS A 7 -4.27 -4.66 12.07
N GLU A 8 -5.57 -4.86 11.87
CA GLU A 8 -6.11 -5.09 10.54
C GLU A 8 -5.79 -3.89 9.64
N GLN A 9 -4.63 -3.95 8.99
CA GLN A 9 -4.18 -2.88 8.10
C GLN A 9 -4.27 -3.30 6.64
N SER A 10 -4.93 -4.43 6.39
CA SER A 10 -5.09 -4.95 5.03
C SER A 10 -6.28 -4.28 4.35
N VAL A 11 -6.05 -3.11 3.76
CA VAL A 11 -7.12 -2.38 3.10
C VAL A 11 -7.71 -3.21 1.96
N HIS A 12 -9.03 -3.11 1.81
CA HIS A 12 -9.76 -3.84 0.77
C HIS A 12 -11.00 -3.05 0.35
N ASN A 13 -10.94 -1.73 0.50
CA ASN A 13 -12.09 -0.86 0.19
C ASN A 13 -11.69 0.32 -0.70
N GLU A 14 -12.71 1.14 -1.04
CA GLU A 14 -12.50 2.32 -1.89
C GLU A 14 -12.52 3.60 -1.04
N VAL A 15 -11.38 4.29 -0.97
CA VAL A 15 -11.25 5.53 -0.19
C VAL A 15 -10.73 6.67 -1.08
N GLN A 16 -11.35 7.85 -0.96
CA GLN A 16 -10.93 9.01 -1.75
C GLN A 16 -10.02 9.92 -0.92
N ALA A 17 -9.24 10.76 -1.60
CA ALA A 17 -8.33 11.68 -0.93
C ALA A 17 -7.89 12.79 -1.88
N GLU A 18 -7.40 13.89 -1.33
CA GLU A 18 -6.95 15.02 -2.15
C GLU A 18 -5.54 14.79 -2.65
N ALA A 19 -4.94 15.79 -3.29
CA ALA A 19 -3.56 15.66 -3.79
C ALA A 19 -2.59 15.91 -2.64
N GLY A 20 -1.44 15.25 -2.66
CA GLY A 20 -0.48 15.44 -1.59
C GLY A 20 -1.01 14.85 -0.29
N ALA A 21 -2.13 14.14 -0.40
CA ALA A 21 -2.74 13.53 0.77
C ALA A 21 -1.92 12.35 1.26
N SER A 22 -2.03 12.04 2.54
CA SER A 22 -1.28 10.93 3.13
C SER A 22 -2.11 9.66 3.17
N ALA A 23 -1.90 8.79 2.18
CA ALA A 23 -2.61 7.52 2.12
C ALA A 23 -1.78 6.44 2.81
N MET A 24 -2.45 5.50 3.49
CA MET A 24 -1.74 4.44 4.23
C MET A 24 -2.27 3.04 3.88
N LEU A 25 -1.60 2.39 2.93
CA LEU A 25 -1.96 1.04 2.50
C LEU A 25 -0.86 0.07 2.95
N SER A 26 -1.02 -0.54 4.12
CA SER A 26 0.01 -1.47 4.62
C SER A 26 -0.50 -2.91 4.62
N CYS A 27 0.21 -3.77 3.89
CA CYS A 27 -0.14 -5.18 3.81
C CYS A 27 0.74 -5.97 4.78
N GLU A 28 0.14 -6.45 5.86
CA GLU A 28 0.87 -7.22 6.87
C GLU A 28 0.29 -8.62 7.01
N VAL A 29 1.19 -9.61 7.12
CA VAL A 29 0.76 -11.00 7.27
C VAL A 29 1.13 -11.49 8.66
N ALA A 30 0.13 -11.96 9.40
CA ALA A 30 0.33 -12.45 10.76
C ALA A 30 0.40 -13.97 10.77
N GLN A 31 0.42 -14.57 9.59
CA GLN A 31 0.48 -16.04 9.47
C GLN A 31 1.84 -16.46 8.93
N ALA A 32 1.85 -17.22 7.84
CA ALA A 32 3.09 -17.69 7.25
C ALA A 32 3.74 -16.60 6.39
N GLN A 33 3.99 -15.43 7.02
CA GLN A 33 4.60 -14.26 6.37
C GLN A 33 5.32 -14.62 5.07
N THR A 34 4.55 -14.92 4.03
CA THR A 34 5.11 -15.25 2.72
C THR A 34 5.25 -13.97 1.91
N GLU A 35 6.12 -14.00 0.91
CA GLU A 35 6.33 -12.83 0.07
C GLU A 35 5.10 -12.60 -0.82
N VAL A 36 4.73 -11.34 -1.00
CA VAL A 36 3.56 -10.97 -1.81
C VAL A 36 3.97 -10.16 -3.06
N THR A 37 3.38 -10.51 -4.20
CA THR A 37 3.68 -9.80 -5.44
C THR A 37 2.86 -8.52 -5.49
N TRP A 38 3.48 -7.41 -5.06
CA TRP A 38 2.80 -6.11 -5.02
C TRP A 38 3.09 -5.27 -6.27
N TYR A 39 2.04 -5.04 -7.08
CA TYR A 39 2.16 -4.22 -8.30
C TYR A 39 1.01 -3.22 -8.36
N LYS A 40 1.36 -1.93 -8.54
CA LYS A 40 0.36 -0.86 -8.58
C LYS A 40 0.04 -0.44 -10.01
N ASP A 41 -0.92 0.47 -10.12
CA ASP A 41 -1.33 1.00 -11.41
C ASP A 41 -0.44 2.14 -11.87
N GLY A 42 0.61 1.82 -12.61
CA GLY A 42 1.52 2.85 -13.11
C GLY A 42 2.61 3.20 -12.09
N LYS A 43 2.33 2.98 -10.81
CA LYS A 43 3.33 3.27 -9.78
C LYS A 43 4.25 2.06 -9.60
N LYS A 44 5.50 2.22 -9.97
CA LYS A 44 6.47 1.14 -9.83
C LYS A 44 7.13 1.23 -8.47
N LEU A 45 7.51 0.06 -7.93
CA LEU A 45 8.13 0.04 -6.61
C LEU A 45 9.60 0.45 -6.71
N SER A 46 9.90 1.69 -6.31
CA SER A 46 11.26 2.23 -6.33
C SER A 46 11.71 2.60 -4.92
N SER A 47 13.01 2.51 -4.66
CA SER A 47 13.57 2.85 -3.35
C SER A 47 14.45 4.09 -3.46
N SER A 48 13.83 5.26 -3.45
CA SER A 48 14.57 6.52 -3.57
C SER A 48 13.68 7.71 -3.17
N SER A 49 14.01 8.89 -3.71
CA SER A 49 13.27 10.11 -3.40
C SER A 49 11.92 10.14 -4.14
N LYS A 50 11.61 9.08 -4.88
CA LYS A 50 10.35 9.03 -5.62
C LYS A 50 9.16 8.77 -4.69
N VAL A 51 8.96 7.51 -4.31
CA VAL A 51 7.84 7.13 -3.44
C VAL A 51 8.36 6.76 -2.05
N GLY A 52 7.45 6.71 -1.08
CA GLY A 52 7.85 6.37 0.30
C GLY A 52 7.66 4.88 0.58
N MET A 53 8.54 4.05 0.03
CA MET A 53 8.46 2.60 0.23
C MET A 53 9.39 2.16 1.36
N GLU A 54 8.82 1.40 2.31
CA GLU A 54 9.59 0.90 3.46
C GLU A 54 9.41 -0.62 3.60
N VAL A 55 10.50 -1.30 3.95
CA VAL A 55 10.48 -2.75 4.10
C VAL A 55 10.69 -3.16 5.57
N LYS A 56 9.78 -3.99 6.07
CA LYS A 56 9.86 -4.46 7.46
C LYS A 56 10.19 -5.96 7.48
N GLY A 57 10.75 -6.42 8.58
CA GLY A 57 11.11 -7.83 8.70
C GLY A 57 9.91 -8.74 8.46
N CYS A 58 8.71 -8.24 8.78
CA CYS A 58 7.50 -9.03 8.58
C CYS A 58 7.13 -9.07 7.09
N THR A 59 6.25 -8.16 6.67
CA THR A 59 5.82 -8.09 5.27
C THR A 59 6.31 -6.79 4.63
N ARG A 60 5.48 -6.20 3.77
CA ARG A 60 5.83 -4.95 3.09
C ARG A 60 4.76 -3.89 3.31
N ARG A 61 5.13 -2.62 3.13
CA ARG A 61 4.18 -1.52 3.36
C ARG A 61 4.44 -0.34 2.41
N LEU A 62 3.38 0.12 1.75
CA LEU A 62 3.46 1.26 0.84
C LEU A 62 2.97 2.52 1.56
N VAL A 63 3.91 3.44 1.78
CA VAL A 63 3.59 4.70 2.47
C VAL A 63 3.74 5.86 1.49
N LEU A 64 2.67 6.62 1.29
CA LEU A 64 2.71 7.77 0.37
C LEU A 64 2.28 9.06 1.08
N PRO A 65 3.17 9.70 1.81
CA PRO A 65 2.85 10.96 2.53
C PRO A 65 2.74 12.16 1.58
N GLN A 66 2.13 11.94 0.42
CA GLN A 66 1.95 13.00 -0.56
C GLN A 66 1.12 12.47 -1.72
N ALA A 67 0.24 11.53 -1.42
CA ALA A 67 -0.63 10.92 -2.43
C ALA A 67 -1.10 11.97 -3.41
N GLY A 68 -0.49 11.97 -4.61
CA GLY A 68 -0.85 12.92 -5.67
C GLY A 68 -1.35 12.20 -6.92
N LYS A 69 -1.36 12.91 -8.04
CA LYS A 69 -1.84 12.32 -9.30
C LYS A 69 -1.02 11.10 -9.70
N ALA A 70 0.29 11.17 -9.48
CA ALA A 70 1.18 10.06 -9.83
C ALA A 70 0.82 8.79 -9.05
N ASP A 71 0.21 8.95 -7.89
CA ASP A 71 -0.16 7.80 -7.06
C ASP A 71 -1.62 7.42 -7.27
N ALA A 72 -2.29 8.11 -8.19
CA ALA A 72 -3.70 7.83 -8.47
C ALA A 72 -3.86 6.53 -9.24
N GLY A 73 -4.83 5.71 -8.85
CA GLY A 73 -5.07 4.44 -9.54
C GLY A 73 -5.53 3.35 -8.57
N GLU A 74 -5.59 2.11 -9.08
CA GLU A 74 -6.01 0.97 -8.28
C GLU A 74 -4.82 0.14 -7.81
N TYR A 75 -4.90 -0.37 -6.57
CA TYR A 75 -3.83 -1.16 -5.99
C TYR A 75 -4.22 -2.64 -5.97
N SER A 76 -3.37 -3.48 -6.56
CA SER A 76 -3.63 -4.93 -6.62
C SER A 76 -2.42 -5.74 -6.14
N CYS A 77 -2.51 -6.26 -4.92
CA CYS A 77 -1.42 -7.06 -4.34
C CYS A 77 -1.87 -8.52 -4.19
N GLU A 78 -0.92 -9.46 -4.31
CA GLU A 78 -1.23 -10.89 -4.17
C GLU A 78 -0.51 -11.48 -2.96
N ALA A 79 -1.24 -11.59 -1.86
CA ALA A 79 -0.71 -12.14 -0.61
C ALA A 79 -0.91 -13.66 -0.60
N GLY A 80 -0.36 -14.31 0.42
CA GLY A 80 -0.47 -15.76 0.55
C GLY A 80 -1.93 -16.20 0.66
N GLY A 81 -2.68 -16.08 -0.44
CA GLY A 81 -4.09 -16.46 -0.46
C GLY A 81 -4.97 -15.24 -0.19
N GLN A 82 -4.40 -14.22 0.42
CA GLN A 82 -5.12 -12.99 0.72
C GLN A 82 -4.96 -12.01 -0.44
N ARG A 83 -5.74 -10.94 -0.44
CA ARG A 83 -5.67 -9.95 -1.52
C ARG A 83 -6.00 -8.56 -1.01
N VAL A 84 -5.35 -7.54 -1.61
CA VAL A 84 -5.57 -6.15 -1.23
C VAL A 84 -6.16 -5.36 -2.38
N SER A 85 -7.23 -4.63 -2.08
CA SER A 85 -7.92 -3.78 -3.04
C SER A 85 -8.09 -2.39 -2.45
N PHE A 86 -7.18 -1.47 -2.80
CA PHE A 86 -7.23 -0.10 -2.27
C PHE A 86 -7.19 0.90 -3.41
N HIS A 87 -8.36 1.41 -3.76
CA HIS A 87 -8.47 2.39 -4.84
C HIS A 87 -8.49 3.80 -4.25
N LEU A 88 -7.59 4.65 -4.73
CA LEU A 88 -7.49 6.01 -4.22
C LEU A 88 -7.76 7.03 -5.31
N HIS A 89 -8.80 7.84 -5.10
CA HIS A 89 -9.14 8.89 -6.04
C HIS A 89 -8.40 10.15 -5.60
N ILE A 90 -7.15 10.26 -6.03
CA ILE A 90 -6.29 11.37 -5.65
C ILE A 90 -6.49 12.58 -6.56
N THR A 91 -6.69 13.75 -5.96
CA THR A 91 -6.89 14.97 -6.73
C THR A 91 -5.52 15.56 -7.11
N GLU A 92 -5.50 16.72 -7.78
CA GLU A 92 -4.23 17.33 -8.21
C GLU A 92 -3.87 18.59 -7.39
N PRO A 93 -4.82 19.40 -7.00
CA PRO A 93 -4.53 20.61 -6.17
C PRO A 93 -4.31 20.24 -4.69
N LEU A 94 -3.05 20.25 -4.28
CA LEU A 94 -2.71 19.90 -2.89
C LEU A 94 -3.21 20.96 -1.91
N GLU A 95 -2.74 22.20 -2.07
CA GLU A 95 -3.12 23.29 -1.18
C GLU A 95 -3.25 24.59 -1.95
N MET A 1 0.27 -22.56 18.21
CA MET A 1 -0.99 -21.84 17.86
C MET A 1 -0.90 -20.40 18.35
N LYS A 2 -0.24 -19.56 17.56
CA LYS A 2 -0.06 -18.16 17.94
C LYS A 2 -1.36 -17.38 17.66
N MET A 3 -1.83 -16.66 18.67
CA MET A 3 -3.06 -15.87 18.54
C MET A 3 -2.74 -14.38 18.40
N MET A 4 -1.47 -14.07 18.15
CA MET A 4 -1.05 -12.67 17.99
C MET A 4 -1.35 -12.14 16.61
N PHE A 5 -2.56 -11.62 16.44
CA PHE A 5 -2.99 -11.07 15.15
C PHE A 5 -2.78 -9.56 15.13
N ALA A 6 -2.02 -9.08 14.14
CA ALA A 6 -1.77 -7.65 14.02
C ALA A 6 -3.02 -6.93 13.56
N LYS A 7 -3.06 -5.62 13.79
CA LYS A 7 -4.20 -4.82 13.38
C LYS A 7 -4.44 -5.08 11.90
N GLU A 8 -5.69 -5.30 11.56
CA GLU A 8 -6.05 -5.58 10.20
C GLU A 8 -5.68 -4.42 9.28
N GLN A 9 -4.53 -4.57 8.61
CA GLN A 9 -4.03 -3.54 7.70
C GLN A 9 -4.30 -3.94 6.25
N SER A 10 -5.07 -5.01 6.07
CA SER A 10 -5.41 -5.50 4.74
C SER A 10 -6.62 -4.72 4.20
N VAL A 11 -6.37 -3.54 3.64
CA VAL A 11 -7.44 -2.71 3.12
C VAL A 11 -8.09 -3.33 1.87
N HIS A 12 -9.41 -3.17 1.78
CA HIS A 12 -10.19 -3.69 0.64
C HIS A 12 -11.32 -2.72 0.28
N ASN A 13 -11.11 -1.44 0.55
CA ASN A 13 -12.14 -0.42 0.30
C ASN A 13 -11.64 0.71 -0.62
N GLU A 14 -12.55 1.63 -0.92
CA GLU A 14 -12.26 2.78 -1.79
C GLU A 14 -12.38 4.09 -1.01
N VAL A 15 -11.38 4.97 -1.14
CA VAL A 15 -11.41 6.27 -0.45
C VAL A 15 -11.09 7.39 -1.43
N GLN A 16 -11.43 8.63 -1.05
CA GLN A 16 -11.15 9.79 -1.89
C GLN A 16 -10.30 10.77 -1.11
N ALA A 17 -9.03 10.86 -1.49
CA ALA A 17 -8.09 11.76 -0.81
C ALA A 17 -7.84 12.99 -1.70
N GLU A 18 -6.94 13.85 -1.24
CA GLU A 18 -6.60 15.08 -1.97
C GLU A 18 -5.25 14.91 -2.68
N ALA A 19 -4.72 16.00 -3.22
CA ALA A 19 -3.42 15.95 -3.90
C ALA A 19 -2.31 16.05 -2.84
N GLY A 20 -1.23 15.29 -3.00
CA GLY A 20 -0.16 15.36 -2.02
C GLY A 20 -0.65 14.82 -0.67
N ALA A 21 -1.75 14.07 -0.71
CA ALA A 21 -2.34 13.51 0.50
C ALA A 21 -1.55 12.29 0.95
N SER A 22 -1.71 11.91 2.22
CA SER A 22 -1.00 10.76 2.77
C SER A 22 -1.90 9.54 2.89
N ALA A 23 -1.73 8.58 1.98
CA ALA A 23 -2.51 7.35 2.03
C ALA A 23 -1.69 6.33 2.81
N MET A 24 -2.34 5.55 3.67
CA MET A 24 -1.62 4.58 4.51
C MET A 24 -2.09 3.13 4.34
N LEU A 25 -1.48 2.42 3.40
CA LEU A 25 -1.80 1.01 3.16
C LEU A 25 -0.65 0.14 3.64
N SER A 26 -0.97 -1.03 4.15
CA SER A 26 0.08 -1.94 4.64
C SER A 26 -0.39 -3.38 4.64
N CYS A 27 0.45 -4.27 4.12
CA CYS A 27 0.13 -5.69 4.09
C CYS A 27 0.82 -6.36 5.26
N GLU A 28 0.04 -6.78 6.25
CA GLU A 28 0.58 -7.42 7.45
C GLU A 28 0.11 -8.87 7.57
N VAL A 29 1.06 -9.80 7.65
CA VAL A 29 0.73 -11.22 7.80
C VAL A 29 1.21 -11.67 9.18
N ALA A 30 0.30 -12.24 9.97
CA ALA A 30 0.63 -12.69 11.33
C ALA A 30 0.81 -14.20 11.40
N GLN A 31 0.85 -14.86 10.25
CA GLN A 31 1.01 -16.31 10.20
C GLN A 31 2.38 -16.67 9.61
N ALA A 32 2.37 -17.44 8.54
CA ALA A 32 3.60 -17.85 7.87
C ALA A 32 4.08 -16.74 6.93
N GLN A 33 4.26 -15.54 7.50
CA GLN A 33 4.69 -14.35 6.73
C GLN A 33 5.29 -14.70 5.37
N THR A 34 4.42 -14.98 4.42
CA THR A 34 4.86 -15.32 3.06
C THR A 34 5.09 -14.05 2.25
N GLU A 35 6.10 -14.06 1.41
CA GLU A 35 6.40 -12.90 0.59
C GLU A 35 5.29 -12.70 -0.45
N VAL A 36 4.81 -11.47 -0.55
CA VAL A 36 3.72 -11.14 -1.47
C VAL A 36 4.24 -10.28 -2.61
N THR A 37 3.61 -10.43 -3.77
CA THR A 37 3.97 -9.66 -4.96
C THR A 37 2.94 -8.56 -5.16
N TRP A 38 3.36 -7.30 -4.95
CA TRP A 38 2.45 -6.16 -5.06
C TRP A 38 2.97 -5.10 -6.03
N TYR A 39 2.05 -4.61 -6.85
CA TYR A 39 2.33 -3.57 -7.81
C TYR A 39 1.15 -2.60 -7.83
N LYS A 40 1.46 -1.31 -7.69
CA LYS A 40 0.43 -0.29 -7.68
C LYS A 40 0.35 0.41 -9.02
N ASP A 41 -0.80 0.97 -9.33
CA ASP A 41 -0.98 1.65 -10.60
C ASP A 41 -0.38 3.05 -10.56
N GLY A 42 0.74 3.25 -11.24
CA GLY A 42 1.41 4.54 -11.30
C GLY A 42 2.64 4.62 -10.40
N LYS A 43 2.61 3.94 -9.25
CA LYS A 43 3.75 3.96 -8.34
C LYS A 43 4.67 2.76 -8.62
N LYS A 44 5.91 3.06 -8.99
CA LYS A 44 6.90 2.02 -9.26
C LYS A 44 7.80 1.83 -8.05
N LEU A 45 7.90 0.60 -7.56
CA LEU A 45 8.74 0.34 -6.39
C LEU A 45 10.21 0.58 -6.71
N SER A 46 10.72 1.70 -6.21
CA SER A 46 12.12 2.07 -6.40
C SER A 46 12.81 2.13 -5.04
N SER A 47 13.86 2.92 -4.95
CA SER A 47 14.58 3.06 -3.69
C SER A 47 13.73 3.81 -2.66
N SER A 48 13.71 5.13 -2.79
CA SER A 48 12.93 5.98 -1.89
C SER A 48 12.87 7.40 -2.39
N SER A 49 13.60 7.68 -3.46
CA SER A 49 13.64 9.01 -4.03
C SER A 49 12.24 9.46 -4.49
N LYS A 50 11.50 8.56 -5.14
CA LYS A 50 10.17 8.90 -5.61
C LYS A 50 9.16 8.83 -4.46
N VAL A 51 8.45 7.71 -4.35
CA VAL A 51 7.44 7.53 -3.30
C VAL A 51 8.06 6.87 -2.07
N GLY A 52 7.28 6.77 -1.00
CA GLY A 52 7.77 6.17 0.24
C GLY A 52 7.49 4.67 0.29
N MET A 53 8.38 3.87 -0.31
CA MET A 53 8.23 2.41 -0.32
C MET A 53 9.09 1.81 0.79
N GLU A 54 8.45 1.28 1.83
CA GLU A 54 9.17 0.70 2.96
C GLU A 54 8.93 -0.80 3.04
N VAL A 55 10.02 -1.58 3.00
CA VAL A 55 9.93 -3.04 3.08
C VAL A 55 10.51 -3.52 4.39
N LYS A 56 9.75 -4.34 5.12
CA LYS A 56 10.19 -4.86 6.41
C LYS A 56 10.57 -6.33 6.28
N GLY A 57 11.25 -6.86 7.29
CA GLY A 57 11.69 -8.25 7.27
C GLY A 57 10.51 -9.22 7.20
N CYS A 58 9.42 -8.88 7.89
CA CYS A 58 8.24 -9.74 7.88
C CYS A 58 7.52 -9.69 6.54
N THR A 59 6.66 -8.69 6.36
CA THR A 59 5.89 -8.53 5.12
C THR A 59 6.31 -7.26 4.39
N ARG A 60 5.33 -6.56 3.80
CA ARG A 60 5.63 -5.32 3.05
C ARG A 60 4.68 -4.20 3.46
N ARG A 61 5.08 -2.94 3.19
CA ARG A 61 4.26 -1.78 3.54
C ARG A 61 4.23 -0.76 2.40
N LEU A 62 3.01 -0.30 2.06
CA LEU A 62 2.79 0.66 0.99
C LEU A 62 2.40 2.02 1.58
N VAL A 63 3.32 3.00 1.54
CA VAL A 63 3.04 4.33 2.08
C VAL A 63 3.37 5.42 1.06
N LEU A 64 2.38 6.30 0.81
CA LEU A 64 2.55 7.41 -0.13
C LEU A 64 2.25 8.76 0.57
N PRO A 65 3.21 9.34 1.24
CA PRO A 65 3.01 10.63 1.96
C PRO A 65 2.86 11.82 1.01
N GLN A 66 2.24 11.62 -0.16
CA GLN A 66 2.05 12.70 -1.11
C GLN A 66 1.17 12.26 -2.28
N ALA A 67 0.21 11.36 -1.99
CA ALA A 67 -0.69 10.83 -3.02
C ALA A 67 -0.97 11.86 -4.12
N GLY A 68 -0.28 11.70 -5.26
CA GLY A 68 -0.41 12.60 -6.41
C GLY A 68 -0.89 11.85 -7.67
N LYS A 69 -0.68 12.45 -8.84
CA LYS A 69 -1.10 11.82 -10.09
C LYS A 69 -0.45 10.47 -10.29
N ALA A 70 0.84 10.37 -9.99
CA ALA A 70 1.55 9.11 -10.17
C ALA A 70 1.10 8.10 -9.12
N ASP A 71 0.40 8.59 -8.09
CA ASP A 71 -0.09 7.73 -7.02
C ASP A 71 -1.58 7.47 -7.19
N ALA A 72 -2.19 8.13 -8.17
CA ALA A 72 -3.62 7.97 -8.42
C ALA A 72 -3.88 6.72 -9.25
N GLY A 73 -4.82 5.89 -8.81
CA GLY A 73 -5.16 4.68 -9.56
C GLY A 73 -5.54 3.52 -8.64
N GLU A 74 -5.57 2.32 -9.21
CA GLU A 74 -5.95 1.11 -8.46
C GLU A 74 -4.72 0.37 -7.93
N TYR A 75 -4.86 -0.15 -6.71
CA TYR A 75 -3.81 -0.92 -6.05
C TYR A 75 -4.18 -2.39 -5.98
N SER A 76 -3.32 -3.26 -6.52
CA SER A 76 -3.57 -4.70 -6.51
C SER A 76 -2.39 -5.46 -5.90
N CYS A 77 -2.66 -6.20 -4.83
CA CYS A 77 -1.62 -6.99 -4.16
C CYS A 77 -2.09 -8.42 -3.99
N GLU A 78 -1.28 -9.37 -4.46
CA GLU A 78 -1.63 -10.79 -4.37
C GLU A 78 -0.76 -11.49 -3.33
N ALA A 79 -1.34 -11.73 -2.16
CA ALA A 79 -0.65 -12.40 -1.07
C ALA A 79 -0.98 -13.89 -1.08
N GLY A 80 -0.09 -14.70 -0.54
CA GLY A 80 -0.29 -16.15 -0.51
C GLY A 80 -1.38 -16.55 0.49
N GLY A 81 -2.52 -15.86 0.44
CA GLY A 81 -3.63 -16.20 1.36
C GLY A 81 -4.54 -14.99 1.61
N GLN A 82 -4.06 -13.79 1.26
CA GLN A 82 -4.85 -12.57 1.47
C GLN A 82 -4.81 -11.68 0.23
N ARG A 83 -5.80 -10.80 0.12
CA ARG A 83 -5.89 -9.87 -1.00
C ARG A 83 -6.20 -8.47 -0.49
N VAL A 84 -5.44 -7.47 -0.95
CA VAL A 84 -5.67 -6.09 -0.52
C VAL A 84 -6.01 -5.23 -1.73
N SER A 85 -7.17 -4.57 -1.68
CA SER A 85 -7.64 -3.71 -2.76
C SER A 85 -7.87 -2.29 -2.26
N PHE A 86 -6.99 -1.37 -2.67
CA PHE A 86 -7.09 0.03 -2.26
C PHE A 86 -7.17 0.96 -3.47
N HIS A 87 -8.39 1.39 -3.81
CA HIS A 87 -8.60 2.30 -4.95
C HIS A 87 -8.80 3.72 -4.45
N LEU A 88 -8.01 4.66 -4.96
CA LEU A 88 -8.09 6.06 -4.52
C LEU A 88 -8.18 7.05 -5.67
N HIS A 89 -9.15 7.96 -5.58
CA HIS A 89 -9.30 9.03 -6.55
C HIS A 89 -8.85 10.29 -5.84
N ILE A 90 -7.65 10.76 -6.17
CA ILE A 90 -7.10 11.94 -5.52
C ILE A 90 -7.12 13.15 -6.44
N THR A 91 -7.04 14.32 -5.82
CA THR A 91 -7.08 15.58 -6.56
C THR A 91 -5.70 15.88 -7.14
N GLU A 92 -5.67 16.49 -8.33
CA GLU A 92 -4.41 16.83 -8.99
C GLU A 92 -4.17 18.34 -9.22
N PRO A 93 -4.86 19.24 -8.55
CA PRO A 93 -4.59 20.70 -8.73
C PRO A 93 -3.13 21.04 -8.41
N LEU A 94 -2.48 20.20 -7.60
CA LEU A 94 -1.10 20.46 -7.24
C LEU A 94 -0.17 20.25 -8.44
N GLU A 95 0.73 21.20 -8.66
CA GLU A 95 1.67 21.11 -9.79
C GLU A 95 3.09 21.46 -9.34
N MET A 1 4.91 -21.88 14.91
CA MET A 1 3.81 -21.09 14.28
C MET A 1 3.10 -20.24 15.35
N LYS A 2 3.43 -18.94 15.37
CA LYS A 2 2.83 -18.00 16.32
C LYS A 2 1.44 -17.59 15.83
N MET A 3 0.46 -17.62 16.74
CA MET A 3 -0.92 -17.25 16.41
C MET A 3 -1.19 -15.80 16.80
N MET A 4 -0.13 -15.02 16.84
CA MET A 4 -0.25 -13.61 17.18
C MET A 4 -0.65 -12.81 15.95
N PHE A 5 -1.91 -12.33 15.93
CA PHE A 5 -2.41 -11.57 14.79
C PHE A 5 -2.18 -10.06 14.97
N ALA A 6 -1.48 -9.46 14.01
CA ALA A 6 -1.22 -8.03 14.05
C ALA A 6 -2.50 -7.26 13.72
N LYS A 7 -2.59 -6.02 14.21
CA LYS A 7 -3.76 -5.19 13.96
C LYS A 7 -4.07 -5.20 12.47
N GLU A 8 -5.32 -5.47 12.12
CA GLU A 8 -5.70 -5.53 10.71
C GLU A 8 -5.46 -4.21 9.99
N GLN A 9 -4.33 -4.13 9.28
CA GLN A 9 -3.95 -2.94 8.54
C GLN A 9 -4.06 -3.17 7.03
N SER A 10 -4.62 -4.33 6.66
CA SER A 10 -4.79 -4.69 5.25
C SER A 10 -6.28 -4.60 4.89
N VAL A 11 -6.79 -3.37 4.82
CA VAL A 11 -8.21 -3.12 4.52
C VAL A 11 -8.48 -3.05 3.01
N HIS A 12 -9.74 -3.36 2.67
CA HIS A 12 -10.23 -3.32 1.28
C HIS A 12 -11.47 -2.43 1.23
N ASN A 13 -11.39 -1.33 0.50
CA ASN A 13 -12.53 -0.43 0.40
C ASN A 13 -12.27 0.69 -0.60
N GLU A 14 -13.29 1.51 -0.85
CA GLU A 14 -13.18 2.64 -1.77
C GLU A 14 -13.05 3.94 -0.96
N VAL A 15 -11.88 4.59 -1.06
CA VAL A 15 -11.62 5.84 -0.34
C VAL A 15 -11.21 6.96 -1.30
N GLN A 16 -11.28 8.20 -0.81
CA GLN A 16 -10.93 9.37 -1.61
C GLN A 16 -9.96 10.27 -0.85
N ALA A 17 -9.27 11.15 -1.57
CA ALA A 17 -8.33 12.06 -0.95
C ALA A 17 -7.98 13.20 -1.93
N GLU A 18 -7.03 14.04 -1.54
CA GLU A 18 -6.62 15.18 -2.39
C GLU A 18 -5.30 14.93 -3.09
N ALA A 19 -4.76 15.98 -3.72
CA ALA A 19 -3.46 15.89 -4.40
C ALA A 19 -2.35 16.11 -3.37
N GLY A 20 -1.33 15.26 -3.35
CA GLY A 20 -0.26 15.44 -2.38
C GLY A 20 -0.74 14.97 -1.01
N ALA A 21 -1.80 14.18 -1.03
CA ALA A 21 -2.39 13.66 0.20
C ALA A 21 -1.59 12.48 0.75
N SER A 22 -1.78 12.22 2.04
CA SER A 22 -1.08 11.11 2.72
C SER A 22 -1.97 9.86 2.74
N ALA A 23 -1.62 8.87 1.93
CA ALA A 23 -2.39 7.63 1.87
C ALA A 23 -1.64 6.52 2.57
N MET A 24 -2.38 5.63 3.22
CA MET A 24 -1.76 4.52 3.95
C MET A 24 -2.40 3.19 3.59
N LEU A 25 -1.57 2.29 3.03
CA LEU A 25 -2.02 0.94 2.65
C LEU A 25 -0.92 -0.04 3.04
N SER A 26 -0.96 -0.56 4.28
CA SER A 26 0.06 -1.49 4.76
C SER A 26 -0.47 -2.91 4.86
N CYS A 27 0.36 -3.88 4.44
CA CYS A 27 -0.03 -5.29 4.50
C CYS A 27 0.97 -6.09 5.33
N GLU A 28 0.49 -6.63 6.44
CA GLU A 28 1.31 -7.45 7.32
C GLU A 28 0.73 -8.87 7.38
N VAL A 29 1.59 -9.86 7.23
CA VAL A 29 1.15 -11.25 7.26
C VAL A 29 1.50 -11.86 8.61
N ALA A 30 0.48 -12.31 9.33
CA ALA A 30 0.66 -12.89 10.66
C ALA A 30 0.62 -14.42 10.62
N GLN A 31 0.51 -14.99 9.42
CA GLN A 31 0.47 -16.44 9.25
C GLN A 31 1.80 -16.98 8.70
N ALA A 32 1.76 -17.56 7.50
CA ALA A 32 2.96 -18.11 6.86
C ALA A 32 3.68 -17.05 6.05
N GLN A 33 4.04 -15.94 6.72
CA GLN A 33 4.73 -14.81 6.08
C GLN A 33 5.37 -15.17 4.74
N THR A 34 4.53 -15.29 3.72
CA THR A 34 5.00 -15.61 2.37
C THR A 34 5.23 -14.33 1.59
N GLU A 35 6.20 -14.36 0.68
CA GLU A 35 6.51 -13.18 -0.12
C GLU A 35 5.40 -12.93 -1.14
N VAL A 36 4.91 -11.70 -1.16
CA VAL A 36 3.84 -11.31 -2.06
C VAL A 36 4.34 -10.32 -3.10
N THR A 37 3.59 -10.18 -4.19
CA THR A 37 3.96 -9.24 -5.25
C THR A 37 3.34 -7.87 -4.99
N TRP A 38 4.18 -6.83 -4.93
CA TRP A 38 3.67 -5.47 -4.69
C TRP A 38 3.71 -4.67 -5.98
N TYR A 39 2.60 -4.02 -6.28
CA TYR A 39 2.52 -3.20 -7.49
C TYR A 39 1.24 -2.39 -7.51
N LYS A 40 1.38 -1.08 -7.73
CA LYS A 40 0.21 -0.18 -7.80
C LYS A 40 -0.02 0.16 -9.28
N ASP A 41 -1.19 0.71 -9.58
CA ASP A 41 -1.52 1.06 -10.95
C ASP A 41 -0.79 2.31 -11.42
N GLY A 42 0.38 2.11 -12.04
CA GLY A 42 1.18 3.23 -12.55
C GLY A 42 2.37 3.55 -11.66
N LYS A 43 2.45 2.89 -10.51
CA LYS A 43 3.56 3.13 -9.56
C LYS A 43 4.64 2.07 -9.67
N LYS A 44 5.85 2.51 -9.98
CA LYS A 44 7.00 1.61 -10.07
C LYS A 44 7.88 1.79 -8.83
N LEU A 45 8.15 0.70 -8.12
CA LEU A 45 8.98 0.79 -6.91
C LEU A 45 10.43 1.13 -7.26
N SER A 46 10.98 2.11 -6.55
CA SER A 46 12.35 2.56 -6.76
C SER A 46 13.22 2.23 -5.56
N SER A 47 14.30 2.98 -5.42
CA SER A 47 15.21 2.79 -4.32
C SER A 47 14.53 3.10 -2.99
N SER A 48 13.83 4.25 -2.95
CA SER A 48 13.12 4.67 -1.73
C SER A 48 12.92 6.18 -1.72
N SER A 49 13.69 6.92 -2.51
CA SER A 49 13.57 8.39 -2.52
C SER A 49 12.41 8.86 -3.39
N LYS A 50 11.98 8.02 -4.32
CA LYS A 50 10.88 8.38 -5.21
C LYS A 50 9.54 8.27 -4.50
N VAL A 51 9.26 7.09 -3.95
CA VAL A 51 8.01 6.85 -3.23
C VAL A 51 8.32 6.45 -1.78
N GLY A 52 7.32 6.52 -0.89
CA GLY A 52 7.57 6.16 0.50
C GLY A 52 7.41 4.66 0.70
N MET A 53 8.37 3.89 0.19
CA MET A 53 8.33 2.43 0.32
C MET A 53 9.19 2.00 1.50
N GLU A 54 8.52 1.55 2.57
CA GLU A 54 9.23 1.12 3.77
C GLU A 54 9.14 -0.40 3.89
N VAL A 55 10.19 -1.00 4.46
CA VAL A 55 10.24 -2.47 4.62
C VAL A 55 10.17 -2.86 6.10
N LYS A 56 9.37 -3.89 6.38
CA LYS A 56 9.18 -4.38 7.74
C LYS A 56 9.85 -5.74 7.92
N GLY A 57 10.11 -6.12 9.17
CA GLY A 57 10.76 -7.40 9.46
C GLY A 57 9.91 -8.57 8.97
N CYS A 58 8.61 -8.48 9.15
CA CYS A 58 7.72 -9.55 8.71
C CYS A 58 7.43 -9.44 7.20
N THR A 59 6.48 -8.56 6.85
CA THR A 59 6.09 -8.35 5.45
C THR A 59 6.53 -6.97 4.94
N ARG A 60 5.67 -6.32 4.14
CA ARG A 60 6.01 -5.00 3.58
C ARG A 60 4.81 -4.06 3.65
N ARG A 61 5.09 -2.75 3.63
CA ARG A 61 4.04 -1.75 3.67
C ARG A 61 4.37 -0.58 2.74
N LEU A 62 3.47 -0.32 1.77
CA LEU A 62 3.66 0.77 0.82
C LEU A 62 2.82 1.96 1.25
N VAL A 63 3.48 3.12 1.38
CA VAL A 63 2.81 4.34 1.81
C VAL A 63 3.28 5.51 0.97
N LEU A 64 2.31 6.30 0.51
CA LEU A 64 2.60 7.46 -0.33
C LEU A 64 2.23 8.74 0.46
N PRO A 65 3.13 9.29 1.25
CA PRO A 65 2.84 10.52 2.04
C PRO A 65 2.50 11.73 1.17
N GLN A 66 2.00 11.49 -0.04
CA GLN A 66 1.63 12.60 -0.92
C GLN A 66 0.88 12.07 -2.17
N ALA A 67 0.09 11.01 -1.97
CA ALA A 67 -0.69 10.41 -3.07
C ALA A 67 -1.14 11.48 -4.07
N GLY A 68 -0.46 11.53 -5.24
CA GLY A 68 -0.77 12.52 -6.28
C GLY A 68 -1.34 11.87 -7.55
N LYS A 69 -1.35 12.62 -8.65
CA LYS A 69 -1.87 12.10 -9.92
C LYS A 69 -1.15 10.82 -10.29
N ALA A 70 0.16 10.86 -10.16
CA ALA A 70 0.97 9.71 -10.49
C ALA A 70 0.59 8.52 -9.59
N ASP A 71 0.07 8.83 -8.39
CA ASP A 71 -0.31 7.78 -7.43
C ASP A 71 -1.79 7.45 -7.51
N ALA A 72 -2.53 8.17 -8.35
CA ALA A 72 -3.97 7.94 -8.49
C ALA A 72 -4.23 6.59 -9.16
N GLY A 73 -5.24 5.85 -8.66
CA GLY A 73 -5.57 4.54 -9.22
C GLY A 73 -5.82 3.51 -8.12
N GLU A 74 -5.81 2.23 -8.50
CA GLU A 74 -6.04 1.13 -7.55
C GLU A 74 -4.74 0.47 -7.13
N TYR A 75 -4.70 -0.03 -5.89
CA TYR A 75 -3.53 -0.72 -5.37
C TYR A 75 -3.83 -2.21 -5.31
N SER A 76 -3.02 -3.00 -6.02
CA SER A 76 -3.19 -4.45 -6.06
C SER A 76 -2.02 -5.19 -5.42
N CYS A 77 -2.35 -6.15 -4.56
CA CYS A 77 -1.35 -6.97 -3.86
C CYS A 77 -1.76 -8.44 -3.94
N GLU A 78 -0.85 -9.31 -4.40
CA GLU A 78 -1.15 -10.75 -4.52
C GLU A 78 -0.46 -11.52 -3.39
N ALA A 79 -1.20 -11.75 -2.32
CA ALA A 79 -0.69 -12.48 -1.17
C ALA A 79 -1.20 -13.92 -1.17
N GLY A 80 -0.68 -14.74 -0.27
CA GLY A 80 -1.08 -16.15 -0.19
C GLY A 80 -2.56 -16.34 0.15
N GLY A 81 -3.43 -16.29 -0.86
CA GLY A 81 -4.86 -16.50 -0.65
C GLY A 81 -5.58 -15.19 -0.29
N GLN A 82 -4.81 -14.18 0.12
CA GLN A 82 -5.36 -12.88 0.50
C GLN A 82 -5.03 -11.83 -0.57
N ARG A 83 -5.88 -10.82 -0.70
CA ARG A 83 -5.68 -9.75 -1.68
C ARG A 83 -6.06 -8.42 -1.08
N VAL A 84 -5.26 -7.38 -1.32
CA VAL A 84 -5.56 -6.04 -0.80
C VAL A 84 -5.94 -5.12 -1.94
N SER A 85 -7.06 -4.41 -1.78
CA SER A 85 -7.55 -3.48 -2.81
C SER A 85 -7.92 -2.14 -2.18
N PHE A 86 -7.12 -1.11 -2.47
CA PHE A 86 -7.36 0.23 -1.92
C PHE A 86 -7.41 1.25 -3.05
N HIS A 87 -8.63 1.63 -3.43
CA HIS A 87 -8.82 2.59 -4.51
C HIS A 87 -8.76 4.00 -3.96
N LEU A 88 -7.94 4.86 -4.56
CA LEU A 88 -7.82 6.24 -4.11
C LEU A 88 -8.03 7.24 -5.25
N HIS A 89 -9.25 7.75 -5.35
CA HIS A 89 -9.54 8.77 -6.37
C HIS A 89 -9.10 10.11 -5.82
N ILE A 90 -7.87 10.50 -6.14
CA ILE A 90 -7.29 11.75 -5.62
C ILE A 90 -7.24 12.84 -6.68
N THR A 91 -7.10 14.07 -6.22
CA THR A 91 -7.04 15.22 -7.13
C THR A 91 -5.61 15.36 -7.66
N GLU A 92 -5.41 16.17 -8.70
CA GLU A 92 -4.07 16.34 -9.30
C GLU A 92 -3.40 17.71 -9.04
N PRO A 93 -4.09 18.74 -8.55
CA PRO A 93 -3.43 20.05 -8.29
C PRO A 93 -2.43 19.94 -7.14
N LEU A 94 -1.40 19.14 -7.34
CA LEU A 94 -0.37 18.95 -6.32
C LEU A 94 0.34 20.26 -6.03
N GLU A 95 0.58 21.06 -7.08
CA GLU A 95 1.27 22.35 -6.94
C GLU A 95 0.97 23.00 -5.58
#